data_8C1Z
#
_entry.id   8C1Z
#
_entity_poly.entity_id   1
_entity_poly.type   'polypeptide(L)'
_entity_poly.pdbx_seq_one_letter_code
;MWSHPQFEKGGGSGGGSGGGSWSHPQFEKGGGSGGGSGGGSWSHPQFEKGGGSGGGSGGGSWSHPQFEKENLYFQGATQA
RDTTQPALLRLSDHLLANYKKGVRPVRDWRKPTTVSIDVIMYAILNVDEKNQVLTTYIWYRQYWTDEFLQWTPEDFDNVT
KLSIPTDSIWVPDILINEFVDVGKSPNIPYVYVHHRGEVQNYKPLQLVTACSLDIYNFPFDVQNCSLTFTSWLHTIQDIN
ITLWRSPEEVRSDKSIFINQGEWELLEVFPQFKEFSIDISNSYAEMKFYVIIRRRPLFYAVSLLLPSIFLMVVDIVGFCL
PPDSGERVSFKITLLLGYSVFLIIVSDTLPATAIGTPLIGVYFVVCMALLVISLAETIFIVRLVHKQDLQRPVPDWLRHL
VLDRIAWILCLGEQPMAHRPPATFQANKTDDCSGSDLLPAMGNHCSHVGGPQDLEKTPRGRGSPLPPPREASLAVRGLLQ
ELSSIRHFLEKRDEMREVARDWLRVGYVLDRLLFRIYLLAVLAYSITLVTLWSIWHSS
;
_entity_poly.pdbx_strand_id   A,B,C,D
#
# COMPACT_ATOMS: atom_id res chain seq x y z
N THR A 84 -6.08 -54.73 -14.26
CA THR A 84 -7.04 -55.88 -14.21
C THR A 84 -7.22 -56.37 -12.78
N GLN A 85 -6.14 -56.88 -12.20
CA GLN A 85 -6.20 -57.37 -10.82
C GLN A 85 -6.60 -56.28 -9.83
N PRO A 86 -6.04 -55.06 -9.90
CA PRO A 86 -6.47 -54.00 -8.96
C PRO A 86 -7.96 -53.75 -9.08
N ALA A 87 -8.69 -54.04 -7.99
CA ALA A 87 -10.15 -53.95 -8.03
C ALA A 87 -10.62 -52.54 -8.38
N LEU A 88 -10.04 -51.53 -7.73
CA LEU A 88 -10.50 -50.16 -7.99
C LEU A 88 -10.12 -49.69 -9.39
N LEU A 89 -8.98 -50.12 -9.91
CA LEU A 89 -8.62 -49.79 -11.28
C LEU A 89 -9.64 -50.36 -12.26
N ARG A 90 -9.99 -51.64 -12.07
CA ARG A 90 -10.98 -52.26 -12.94
C ARG A 90 -12.32 -51.56 -12.81
N LEU A 91 -12.70 -51.18 -11.59
CA LEU A 91 -13.97 -50.50 -11.38
C LEU A 91 -13.98 -49.16 -12.12
N SER A 92 -12.91 -48.39 -11.98
CA SER A 92 -12.84 -47.09 -12.65
C SER A 92 -12.89 -47.26 -14.17
N ASP A 93 -12.15 -48.23 -14.70
CA ASP A 93 -12.18 -48.46 -16.13
C ASP A 93 -13.58 -48.85 -16.60
N HIS A 94 -14.25 -49.72 -15.84
CA HIS A 94 -15.61 -50.12 -16.20
C HIS A 94 -16.54 -48.92 -16.22
N LEU A 95 -16.48 -48.07 -15.18
CA LEU A 95 -17.39 -46.93 -15.13
C LEU A 95 -17.10 -45.94 -16.23
N LEU A 96 -15.83 -45.68 -16.53
CA LEU A 96 -15.49 -44.65 -17.50
C LEU A 96 -15.49 -45.15 -18.95
N ALA A 97 -15.59 -46.47 -19.18
CA ALA A 97 -15.59 -46.96 -20.54
C ALA A 97 -16.79 -46.43 -21.33
N ASN A 98 -17.98 -46.44 -20.73
CA ASN A 98 -19.19 -46.02 -21.41
C ASN A 98 -19.63 -44.61 -21.04
N TYR A 99 -19.08 -44.04 -19.97
CA TYR A 99 -19.54 -42.73 -19.50
C TYR A 99 -19.33 -41.68 -20.59
N LYS A 100 -20.32 -40.79 -20.72
CA LYS A 100 -20.25 -39.65 -21.62
C LYS A 100 -20.41 -38.37 -20.79
N LYS A 101 -19.46 -37.45 -20.94
CA LYS A 101 -19.48 -36.22 -20.18
C LYS A 101 -20.35 -35.13 -20.80
N GLY A 102 -20.82 -35.33 -22.02
CA GLY A 102 -21.63 -34.35 -22.71
C GLY A 102 -23.13 -34.47 -22.52
N VAL A 103 -23.58 -35.44 -21.73
CA VAL A 103 -25.01 -35.66 -21.53
C VAL A 103 -25.28 -35.80 -20.04
N ARG A 104 -26.50 -35.46 -19.64
CA ARG A 104 -26.89 -35.58 -18.25
C ARG A 104 -26.89 -37.04 -17.83
N PRO A 105 -26.34 -37.37 -16.65
CA PRO A 105 -26.34 -38.77 -16.21
C PRO A 105 -27.71 -39.21 -15.68
N VAL A 106 -28.67 -39.31 -16.58
CA VAL A 106 -30.02 -39.77 -16.28
C VAL A 106 -30.34 -40.94 -17.20
N ARG A 107 -30.81 -42.04 -16.62
CA ARG A 107 -31.13 -43.21 -17.42
C ARG A 107 -32.22 -42.90 -18.44
N ASP A 108 -33.24 -42.16 -18.03
CA ASP A 108 -34.35 -41.80 -18.89
C ASP A 108 -34.45 -40.28 -18.98
N TRP A 109 -34.52 -39.76 -20.20
CA TRP A 109 -34.67 -38.33 -20.41
C TRP A 109 -35.99 -37.85 -19.80
N ARG A 110 -36.14 -36.53 -19.72
CA ARG A 110 -37.37 -35.90 -19.25
C ARG A 110 -37.58 -36.16 -17.76
N LYS A 111 -36.55 -35.87 -16.96
CA LYS A 111 -36.67 -35.91 -15.50
C LYS A 111 -35.60 -35.01 -14.92
N PRO A 112 -35.93 -34.14 -13.95
CA PRO A 112 -34.92 -33.25 -13.40
C PRO A 112 -33.93 -33.99 -12.52
N THR A 113 -32.75 -33.38 -12.36
CA THR A 113 -31.71 -33.89 -11.49
C THR A 113 -31.50 -32.89 -10.35
N THR A 114 -31.49 -33.39 -9.13
CA THR A 114 -31.38 -32.54 -7.95
C THR A 114 -29.92 -32.34 -7.61
N VAL A 115 -29.45 -31.08 -7.72
CA VAL A 115 -28.07 -30.74 -7.39
C VAL A 115 -28.06 -30.02 -6.05
N SER A 116 -27.85 -30.77 -4.97
CA SER A 116 -27.79 -30.17 -3.65
C SER A 116 -26.53 -29.32 -3.52
N ILE A 117 -26.64 -28.20 -2.82
CA ILE A 117 -25.57 -27.23 -2.69
C ILE A 117 -25.34 -26.95 -1.22
N ASP A 118 -24.10 -26.63 -0.87
CA ASP A 118 -23.75 -26.22 0.48
C ASP A 118 -22.65 -25.18 0.42
N VAL A 119 -22.75 -24.15 1.26
CA VAL A 119 -21.77 -23.07 1.30
C VAL A 119 -21.38 -22.83 2.74
N ILE A 120 -20.11 -23.01 3.05
CA ILE A 120 -19.53 -22.66 4.34
C ILE A 120 -18.61 -21.48 4.12
N MET A 121 -18.76 -20.45 4.94
CA MET A 121 -18.10 -19.17 4.72
C MET A 121 -16.81 -19.11 5.52
N TYR A 122 -15.70 -18.97 4.83
CA TYR A 122 -14.41 -18.71 5.44
C TYR A 122 -14.21 -17.18 5.50
N ALA A 123 -12.99 -16.74 5.79
CA ALA A 123 -12.73 -15.32 5.98
C ALA A 123 -13.30 -14.49 4.83
N ILE A 124 -13.65 -13.23 5.15
CA ILE A 124 -14.07 -12.24 4.17
C ILE A 124 -12.84 -11.40 3.86
N LEU A 125 -12.16 -11.72 2.76
CA LEU A 125 -10.84 -11.16 2.52
C LEU A 125 -10.90 -9.63 2.36
N ASN A 126 -11.86 -9.12 1.60
CA ASN A 126 -11.83 -7.69 1.29
C ASN A 126 -13.22 -7.20 0.92
N VAL A 127 -13.44 -5.90 1.13
CA VAL A 127 -14.66 -5.23 0.69
C VAL A 127 -14.27 -3.91 0.04
N ASP A 128 -14.16 -3.89 -1.29
CA ASP A 128 -13.77 -2.69 -2.01
C ASP A 128 -15.03 -1.90 -2.35
N GLU A 129 -15.23 -0.77 -1.65
CA GLU A 129 -16.40 0.06 -1.86
C GLU A 129 -16.28 0.90 -3.13
N LYS A 130 -15.08 1.35 -3.48
CA LYS A 130 -14.92 2.17 -4.68
C LYS A 130 -14.95 1.33 -5.96
N ASN A 131 -14.79 0.01 -5.85
CA ASN A 131 -15.03 -0.89 -6.96
C ASN A 131 -16.34 -1.66 -6.80
N GLN A 132 -16.99 -1.59 -5.64
CA GLN A 132 -18.25 -2.28 -5.39
C GLN A 132 -18.08 -3.79 -5.55
N VAL A 133 -17.01 -4.34 -4.96
CA VAL A 133 -16.74 -5.76 -5.02
C VAL A 133 -16.51 -6.28 -3.60
N LEU A 134 -16.84 -7.56 -3.40
CA LEU A 134 -16.61 -8.26 -2.14
C LEU A 134 -15.78 -9.50 -2.47
N THR A 135 -14.63 -9.63 -1.82
CA THR A 135 -13.72 -10.74 -2.05
C THR A 135 -13.76 -11.64 -0.82
N THR A 136 -14.19 -12.89 -1.02
CA THR A 136 -14.43 -13.80 0.09
C THR A 136 -13.69 -15.12 -0.11
N TYR A 137 -13.93 -16.09 0.76
CA TYR A 137 -13.38 -17.42 0.62
C TYR A 137 -14.43 -18.41 1.10
N ILE A 138 -14.91 -19.26 0.20
CA ILE A 138 -16.06 -20.12 0.43
C ILE A 138 -15.65 -21.57 0.23
N TRP A 139 -16.18 -22.45 1.08
CA TRP A 139 -15.99 -23.89 0.92
C TRP A 139 -17.17 -24.51 0.20
N TYR A 140 -17.31 -24.16 -1.07
CA TYR A 140 -18.45 -24.60 -1.86
C TYR A 140 -18.48 -26.12 -1.97
N ARG A 141 -19.67 -26.70 -1.88
CA ARG A 141 -19.82 -28.14 -1.97
C ARG A 141 -21.06 -28.46 -2.80
N GLN A 142 -20.90 -29.40 -3.73
CA GLN A 142 -21.97 -29.90 -4.56
C GLN A 142 -22.21 -31.37 -4.25
N TYR A 143 -23.47 -31.78 -4.33
CA TYR A 143 -23.84 -33.18 -4.16
C TYR A 143 -24.92 -33.51 -5.18
N TRP A 144 -24.95 -34.75 -5.64
CA TRP A 144 -26.00 -35.18 -6.55
C TRP A 144 -25.95 -36.69 -6.67
N THR A 145 -26.77 -37.23 -7.57
CA THR A 145 -26.81 -38.66 -7.84
C THR A 145 -26.53 -38.90 -9.32
N ASP A 146 -25.64 -39.83 -9.59
CA ASP A 146 -25.24 -40.19 -10.95
C ASP A 146 -25.58 -41.66 -11.15
N GLU A 147 -26.78 -41.93 -11.64
CA GLU A 147 -27.24 -43.31 -11.81
C GLU A 147 -26.51 -44.04 -12.94
N PHE A 148 -25.58 -43.39 -13.63
CA PHE A 148 -24.72 -44.12 -14.56
C PHE A 148 -23.63 -44.89 -13.82
N LEU A 149 -23.21 -44.39 -12.65
CA LEU A 149 -22.15 -45.01 -11.88
C LEU A 149 -22.71 -45.94 -10.81
N GLN A 150 -23.49 -46.92 -11.27
CA GLN A 150 -24.04 -47.95 -10.39
C GLN A 150 -23.19 -49.21 -10.50
N TRP A 151 -22.85 -49.77 -9.35
CA TRP A 151 -21.99 -50.96 -9.32
C TRP A 151 -22.03 -51.62 -7.95
N THR A 152 -22.26 -52.93 -7.94
CA THR A 152 -22.42 -53.65 -6.69
C THR A 152 -21.07 -53.78 -5.97
N PRO A 153 -20.99 -53.43 -4.68
CA PRO A 153 -19.71 -53.60 -3.98
C PRO A 153 -19.19 -55.02 -3.98
N GLU A 154 -20.08 -56.01 -3.89
CA GLU A 154 -19.64 -57.39 -3.79
C GLU A 154 -18.87 -57.82 -5.03
N ASP A 155 -19.34 -57.42 -6.21
CA ASP A 155 -18.72 -57.85 -7.46
C ASP A 155 -17.34 -57.24 -7.67
N PHE A 156 -16.97 -56.20 -6.92
CA PHE A 156 -15.70 -55.54 -7.11
C PHE A 156 -14.88 -55.53 -5.82
N ASP A 157 -14.85 -56.66 -5.12
CA ASP A 157 -14.04 -56.82 -3.91
C ASP A 157 -14.54 -55.94 -2.77
N ASN A 158 -15.86 -55.83 -2.63
CA ASN A 158 -16.47 -55.10 -1.52
C ASN A 158 -15.98 -53.67 -1.46
N VAL A 159 -15.72 -53.07 -2.62
CA VAL A 159 -15.32 -51.67 -2.69
C VAL A 159 -16.57 -50.80 -2.66
N THR A 160 -16.46 -49.65 -1.99
CA THR A 160 -17.58 -48.70 -1.92
C THR A 160 -17.18 -47.25 -2.15
N LYS A 161 -15.92 -46.87 -1.92
CA LYS A 161 -15.46 -45.50 -2.10
C LYS A 161 -14.58 -45.43 -3.33
N LEU A 162 -14.76 -44.39 -4.13
CA LEU A 162 -13.92 -44.21 -5.30
C LEU A 162 -13.76 -42.73 -5.61
N SER A 163 -12.72 -42.41 -6.37
CA SER A 163 -12.46 -41.05 -6.81
C SER A 163 -12.24 -41.05 -8.31
N ILE A 164 -12.78 -40.04 -8.98
CA ILE A 164 -12.69 -39.95 -10.44
C ILE A 164 -12.22 -38.55 -10.81
N PRO A 165 -11.38 -38.39 -11.84
CA PRO A 165 -11.04 -37.04 -12.28
C PRO A 165 -12.28 -36.30 -12.74
N THR A 166 -12.33 -35.01 -12.41
CA THR A 166 -13.52 -34.21 -12.71
C THR A 166 -13.78 -34.13 -14.20
N ASP A 167 -12.71 -33.96 -15.00
CA ASP A 167 -12.89 -33.76 -16.43
C ASP A 167 -13.53 -34.95 -17.12
N SER A 168 -13.43 -36.14 -16.54
CA SER A 168 -13.98 -37.35 -17.15
C SER A 168 -15.44 -37.59 -16.81
N ILE A 169 -16.04 -36.76 -15.95
CA ILE A 169 -17.40 -36.97 -15.47
C ILE A 169 -18.21 -35.72 -15.71
N TRP A 170 -19.52 -35.90 -15.88
CA TRP A 170 -20.42 -34.76 -15.99
C TRP A 170 -20.63 -34.13 -14.62
N VAL A 171 -20.44 -32.82 -14.54
CA VAL A 171 -20.62 -32.09 -13.29
C VAL A 171 -21.55 -30.92 -13.57
N PRO A 172 -22.44 -30.55 -12.64
CA PRO A 172 -23.36 -29.45 -12.90
C PRO A 172 -22.60 -28.17 -13.21
N ASP A 173 -23.12 -27.40 -14.16
CA ASP A 173 -22.51 -26.14 -14.56
C ASP A 173 -23.11 -24.98 -13.77
N ILE A 174 -23.09 -25.13 -12.44
CA ILE A 174 -23.60 -24.10 -11.56
C ILE A 174 -22.67 -22.89 -11.65
N LEU A 175 -23.24 -21.73 -11.98
CA LEU A 175 -22.48 -20.51 -12.16
C LEU A 175 -22.94 -19.46 -11.17
N ILE A 176 -22.02 -18.61 -10.77
CA ILE A 176 -22.31 -17.47 -9.90
C ILE A 176 -22.57 -16.27 -10.80
N ASN A 177 -23.75 -15.68 -10.69
CA ASN A 177 -23.96 -14.36 -11.27
C ASN A 177 -23.53 -13.32 -10.24
N GLU A 178 -23.73 -12.04 -10.56
CA GLU A 178 -23.15 -10.94 -9.78
C GLU A 178 -21.73 -11.31 -9.35
N PHE A 179 -20.98 -11.85 -10.32
CA PHE A 179 -19.68 -12.44 -10.08
C PHE A 179 -18.66 -11.80 -11.01
N VAL A 180 -17.55 -11.33 -10.44
CA VAL A 180 -16.56 -10.56 -11.19
C VAL A 180 -15.45 -11.47 -11.70
N ASP A 181 -14.74 -12.12 -10.78
CA ASP A 181 -13.58 -12.92 -11.11
C ASP A 181 -13.33 -13.93 -10.02
N VAL A 182 -12.50 -14.92 -10.31
CA VAL A 182 -12.16 -15.96 -9.34
C VAL A 182 -10.77 -16.48 -9.70
N GLY A 183 -10.08 -17.04 -8.72
CA GLY A 183 -8.78 -17.62 -8.95
C GLY A 183 -8.04 -17.81 -7.64
N LYS A 184 -6.72 -17.95 -7.77
CA LYS A 184 -5.83 -18.12 -6.63
C LYS A 184 -6.46 -19.02 -5.56
N SER A 185 -6.99 -20.15 -6.01
CA SER A 185 -7.58 -21.15 -5.15
C SER A 185 -7.02 -22.52 -5.51
N PRO A 186 -7.02 -23.46 -4.57
CA PRO A 186 -6.44 -24.79 -4.85
C PRO A 186 -7.42 -25.66 -5.60
N ASN A 187 -7.11 -25.91 -6.88
CA ASN A 187 -8.00 -26.71 -7.73
C ASN A 187 -7.83 -28.18 -7.38
N ILE A 188 -8.83 -28.74 -6.71
CA ILE A 188 -8.85 -30.16 -6.39
C ILE A 188 -9.52 -30.88 -7.56
N PRO A 189 -8.83 -31.81 -8.23
CA PRO A 189 -9.37 -32.39 -9.47
C PRO A 189 -10.15 -33.69 -9.29
N TYR A 190 -10.44 -34.11 -8.07
CA TYR A 190 -11.05 -35.41 -7.81
C TYR A 190 -12.49 -35.24 -7.35
N VAL A 191 -13.35 -36.17 -7.77
CA VAL A 191 -14.75 -36.19 -7.40
C VAL A 191 -15.03 -37.54 -6.72
N TYR A 192 -15.69 -37.49 -5.57
CA TYR A 192 -15.94 -38.68 -4.77
C TYR A 192 -17.21 -39.38 -5.24
N VAL A 193 -17.18 -40.71 -5.21
CA VAL A 193 -18.30 -41.52 -5.68
C VAL A 193 -18.47 -42.71 -4.75
N HIS A 194 -19.73 -43.03 -4.44
CA HIS A 194 -20.10 -44.16 -3.60
C HIS A 194 -20.73 -45.25 -4.48
N HIS A 195 -20.99 -46.41 -3.86
CA HIS A 195 -21.51 -47.54 -4.63
C HIS A 195 -22.92 -47.30 -5.13
N ARG A 196 -23.76 -46.62 -4.34
CA ARG A 196 -25.15 -46.39 -4.72
C ARG A 196 -25.29 -45.30 -5.77
N GLY A 197 -24.21 -44.59 -6.10
CA GLY A 197 -24.20 -43.65 -7.20
C GLY A 197 -24.08 -42.19 -6.81
N GLU A 198 -24.29 -41.86 -5.53
CA GLU A 198 -24.19 -40.47 -5.12
C GLU A 198 -22.78 -39.96 -5.33
N VAL A 199 -22.67 -38.66 -5.61
CA VAL A 199 -21.41 -38.00 -5.92
C VAL A 199 -21.33 -36.71 -5.13
N GLN A 200 -20.15 -36.43 -4.59
CA GLN A 200 -19.84 -35.20 -3.89
C GLN A 200 -18.66 -34.52 -4.57
N ASN A 201 -18.64 -33.19 -4.51
CA ASN A 201 -17.61 -32.40 -5.17
C ASN A 201 -17.34 -31.17 -4.30
N TYR A 202 -16.17 -31.15 -3.68
CA TYR A 202 -15.78 -30.07 -2.78
C TYR A 202 -14.83 -29.11 -3.50
N LYS A 203 -15.00 -27.81 -3.26
CA LYS A 203 -14.32 -26.80 -4.06
C LYS A 203 -14.15 -25.53 -3.22
N PRO A 204 -12.92 -25.19 -2.83
CA PRO A 204 -12.67 -23.84 -2.33
C PRO A 204 -12.83 -22.82 -3.45
N LEU A 205 -13.27 -21.62 -3.09
CA LEU A 205 -13.47 -20.57 -4.08
C LEU A 205 -13.21 -19.22 -3.44
N GLN A 206 -12.29 -18.45 -4.01
CA GLN A 206 -12.05 -17.07 -3.60
C GLN A 206 -12.85 -16.17 -4.53
N LEU A 207 -14.15 -16.09 -4.28
CA LEU A 207 -15.06 -15.36 -5.15
C LEU A 207 -14.85 -13.85 -4.99
N VAL A 208 -14.75 -13.16 -6.11
CA VAL A 208 -14.79 -11.70 -6.15
C VAL A 208 -16.13 -11.36 -6.81
N THR A 209 -17.10 -10.94 -6.02
CA THR A 209 -18.47 -10.76 -6.48
C THR A 209 -18.92 -9.33 -6.32
N ALA A 210 -19.59 -8.80 -7.35
CA ALA A 210 -20.16 -7.47 -7.26
C ALA A 210 -21.21 -7.42 -6.16
N CYS A 211 -21.21 -6.33 -5.41
CA CYS A 211 -22.15 -6.16 -4.30
C CYS A 211 -22.71 -4.75 -4.37
N SER A 212 -23.46 -4.37 -3.33
CA SER A 212 -24.05 -3.03 -3.20
C SER A 212 -23.61 -2.49 -1.85
N LEU A 213 -22.46 -1.82 -1.83
CA LEU A 213 -21.84 -1.35 -0.61
C LEU A 213 -22.23 0.11 -0.40
N ASP A 214 -22.85 0.40 0.75
CA ASP A 214 -23.36 1.74 1.01
C ASP A 214 -22.37 2.62 1.76
N ILE A 215 -21.69 2.06 2.76
CA ILE A 215 -20.62 2.74 3.48
C ILE A 215 -21.05 4.12 3.95
N TYR A 216 -22.35 4.30 4.19
CA TYR A 216 -22.84 5.62 4.59
C TYR A 216 -22.44 5.94 6.03
N ASN A 217 -22.81 5.07 6.97
CA ASN A 217 -22.55 5.32 8.39
C ASN A 217 -21.28 4.62 8.86
N PHE A 218 -20.28 4.55 7.98
CA PHE A 218 -18.96 4.11 8.38
C PHE A 218 -18.55 4.79 9.68
N PRO A 219 -17.86 4.10 10.60
CA PRO A 219 -17.44 2.68 10.56
C PRO A 219 -18.47 1.73 11.17
N PHE A 220 -19.62 2.23 11.62
CA PHE A 220 -20.67 1.39 12.19
C PHE A 220 -21.60 0.87 11.10
N ASP A 221 -21.06 0.05 10.20
CA ASP A 221 -21.65 -0.18 8.90
C ASP A 221 -22.02 -1.64 8.70
N VAL A 222 -23.12 -1.86 7.98
CA VAL A 222 -23.64 -3.21 7.68
C VAL A 222 -23.83 -3.35 6.18
N GLN A 223 -23.30 -4.45 5.63
CA GLN A 223 -23.46 -4.77 4.19
C GLN A 223 -24.21 -6.06 3.86
N ASN A 224 -25.36 -5.97 3.21
CA ASN A 224 -26.21 -7.11 2.86
C ASN A 224 -25.81 -7.63 1.48
N CYS A 225 -24.57 -8.12 1.38
CA CYS A 225 -24.10 -8.59 0.08
C CYS A 225 -24.80 -9.87 -0.30
N SER A 226 -24.71 -10.26 -1.57
CA SER A 226 -25.45 -11.40 -2.07
C SER A 226 -24.57 -12.25 -2.98
N LEU A 227 -24.78 -13.56 -2.89
CA LEU A 227 -24.25 -14.53 -3.82
C LEU A 227 -25.43 -15.28 -4.42
N THR A 228 -25.30 -15.70 -5.68
CA THR A 228 -26.38 -16.44 -6.32
C THR A 228 -25.80 -17.53 -7.19
N PHE A 229 -26.41 -18.71 -7.10
CA PHE A 229 -26.03 -19.87 -7.90
C PHE A 229 -27.16 -20.19 -8.86
N THR A 230 -26.84 -20.26 -10.15
CA THR A 230 -27.81 -20.50 -11.20
C THR A 230 -27.30 -21.61 -12.12
N SER A 231 -28.20 -22.10 -12.96
CA SER A 231 -27.85 -23.09 -13.98
C SER A 231 -27.53 -22.35 -15.27
N TRP A 232 -26.32 -22.56 -15.79
CA TRP A 232 -25.87 -21.84 -16.97
C TRP A 232 -26.81 -22.08 -18.15
N LEU A 233 -26.93 -23.33 -18.58
CA LEU A 233 -27.71 -23.67 -19.77
C LEU A 233 -28.58 -24.89 -19.48
N HIS A 234 -29.28 -24.87 -18.36
CA HIS A 234 -30.17 -25.97 -17.99
C HIS A 234 -31.37 -25.40 -17.25
N THR A 235 -32.57 -25.69 -17.75
CA THR A 235 -33.80 -25.21 -17.14
C THR A 235 -34.12 -26.04 -15.90
N ILE A 236 -35.20 -25.65 -15.22
CA ILE A 236 -35.63 -26.39 -14.03
C ILE A 236 -35.94 -27.84 -14.37
N GLN A 237 -36.42 -28.09 -15.60
CA GLN A 237 -36.78 -29.45 -15.97
C GLN A 237 -35.58 -30.38 -15.95
N ASP A 238 -34.36 -29.85 -15.99
CA ASP A 238 -33.15 -30.67 -15.99
C ASP A 238 -32.44 -30.62 -14.64
N ILE A 239 -32.05 -29.44 -14.17
CA ILE A 239 -31.32 -29.28 -12.92
C ILE A 239 -32.19 -28.50 -11.94
N ASN A 240 -32.38 -29.05 -10.74
CA ASN A 240 -33.09 -28.41 -9.66
C ASN A 240 -32.13 -28.19 -8.50
N ILE A 241 -32.00 -26.95 -8.05
CA ILE A 241 -31.04 -26.58 -7.01
C ILE A 241 -31.72 -26.69 -5.65
N THR A 242 -30.96 -27.19 -4.68
CA THR A 242 -31.46 -27.33 -3.31
C THR A 242 -30.30 -27.30 -2.35
N LEU A 243 -30.60 -27.07 -1.07
CA LEU A 243 -29.59 -27.04 -0.03
C LEU A 243 -29.31 -28.43 0.48
N TRP A 244 -28.04 -28.70 0.80
CA TRP A 244 -27.67 -29.99 1.39
C TRP A 244 -28.06 -30.09 2.85
N ARG A 245 -28.31 -28.96 3.52
CA ARG A 245 -28.66 -28.94 4.93
C ARG A 245 -29.88 -28.04 5.13
N SER A 246 -30.40 -28.05 6.35
CA SER A 246 -31.54 -27.21 6.66
C SER A 246 -31.14 -25.74 6.57
N PRO A 247 -32.04 -24.86 6.12
CA PRO A 247 -31.67 -23.44 6.02
C PRO A 247 -31.19 -22.85 7.32
N GLU A 248 -31.76 -23.27 8.45
CA GLU A 248 -31.30 -22.77 9.75
C GLU A 248 -29.85 -23.19 10.01
N GLU A 249 -29.47 -24.39 9.56
CA GLU A 249 -28.10 -24.83 9.73
C GLU A 249 -27.13 -23.97 8.94
N VAL A 250 -27.49 -23.62 7.71
CA VAL A 250 -26.63 -22.76 6.90
C VAL A 250 -26.57 -21.37 7.47
N ARG A 251 -27.69 -20.87 7.99
CA ARG A 251 -27.73 -19.52 8.55
C ARG A 251 -26.79 -19.40 9.74
N SER A 252 -26.76 -20.40 10.61
CA SER A 252 -25.93 -20.37 11.82
C SER A 252 -24.58 -21.02 11.61
N ASP A 253 -24.05 -20.99 10.38
CA ASP A 253 -22.79 -21.65 10.06
C ASP A 253 -21.65 -20.65 10.23
N LYS A 254 -20.97 -20.72 11.37
CA LYS A 254 -19.78 -19.93 11.64
C LYS A 254 -18.73 -20.80 12.30
N SER A 255 -18.64 -22.06 11.87
CA SER A 255 -17.74 -23.02 12.51
C SER A 255 -16.29 -22.78 12.12
N ILE A 256 -16.04 -22.19 10.95
CA ILE A 256 -14.69 -21.99 10.46
C ILE A 256 -14.36 -20.53 10.22
N PHE A 257 -15.32 -19.62 10.35
CA PHE A 257 -15.08 -18.23 10.01
C PHE A 257 -13.92 -17.65 10.81
N ILE A 258 -13.08 -16.87 10.13
CA ILE A 258 -11.98 -16.17 10.79
C ILE A 258 -12.55 -14.90 11.41
N ASN A 259 -12.98 -15.01 12.66
CA ASN A 259 -13.81 -13.96 13.25
C ASN A 259 -13.01 -12.69 13.54
N GLN A 260 -11.78 -12.83 14.01
CA GLN A 260 -11.03 -11.69 14.54
C GLN A 260 -10.67 -10.65 13.48
N GLY A 261 -11.08 -10.75 12.23
CA GLY A 261 -10.80 -9.72 11.26
C GLY A 261 -11.68 -8.50 11.45
N GLU A 262 -11.63 -7.60 10.45
CA GLU A 262 -12.42 -6.39 10.53
C GLU A 262 -13.91 -6.70 10.41
N TRP A 263 -14.28 -7.53 9.44
CA TRP A 263 -15.68 -7.79 9.14
C TRP A 263 -16.21 -8.94 9.96
N GLU A 264 -17.37 -8.75 10.57
CA GLU A 264 -18.05 -9.79 11.32
C GLU A 264 -19.25 -10.26 10.50
N LEU A 265 -19.33 -11.57 10.28
CA LEU A 265 -20.40 -12.15 9.46
C LEU A 265 -21.62 -12.33 10.35
N LEU A 266 -22.64 -11.52 10.13
CA LEU A 266 -23.86 -11.65 10.92
C LEU A 266 -24.63 -12.90 10.54
N GLU A 267 -24.80 -13.17 9.25
CA GLU A 267 -25.56 -14.36 8.87
C GLU A 267 -25.38 -14.64 7.39
N VAL A 268 -25.78 -15.86 7.00
CA VAL A 268 -25.85 -16.26 5.60
C VAL A 268 -27.24 -16.85 5.38
N PHE A 269 -28.17 -16.03 4.90
CA PHE A 269 -29.57 -16.44 4.78
C PHE A 269 -29.85 -16.92 3.37
N PRO A 270 -30.16 -18.21 3.16
CA PRO A 270 -30.42 -18.67 1.80
C PRO A 270 -31.86 -18.44 1.37
N GLN A 271 -32.07 -18.49 0.06
CA GLN A 271 -33.41 -18.31 -0.50
C GLN A 271 -33.46 -18.93 -1.90
N PHE A 272 -34.49 -19.72 -2.16
CA PHE A 272 -34.68 -20.41 -3.42
C PHE A 272 -35.68 -19.60 -4.25
N LYS A 273 -35.25 -19.12 -5.42
CA LYS A 273 -36.12 -18.37 -6.31
C LYS A 273 -36.07 -19.00 -7.70
N GLU A 274 -37.02 -18.60 -8.54
CA GLU A 274 -37.15 -19.11 -9.89
C GLU A 274 -37.14 -17.95 -10.87
N PHE A 275 -36.19 -17.96 -11.81
CA PHE A 275 -36.06 -16.91 -12.81
C PHE A 275 -36.50 -17.50 -14.16
N SER A 276 -37.59 -16.98 -14.71
CA SER A 276 -38.21 -17.55 -15.90
C SER A 276 -38.10 -16.58 -17.06
N ILE A 277 -37.52 -17.06 -18.16
CA ILE A 277 -37.60 -16.34 -19.43
C ILE A 277 -38.79 -16.81 -20.26
N ASP A 278 -39.31 -18.00 -19.97
CA ASP A 278 -40.51 -18.52 -20.62
C ASP A 278 -41.08 -19.60 -19.72
N ILE A 279 -42.34 -19.96 -19.99
CA ILE A 279 -42.99 -21.00 -19.20
C ILE A 279 -42.24 -22.31 -19.32
N SER A 280 -41.78 -22.64 -20.53
CA SER A 280 -41.00 -23.85 -20.77
C SER A 280 -39.50 -23.64 -20.55
N ASN A 281 -39.07 -22.41 -20.28
CA ASN A 281 -37.65 -22.09 -20.08
C ASN A 281 -37.54 -21.32 -18.77
N SER A 282 -37.35 -22.04 -17.67
CA SER A 282 -37.22 -21.45 -16.35
C SER A 282 -36.02 -22.06 -15.63
N TYR A 283 -35.21 -21.21 -15.00
CA TYR A 283 -34.01 -21.64 -14.29
C TYR A 283 -34.20 -21.42 -12.80
N ALA A 284 -33.99 -22.48 -12.03
CA ALA A 284 -34.02 -22.38 -10.57
C ALA A 284 -32.70 -21.82 -10.08
N GLU A 285 -32.77 -20.86 -9.17
CA GLU A 285 -31.58 -20.23 -8.61
C GLU A 285 -31.66 -20.27 -7.09
N MET A 286 -30.50 -20.43 -6.46
CA MET A 286 -30.38 -20.40 -5.01
C MET A 286 -29.44 -19.27 -4.63
N LYS A 287 -29.96 -18.27 -3.92
CA LYS A 287 -29.16 -17.09 -3.60
C LYS A 287 -29.02 -16.98 -2.09
N PHE A 288 -27.78 -16.84 -1.65
CA PHE A 288 -27.46 -16.60 -0.24
C PHE A 288 -27.27 -15.11 -0.04
N TYR A 289 -27.81 -14.60 1.06
CA TYR A 289 -27.62 -13.22 1.47
C TYR A 289 -26.60 -13.24 2.60
N VAL A 290 -25.39 -12.80 2.30
CA VAL A 290 -24.32 -12.70 3.28
C VAL A 290 -24.46 -11.32 3.92
N ILE A 291 -24.96 -11.29 5.14
CA ILE A 291 -25.12 -10.06 5.90
C ILE A 291 -23.95 -9.95 6.86
N ILE A 292 -23.13 -8.90 6.67
CA ILE A 292 -21.90 -8.70 7.42
C ILE A 292 -21.92 -7.28 7.95
N ARG A 293 -21.11 -7.03 8.99
CA ARG A 293 -21.07 -5.72 9.60
C ARG A 293 -19.67 -5.40 10.08
N ARG A 294 -19.25 -4.16 9.85
CA ARG A 294 -17.91 -3.74 10.23
C ARG A 294 -17.75 -3.80 11.75
N ARG A 295 -16.50 -3.63 12.18
CA ARG A 295 -16.17 -3.59 13.61
C ARG A 295 -15.61 -2.22 13.96
N PRO A 296 -16.42 -1.32 14.54
CA PRO A 296 -15.92 0.03 14.80
C PRO A 296 -14.70 0.07 15.71
N LEU A 297 -14.55 -0.91 16.60
CA LEU A 297 -13.35 -0.95 17.44
C LEU A 297 -12.09 -1.08 16.60
N PHE A 298 -12.22 -1.49 15.34
CA PHE A 298 -11.09 -1.52 14.44
C PHE A 298 -10.52 -0.13 14.22
N TYR A 299 -11.40 0.87 14.10
CA TYR A 299 -11.01 2.26 13.91
C TYR A 299 -11.12 3.07 15.19
N ALA A 300 -10.87 2.45 16.35
CA ALA A 300 -10.91 3.18 17.60
C ALA A 300 -9.67 4.05 17.77
N VAL A 301 -8.52 3.56 17.31
CA VAL A 301 -7.28 4.33 17.40
C VAL A 301 -7.05 5.15 16.14
N SER A 302 -7.38 4.60 14.98
CA SER A 302 -7.13 5.33 13.74
C SER A 302 -7.96 6.61 13.65
N LEU A 303 -9.22 6.55 14.05
CA LEU A 303 -10.16 7.65 13.84
C LEU A 303 -10.68 8.25 15.14
N LEU A 304 -11.17 7.43 16.06
CA LEU A 304 -11.87 7.97 17.22
C LEU A 304 -10.92 8.73 18.14
N LEU A 305 -9.79 8.12 18.48
CA LEU A 305 -8.86 8.76 19.42
C LEU A 305 -8.30 10.07 18.88
N PRO A 306 -7.76 10.13 17.66
CA PRO A 306 -7.32 11.44 17.15
C PRO A 306 -8.45 12.44 17.05
N SER A 307 -9.63 12.01 16.61
CA SER A 307 -10.73 12.94 16.41
C SER A 307 -11.28 13.48 17.71
N ILE A 308 -11.09 12.78 18.83
CA ILE A 308 -11.45 13.32 20.13
C ILE A 308 -10.31 14.12 20.75
N PHE A 309 -9.06 13.69 20.61
CA PHE A 309 -7.96 14.46 21.17
C PHE A 309 -7.85 15.83 20.51
N LEU A 310 -8.05 15.91 19.19
CA LEU A 310 -7.95 17.21 18.54
C LEU A 310 -9.08 18.14 18.99
N MET A 311 -10.30 17.62 19.10
CA MET A 311 -11.41 18.43 19.58
C MET A 311 -11.16 18.91 21.01
N VAL A 312 -10.66 18.02 21.86
CA VAL A 312 -10.43 18.40 23.26
C VAL A 312 -9.30 19.40 23.35
N VAL A 313 -8.25 19.24 22.54
CA VAL A 313 -7.16 20.21 22.54
C VAL A 313 -7.66 21.57 22.08
N ASP A 314 -8.52 21.59 21.07
CA ASP A 314 -9.07 22.86 20.61
C ASP A 314 -9.93 23.51 21.69
N ILE A 315 -10.75 22.73 22.39
CA ILE A 315 -11.56 23.29 23.47
C ILE A 315 -10.67 23.82 24.58
N VAL A 316 -9.55 23.15 24.85
CA VAL A 316 -8.58 23.68 25.80
C VAL A 316 -8.05 25.02 25.31
N GLY A 317 -7.72 25.09 24.03
CA GLY A 317 -7.21 26.33 23.46
C GLY A 317 -8.18 27.47 23.60
N PHE A 318 -9.48 27.19 23.47
CA PHE A 318 -10.47 28.26 23.57
C PHE A 318 -10.44 28.97 24.91
N CYS A 319 -9.97 28.31 25.96
CA CYS A 319 -9.74 28.97 27.24
C CYS A 319 -8.41 29.73 27.13
N LEU A 320 -7.91 30.24 28.26
CA LEU A 320 -6.54 30.73 28.28
C LEU A 320 -5.65 29.67 27.64
N PRO A 321 -4.97 29.96 26.52
CA PRO A 321 -4.66 31.27 25.90
C PRO A 321 -5.85 32.14 25.54
N PRO A 322 -5.92 33.37 26.06
CA PRO A 322 -7.03 34.25 25.74
C PRO A 322 -6.88 34.87 24.35
N ASP A 323 -8.01 35.31 23.81
CA ASP A 323 -8.01 36.00 22.53
C ASP A 323 -6.96 37.12 22.55
N SER A 324 -6.38 37.37 21.38
CA SER A 324 -5.36 38.41 21.23
C SER A 324 -4.15 38.11 22.13
N GLY A 325 -3.49 36.99 21.83
CA GLY A 325 -2.31 36.60 22.57
C GLY A 325 -1.53 35.50 21.89
N GLU A 326 -1.06 34.54 22.68
CA GLU A 326 -0.37 33.37 22.16
C GLU A 326 -1.32 32.33 21.59
N ARG A 327 -2.58 32.69 21.38
CA ARG A 327 -3.55 31.77 20.79
C ARG A 327 -3.37 31.60 19.29
N VAL A 328 -2.71 32.54 18.62
CA VAL A 328 -2.53 32.41 17.18
C VAL A 328 -1.60 31.24 16.86
N SER A 329 -0.49 31.15 17.58
CA SER A 329 0.43 30.02 17.36
C SER A 329 -0.24 28.71 17.71
N PHE A 330 -0.96 28.67 18.84
CA PHE A 330 -1.68 27.46 19.22
C PHE A 330 -2.66 27.04 18.12
N LYS A 331 -3.46 27.98 17.63
CA LYS A 331 -4.49 27.65 16.65
C LYS A 331 -3.87 27.24 15.30
N ILE A 332 -2.80 27.91 14.88
CA ILE A 332 -2.20 27.55 13.59
C ILE A 332 -1.53 26.19 13.67
N THR A 333 -0.85 25.90 14.79
CA THR A 333 -0.29 24.57 14.96
C THR A 333 -1.38 23.51 15.04
N LEU A 334 -2.52 23.83 15.64
CA LEU A 334 -3.63 22.89 15.64
C LEU A 334 -4.21 22.69 14.25
N LEU A 335 -4.22 23.75 13.43
CA LEU A 335 -4.70 23.61 12.06
C LEU A 335 -3.77 22.74 11.23
N LEU A 336 -2.46 22.90 11.42
CA LEU A 336 -1.52 21.98 10.78
C LEU A 336 -1.68 20.56 11.30
N GLY A 337 -1.99 20.38 12.58
CA GLY A 337 -2.28 19.05 13.08
C GLY A 337 -3.51 18.45 12.45
N TYR A 338 -4.56 19.25 12.27
CA TYR A 338 -5.76 18.80 11.57
C TYR A 338 -5.43 18.38 10.15
N SER A 339 -4.61 19.17 9.45
CA SER A 339 -4.25 18.84 8.07
C SER A 339 -3.42 17.58 8.01
N VAL A 340 -2.51 17.39 8.96
CA VAL A 340 -1.75 16.15 9.02
C VAL A 340 -2.68 14.98 9.27
N PHE A 341 -3.66 15.15 10.15
CA PHE A 341 -4.65 14.10 10.41
C PHE A 341 -5.42 13.76 9.13
N LEU A 342 -5.84 14.79 8.39
CA LEU A 342 -6.59 14.57 7.16
C LEU A 342 -5.75 13.83 6.14
N ILE A 343 -4.50 14.26 5.96
CA ILE A 343 -3.61 13.57 5.03
C ILE A 343 -3.40 12.13 5.45
N ILE A 344 -3.24 11.90 6.75
CA ILE A 344 -2.94 10.56 7.25
C ILE A 344 -4.12 9.63 7.04
N VAL A 345 -5.34 10.10 7.32
CA VAL A 345 -6.52 9.25 7.20
C VAL A 345 -7.07 9.18 5.79
N SER A 346 -6.61 10.04 4.88
CA SER A 346 -7.10 9.96 3.50
C SER A 346 -6.81 8.60 2.89
N ASP A 347 -5.61 8.07 3.11
CA ASP A 347 -5.26 6.76 2.56
C ASP A 347 -5.71 5.61 3.44
N THR A 348 -5.65 5.78 4.77
CA THR A 348 -6.05 4.69 5.66
C THR A 348 -7.52 4.34 5.49
N LEU A 349 -8.39 5.34 5.37
CA LEU A 349 -9.82 5.10 5.37
C LEU A 349 -10.26 4.44 4.07
N PRO A 350 -10.90 3.27 4.11
CA PRO A 350 -11.55 2.76 2.89
C PRO A 350 -12.90 3.45 2.66
N ALA A 351 -12.82 4.68 2.20
CA ALA A 351 -14.00 5.51 1.92
C ALA A 351 -14.02 5.86 0.44
N THR A 352 -14.98 6.70 0.06
CA THR A 352 -15.18 7.07 -1.34
C THR A 352 -15.39 8.57 -1.44
N ALA A 353 -15.16 9.09 -2.65
CA ALA A 353 -15.38 10.51 -2.90
C ALA A 353 -16.82 10.91 -2.65
N ILE A 354 -17.76 9.95 -2.69
CA ILE A 354 -19.13 10.25 -2.31
C ILE A 354 -19.19 10.70 -0.85
N GLY A 355 -18.36 10.10 0.00
CA GLY A 355 -18.18 10.56 1.36
C GLY A 355 -19.11 9.87 2.34
N THR A 356 -18.84 10.12 3.62
CA THR A 356 -19.63 9.60 4.72
C THR A 356 -19.88 10.73 5.72
N PRO A 357 -21.12 10.91 6.19
CA PRO A 357 -21.40 12.05 7.08
C PRO A 357 -20.51 12.11 8.30
N LEU A 358 -20.22 10.98 8.93
CA LEU A 358 -19.40 11.01 10.13
C LEU A 358 -18.00 11.53 9.85
N ILE A 359 -17.49 11.31 8.64
CA ILE A 359 -16.16 11.74 8.26
C ILE A 359 -16.21 13.02 7.44
N GLY A 360 -17.14 13.12 6.49
CA GLY A 360 -17.29 14.33 5.73
C GLY A 360 -17.64 15.47 6.67
N VAL A 361 -18.83 15.42 7.26
CA VAL A 361 -19.12 16.32 8.36
C VAL A 361 -18.28 15.93 9.58
N TYR A 362 -18.10 16.87 10.49
CA TYR A 362 -17.27 16.70 11.67
C TYR A 362 -15.80 16.51 11.33
N PHE A 363 -15.45 16.64 10.05
CA PHE A 363 -14.11 17.04 9.62
C PHE A 363 -14.15 18.34 8.83
N VAL A 364 -15.30 18.68 8.24
CA VAL A 364 -15.48 19.98 7.64
C VAL A 364 -15.90 21.00 8.69
N VAL A 365 -16.77 20.61 9.62
CA VAL A 365 -17.22 21.52 10.67
C VAL A 365 -16.15 21.75 11.73
N CYS A 366 -15.09 20.94 11.73
CA CYS A 366 -13.97 21.18 12.64
C CYS A 366 -12.93 22.10 12.02
N MET A 367 -12.48 21.79 10.81
CA MET A 367 -11.54 22.67 10.13
C MET A 367 -12.15 24.03 9.82
N ALA A 368 -13.43 24.08 9.47
CA ALA A 368 -14.08 25.35 9.22
C ALA A 368 -14.11 26.23 10.45
N LEU A 369 -14.49 25.65 11.60
CA LEU A 369 -14.48 26.41 12.85
C LEU A 369 -13.07 26.82 13.24
N LEU A 370 -12.09 25.94 13.03
CA LEU A 370 -10.71 26.31 13.34
C LEU A 370 -10.25 27.47 12.49
N VAL A 371 -10.55 27.45 11.20
CA VAL A 371 -10.13 28.53 10.32
C VAL A 371 -10.84 29.83 10.69
N ILE A 372 -12.13 29.76 11.00
CA ILE A 372 -12.87 30.97 11.38
C ILE A 372 -12.31 31.54 12.67
N SER A 373 -12.05 30.70 13.67
CA SER A 373 -11.48 31.18 14.92
C SER A 373 -10.09 31.75 14.71
N LEU A 374 -9.29 31.10 13.87
CA LEU A 374 -7.95 31.61 13.59
C LEU A 374 -8.01 32.99 12.93
N ALA A 375 -8.90 33.16 11.96
CA ALA A 375 -9.05 34.46 11.32
C ALA A 375 -9.54 35.51 12.32
N GLU A 376 -10.49 35.15 13.18
CA GLU A 376 -10.97 36.09 14.18
C GLU A 376 -9.85 36.51 15.13
N THR A 377 -9.05 35.54 15.59
CA THR A 377 -7.93 35.87 16.48
C THR A 377 -6.93 36.77 15.77
N ILE A 378 -6.59 36.45 14.51
CA ILE A 378 -5.64 37.27 13.78
C ILE A 378 -6.16 38.71 13.69
N PHE A 379 -7.42 38.87 13.28
CA PHE A 379 -7.95 40.22 13.11
C PHE A 379 -8.00 40.97 14.44
N ILE A 380 -8.48 40.31 15.50
CA ILE A 380 -8.62 40.99 16.79
C ILE A 380 -7.26 41.42 17.31
N VAL A 381 -6.28 40.51 17.27
CA VAL A 381 -4.96 40.82 17.78
C VAL A 381 -4.28 41.89 16.93
N ARG A 382 -4.46 41.84 15.61
CA ARG A 382 -3.88 42.88 14.76
C ARG A 382 -4.47 44.25 15.10
N LEU A 383 -5.79 44.32 15.26
CA LEU A 383 -6.41 45.60 15.59
C LEU A 383 -5.96 46.09 16.96
N VAL A 384 -5.86 45.19 17.94
CA VAL A 384 -5.45 45.60 19.28
C VAL A 384 -4.02 46.12 19.26
N HIS A 385 -3.11 45.39 18.63
CA HIS A 385 -1.71 45.79 18.64
C HIS A 385 -1.50 47.08 17.85
N LYS A 386 -2.06 47.14 16.64
CA LYS A 386 -1.86 48.33 15.81
C LYS A 386 -2.56 49.55 16.42
N GLN A 387 -3.82 49.40 16.82
CA GLN A 387 -4.58 50.52 17.35
C GLN A 387 -4.59 51.67 16.35
N ASP A 388 -4.97 52.86 16.81
CA ASP A 388 -4.93 54.07 15.98
C ASP A 388 -5.71 53.87 14.69
N LEU A 389 -6.85 53.20 14.79
CA LEU A 389 -7.74 52.99 13.65
C LEU A 389 -8.64 54.20 13.49
N GLN A 390 -8.60 54.83 12.31
CA GLN A 390 -9.44 55.99 12.08
C GLN A 390 -10.91 55.62 12.12
N ARG A 391 -11.28 54.47 11.55
CA ARG A 391 -12.66 54.02 11.58
C ARG A 391 -13.00 53.50 12.96
N PRO A 392 -14.04 54.01 13.62
CA PRO A 392 -14.42 53.51 14.95
C PRO A 392 -15.25 52.23 14.81
N VAL A 393 -15.73 51.75 15.94
CA VAL A 393 -16.60 50.57 15.97
C VAL A 393 -17.92 50.94 15.30
N PRO A 394 -18.35 50.24 14.26
CA PRO A 394 -19.61 50.58 13.61
C PRO A 394 -20.80 50.42 14.56
N ASP A 395 -21.83 51.24 14.33
CA ASP A 395 -23.03 51.18 15.15
C ASP A 395 -23.70 49.82 15.04
N TRP A 396 -23.79 49.27 13.83
CA TRP A 396 -24.38 47.96 13.65
C TRP A 396 -23.56 46.89 14.38
N LEU A 397 -22.24 47.08 14.45
CA LEU A 397 -21.42 46.16 15.23
C LEU A 397 -21.78 46.23 16.71
N ARG A 398 -22.02 47.44 17.22
CA ARG A 398 -22.47 47.58 18.60
C ARG A 398 -23.82 46.88 18.81
N HIS A 399 -24.73 47.02 17.85
CA HIS A 399 -26.03 46.38 17.95
C HIS A 399 -25.88 44.87 17.97
N LEU A 400 -25.00 44.33 17.12
CA LEU A 400 -24.78 42.88 17.11
C LEU A 400 -24.16 42.42 18.41
N VAL A 401 -23.22 43.19 18.97
CA VAL A 401 -22.65 42.85 20.27
C VAL A 401 -23.74 42.79 21.33
N LEU A 402 -24.63 43.79 21.34
CA LEU A 402 -25.73 43.79 22.30
C LEU A 402 -26.65 42.60 22.09
N ASP A 403 -26.92 42.25 20.84
CA ASP A 403 -27.84 41.17 20.51
C ASP A 403 -27.20 39.79 20.61
N ARG A 404 -25.90 39.72 20.89
CA ARG A 404 -25.25 38.43 21.09
C ARG A 404 -24.88 38.20 22.55
N ILE A 405 -24.48 39.27 23.25
CA ILE A 405 -23.96 39.11 24.60
C ILE A 405 -25.04 38.55 25.53
N ALA A 406 -26.27 39.05 25.40
CA ALA A 406 -27.33 38.66 26.33
C ALA A 406 -27.64 37.17 26.25
N TRP A 407 -27.35 36.51 25.13
CA TRP A 407 -27.67 35.09 24.97
C TRP A 407 -26.47 34.17 25.08
N ILE A 408 -25.29 34.58 24.62
CA ILE A 408 -24.14 33.70 24.74
C ILE A 408 -23.81 33.46 26.21
N LEU A 409 -24.01 34.46 27.05
CA LEU A 409 -23.80 34.33 28.49
C LEU A 409 -25.13 34.38 29.23
N GLU A 497 -12.77 53.80 25.30
CA GLU A 497 -11.54 53.71 24.53
C GLU A 497 -11.73 52.70 23.38
N VAL A 498 -11.27 53.10 22.19
CA VAL A 498 -11.57 52.31 20.98
C VAL A 498 -10.94 50.92 21.08
N ALA A 499 -9.70 50.85 21.55
CA ALA A 499 -9.04 49.54 21.64
C ALA A 499 -9.77 48.63 22.61
N ARG A 500 -10.25 49.17 23.73
CA ARG A 500 -11.00 48.37 24.68
C ARG A 500 -12.32 47.89 24.07
N ASP A 501 -12.96 48.73 23.25
CA ASP A 501 -14.19 48.30 22.58
C ASP A 501 -13.91 47.17 21.60
N TRP A 502 -12.80 47.27 20.86
CA TRP A 502 -12.42 46.18 19.96
C TRP A 502 -12.13 44.91 20.75
N LEU A 503 -11.48 45.05 21.92
CA LEU A 503 -11.24 43.90 22.77
C LEU A 503 -12.54 43.25 23.22
N ARG A 504 -13.53 44.07 23.60
CA ARG A 504 -14.82 43.53 24.01
C ARG A 504 -15.51 42.80 22.87
N VAL A 505 -15.47 43.38 21.67
CA VAL A 505 -16.07 42.73 20.51
C VAL A 505 -15.38 41.40 20.24
N GLY A 506 -14.04 41.38 20.32
CA GLY A 506 -13.32 40.15 20.12
C GLY A 506 -13.67 39.09 21.15
N TYR A 507 -13.81 39.50 22.41
CA TYR A 507 -14.20 38.54 23.46
C TYR A 507 -15.59 37.98 23.19
N VAL A 508 -16.53 38.82 22.78
CA VAL A 508 -17.89 38.36 22.50
C VAL A 508 -17.88 37.36 21.34
N LEU A 509 -17.14 37.69 20.27
CA LEU A 509 -17.03 36.77 19.15
C LEU A 509 -16.38 35.46 19.56
N ASP A 510 -15.37 35.54 20.42
CA ASP A 510 -14.71 34.34 20.91
C ASP A 510 -15.68 33.45 21.68
N ARG A 511 -16.50 34.05 22.54
CA ARG A 511 -17.47 33.27 23.29
C ARG A 511 -18.50 32.64 22.35
N LEU A 512 -18.93 33.38 21.33
CA LEU A 512 -19.86 32.80 20.37
C LEU A 512 -19.24 31.60 19.66
N LEU A 513 -17.98 31.74 19.22
CA LEU A 513 -17.31 30.62 18.57
C LEU A 513 -17.16 29.44 19.53
N PHE A 514 -16.90 29.72 20.80
CA PHE A 514 -16.78 28.64 21.78
C PHE A 514 -18.09 27.90 21.94
N ARG A 515 -19.21 28.62 22.00
CA ARG A 515 -20.50 27.97 22.09
C ARG A 515 -20.78 27.12 20.86
N ILE A 516 -20.44 27.64 19.67
CA ILE A 516 -20.65 26.85 18.46
C ILE A 516 -19.77 25.61 18.47
N TYR A 517 -18.55 25.70 18.98
CA TYR A 517 -17.68 24.52 19.03
C TYR A 517 -18.21 23.50 20.04
N LEU A 518 -18.73 23.96 21.18
CA LEU A 518 -19.35 23.03 22.12
C LEU A 518 -20.55 22.33 21.51
N LEU A 519 -21.38 23.06 20.75
CA LEU A 519 -22.46 22.41 20.03
C LEU A 519 -21.95 21.40 19.01
N ALA A 520 -20.86 21.74 18.31
CA ALA A 520 -20.32 20.80 17.34
C ALA A 520 -19.86 19.51 17.99
N VAL A 521 -19.15 19.61 19.12
CA VAL A 521 -18.69 18.40 19.80
C VAL A 521 -19.87 17.62 20.39
N LEU A 522 -20.88 18.32 20.90
CA LEU A 522 -22.07 17.63 21.38
C LEU A 522 -22.76 16.86 20.26
N ALA A 523 -22.89 17.48 19.09
CA ALA A 523 -23.47 16.79 17.94
C ALA A 523 -22.62 15.61 17.51
N TYR A 524 -21.30 15.75 17.55
CA TYR A 524 -20.43 14.63 17.21
C TYR A 524 -20.67 13.45 18.15
N SER A 525 -20.72 13.72 19.46
CA SER A 525 -20.95 12.64 20.41
C SER A 525 -22.32 12.00 20.20
N ILE A 526 -23.34 12.83 19.97
CA ILE A 526 -24.69 12.29 19.76
C ILE A 526 -24.72 11.42 18.51
N THR A 527 -24.07 11.87 17.43
CA THR A 527 -24.04 11.08 16.21
C THR A 527 -23.32 9.76 16.41
N LEU A 528 -22.19 9.77 17.13
CA LEU A 528 -21.48 8.53 17.38
C LEU A 528 -22.35 7.56 18.17
N VAL A 529 -23.01 8.05 19.22
CA VAL A 529 -23.84 7.17 20.04
C VAL A 529 -25.01 6.64 19.23
N THR A 530 -25.64 7.49 18.41
CA THR A 530 -26.75 7.05 17.57
C THR A 530 -26.30 5.96 16.61
N LEU A 531 -25.15 6.16 15.96
CA LEU A 531 -24.66 5.16 15.02
C LEU A 531 -24.36 3.85 15.73
N TRP A 532 -23.73 3.92 16.91
CA TRP A 532 -23.43 2.70 17.64
C TRP A 532 -24.69 2.00 18.11
N SER A 533 -25.76 2.76 18.37
CA SER A 533 -27.03 2.14 18.71
C SER A 533 -27.66 1.44 17.51
N ILE A 534 -27.69 2.13 16.35
CA ILE A 534 -28.21 1.51 15.15
C ILE A 534 -27.36 0.30 14.76
N TRP A 535 -26.09 0.30 15.14
CA TRP A 535 -25.22 -0.84 14.96
C TRP A 535 -25.50 -1.95 15.96
N HIS A 536 -26.40 -1.72 16.92
CA HIS A 536 -26.82 -2.73 17.89
C HIS A 536 -25.69 -3.02 18.87
N SER A 537 -26.01 -3.01 20.16
CA SER A 537 -25.01 -3.16 21.20
C SER A 537 -24.52 -4.60 21.28
N SER A 538 -23.40 -4.77 21.97
CA SER A 538 -22.82 -6.10 22.18
C SER A 538 -23.47 -6.77 23.38
N GLN B 85 16.07 -43.96 -29.37
CA GLN B 85 15.46 -43.07 -28.35
C GLN B 85 16.14 -43.25 -27.00
N PRO B 86 16.19 -42.20 -26.19
CA PRO B 86 16.81 -42.32 -24.86
C PRO B 86 16.04 -43.27 -23.97
N ALA B 87 16.76 -43.91 -23.06
CA ALA B 87 16.14 -44.90 -22.18
C ALA B 87 15.03 -44.28 -21.34
N LEU B 88 15.20 -43.02 -20.94
CA LEU B 88 14.19 -42.36 -20.12
C LEU B 88 12.87 -42.26 -20.85
N LEU B 89 12.91 -41.83 -22.12
CA LEU B 89 11.68 -41.71 -22.89
C LEU B 89 11.01 -43.06 -23.08
N ARG B 90 11.80 -44.09 -23.40
CA ARG B 90 11.23 -45.43 -23.59
C ARG B 90 10.58 -45.91 -22.31
N LEU B 91 11.24 -45.71 -21.16
CA LEU B 91 10.66 -46.13 -19.89
C LEU B 91 9.36 -45.39 -19.62
N SER B 92 9.38 -44.06 -19.76
CA SER B 92 8.20 -43.27 -19.42
C SER B 92 7.02 -43.61 -20.33
N ASP B 93 7.28 -43.84 -21.63
CA ASP B 93 6.19 -44.12 -22.54
C ASP B 93 5.34 -45.29 -22.06
N HIS B 94 5.98 -46.42 -21.76
CA HIS B 94 5.22 -47.58 -21.31
C HIS B 94 4.77 -47.46 -19.86
N LEU B 95 5.52 -46.72 -19.03
CA LEU B 95 5.12 -46.59 -17.63
C LEU B 95 3.87 -45.74 -17.47
N LEU B 96 3.65 -44.80 -18.40
CA LEU B 96 2.50 -43.90 -18.32
C LEU B 96 1.42 -44.21 -19.35
N ALA B 97 1.69 -45.06 -20.34
CA ALA B 97 0.68 -45.33 -21.36
C ALA B 97 -0.58 -45.92 -20.76
N ASN B 98 -0.43 -46.90 -19.86
CA ASN B 98 -1.56 -47.54 -19.21
C ASN B 98 -1.85 -46.96 -17.82
N TYR B 99 -1.11 -45.95 -17.40
CA TYR B 99 -1.32 -45.35 -16.09
C TYR B 99 -2.59 -44.51 -16.11
N LYS B 100 -3.46 -44.74 -15.12
CA LYS B 100 -4.74 -44.05 -15.03
C LYS B 100 -4.61 -43.19 -13.78
N LYS B 101 -5.01 -41.93 -13.91
CA LYS B 101 -5.07 -41.05 -12.73
C LYS B 101 -6.32 -41.35 -11.92
N GLY B 102 -6.51 -40.62 -10.82
CA GLY B 102 -7.71 -40.76 -10.03
C GLY B 102 -7.50 -41.98 -9.16
N VAL B 103 -7.32 -43.14 -9.81
CA VAL B 103 -7.14 -44.38 -9.06
C VAL B 103 -5.97 -44.23 -8.10
N ARG B 104 -6.20 -44.62 -6.86
CA ARG B 104 -5.13 -44.59 -5.87
C ARG B 104 -4.10 -45.66 -6.20
N PRO B 105 -2.82 -45.31 -6.33
CA PRO B 105 -1.83 -46.32 -6.74
C PRO B 105 -1.56 -47.35 -5.64
N VAL B 106 -2.48 -48.27 -5.45
CA VAL B 106 -2.32 -49.35 -4.48
C VAL B 106 -3.01 -50.58 -5.03
N ARG B 107 -2.35 -51.74 -4.91
CA ARG B 107 -2.95 -52.97 -5.40
C ARG B 107 -4.12 -53.40 -4.52
N ASP B 108 -3.94 -53.38 -3.21
CA ASP B 108 -4.99 -53.71 -2.26
C ASP B 108 -5.58 -52.40 -1.74
N TRP B 109 -6.77 -52.06 -2.24
CA TRP B 109 -7.39 -50.80 -1.86
C TRP B 109 -7.66 -50.70 -0.36
N ARG B 110 -7.68 -51.84 0.34
CA ARG B 110 -7.90 -51.80 1.78
C ARG B 110 -6.76 -51.11 2.50
N LYS B 111 -5.51 -51.31 2.06
CA LYS B 111 -4.39 -50.68 2.71
C LYS B 111 -4.35 -49.19 2.37
N PRO B 112 -3.81 -48.36 3.26
CA PRO B 112 -3.72 -46.92 2.99
C PRO B 112 -2.46 -46.56 2.21
N THR B 113 -2.46 -45.33 1.70
CA THR B 113 -1.34 -44.78 0.94
C THR B 113 -0.68 -43.70 1.79
N THR B 114 0.31 -44.11 2.60
CA THR B 114 0.98 -43.17 3.49
C THR B 114 1.68 -42.09 2.69
N VAL B 115 1.36 -40.83 2.98
CA VAL B 115 1.96 -39.68 2.32
C VAL B 115 2.66 -38.86 3.39
N SER B 116 3.99 -38.92 3.43
CA SER B 116 4.77 -38.20 4.43
C SER B 116 5.08 -36.81 3.91
N ILE B 117 4.82 -35.80 4.75
CA ILE B 117 5.02 -34.41 4.37
C ILE B 117 6.18 -33.84 5.17
N ASP B 118 6.69 -32.71 4.68
CA ASP B 118 7.72 -31.96 5.38
C ASP B 118 7.64 -30.51 4.92
N VAL B 119 7.70 -29.59 5.89
CA VAL B 119 7.64 -28.16 5.60
C VAL B 119 8.87 -27.52 6.22
N ILE B 120 9.61 -26.77 5.43
CA ILE B 120 10.76 -25.99 5.89
C ILE B 120 10.42 -24.53 5.65
N MET B 121 10.34 -23.76 6.73
CA MET B 121 10.05 -22.34 6.61
C MET B 121 11.24 -21.61 6.02
N TYR B 122 10.97 -20.64 5.15
CA TYR B 122 12.01 -19.94 4.42
C TYR B 122 12.05 -18.46 4.73
N ALA B 123 10.89 -17.80 4.78
CA ALA B 123 10.85 -16.36 5.00
C ALA B 123 9.45 -15.95 5.40
N ILE B 124 9.33 -15.23 6.51
CA ILE B 124 8.05 -14.66 6.93
C ILE B 124 7.86 -13.35 6.18
N LEU B 125 7.23 -13.41 5.01
CA LEU B 125 7.15 -12.24 4.14
C LEU B 125 6.39 -11.10 4.81
N ASN B 126 5.28 -11.41 5.47
CA ASN B 126 4.44 -10.37 6.04
C ASN B 126 3.52 -10.97 7.09
N VAL B 127 3.08 -10.13 8.02
CA VAL B 127 2.04 -10.50 8.98
C VAL B 127 1.04 -9.35 9.06
N ASP B 128 -0.05 -9.44 8.31
CA ASP B 128 -1.07 -8.40 8.27
C ASP B 128 -2.09 -8.69 9.34
N GLU B 129 -2.10 -7.86 10.39
CA GLU B 129 -3.04 -8.02 11.49
C GLU B 129 -4.41 -7.44 11.17
N LYS B 130 -4.50 -6.58 10.16
CA LYS B 130 -5.80 -6.04 9.76
C LYS B 130 -6.69 -7.14 9.23
N ASN B 131 -6.20 -7.91 8.26
CA ASN B 131 -6.96 -9.00 7.67
C ASN B 131 -6.72 -10.33 8.37
N GLN B 132 -5.81 -10.39 9.34
CA GLN B 132 -5.47 -11.64 10.01
C GLN B 132 -4.92 -12.66 9.03
N VAL B 133 -3.85 -12.27 8.32
CA VAL B 133 -3.23 -13.13 7.32
C VAL B 133 -1.72 -13.09 7.49
N LEU B 134 -1.11 -14.27 7.60
CA LEU B 134 0.33 -14.42 7.67
C LEU B 134 0.82 -14.84 6.29
N THR B 135 1.50 -13.94 5.58
CA THR B 135 2.06 -14.24 4.27
C THR B 135 3.44 -14.82 4.48
N THR B 136 3.59 -16.12 4.27
CA THR B 136 4.81 -16.84 4.57
C THR B 136 5.31 -17.57 3.34
N TYR B 137 6.55 -18.07 3.43
CA TYR B 137 7.17 -18.83 2.35
C TYR B 137 7.66 -20.15 2.94
N ILE B 138 7.28 -21.26 2.30
CA ILE B 138 7.68 -22.58 2.77
C ILE B 138 8.15 -23.41 1.60
N TRP B 139 8.92 -24.45 1.91
CA TRP B 139 9.38 -25.41 0.92
C TRP B 139 8.69 -26.74 1.20
N TYR B 140 7.51 -26.91 0.62
CA TYR B 140 6.69 -28.09 0.86
C TYR B 140 7.34 -29.29 0.19
N ARG B 141 7.24 -30.45 0.85
CA ARG B 141 8.01 -31.63 0.43
C ARG B 141 7.19 -32.88 0.71
N GLN B 142 6.67 -33.51 -0.35
CA GLN B 142 5.79 -34.65 -0.23
C GLN B 142 6.49 -35.90 -0.74
N TYR B 143 6.33 -37.00 0.00
CA TYR B 143 6.89 -38.30 -0.37
C TYR B 143 5.86 -39.38 -0.14
N TRP B 144 5.54 -40.15 -1.18
CA TRP B 144 4.62 -41.27 -1.04
C TRP B 144 5.07 -42.40 -1.94
N THR B 145 4.59 -43.61 -1.63
CA THR B 145 4.99 -44.82 -2.32
C THR B 145 3.91 -45.18 -3.34
N ASP B 146 4.25 -45.07 -4.63
CA ASP B 146 3.34 -45.45 -5.69
C ASP B 146 3.64 -46.88 -6.11
N GLU B 147 2.61 -47.71 -6.13
CA GLU B 147 2.75 -49.13 -6.44
C GLU B 147 2.64 -49.43 -7.92
N PHE B 148 2.40 -48.43 -8.77
CA PHE B 148 2.21 -48.64 -10.19
C PHE B 148 3.43 -48.28 -11.01
N LEU B 149 4.43 -47.62 -10.43
CA LEU B 149 5.56 -47.11 -11.18
C LEU B 149 6.85 -47.90 -10.99
N GLN B 150 6.93 -48.76 -9.97
CA GLN B 150 8.16 -49.51 -9.74
C GLN B 150 8.54 -50.30 -10.98
N TRP B 151 9.83 -50.26 -11.33
CA TRP B 151 10.33 -50.90 -12.53
C TRP B 151 11.67 -51.54 -12.25
N THR B 152 12.04 -52.51 -13.09
CA THR B 152 13.34 -53.14 -13.00
C THR B 152 14.38 -52.26 -13.69
N PRO B 153 15.42 -51.80 -12.98
CA PRO B 153 16.41 -50.91 -13.63
C PRO B 153 17.35 -51.61 -14.58
N GLU B 154 17.51 -52.93 -14.49
CA GLU B 154 18.51 -53.62 -15.28
C GLU B 154 18.23 -53.47 -16.78
N ASP B 155 16.96 -53.56 -17.18
CA ASP B 155 16.62 -53.54 -18.60
C ASP B 155 16.51 -52.14 -19.17
N PHE B 156 16.74 -51.10 -18.37
CA PHE B 156 16.65 -49.71 -18.81
C PHE B 156 17.95 -48.98 -18.50
N ASP B 157 19.07 -49.61 -18.81
CA ASP B 157 20.40 -49.02 -18.62
C ASP B 157 20.61 -48.62 -17.16
N ASN B 158 20.14 -49.46 -16.24
CA ASN B 158 20.36 -49.25 -14.81
C ASN B 158 19.89 -47.86 -14.38
N VAL B 159 18.73 -47.45 -14.88
CA VAL B 159 18.14 -46.16 -14.54
C VAL B 159 17.23 -46.34 -13.34
N THR B 160 17.40 -45.48 -12.33
CA THR B 160 16.61 -45.55 -11.11
C THR B 160 15.74 -44.33 -10.86
N LYS B 161 16.13 -43.16 -11.34
CA LYS B 161 15.36 -41.93 -11.18
C LYS B 161 14.71 -41.57 -12.49
N LEU B 162 13.43 -41.22 -12.46
CA LEU B 162 12.74 -40.76 -13.65
C LEU B 162 11.93 -39.51 -13.31
N SER B 163 11.99 -38.52 -14.20
CA SER B 163 11.25 -37.27 -14.02
C SER B 163 9.97 -37.33 -14.85
N ILE B 164 8.84 -37.12 -14.20
CA ILE B 164 7.54 -37.18 -14.87
C ILE B 164 6.77 -35.89 -14.56
N PRO B 165 6.06 -35.31 -15.52
CA PRO B 165 5.26 -34.12 -15.20
C PRO B 165 4.23 -34.43 -14.14
N THR B 166 4.02 -33.46 -13.24
CA THR B 166 3.11 -33.67 -12.11
C THR B 166 1.71 -33.99 -12.59
N ASP B 167 1.24 -33.28 -13.62
CA ASP B 167 -0.11 -33.53 -14.14
C ASP B 167 -0.27 -34.95 -14.68
N SER B 168 0.83 -35.64 -14.98
CA SER B 168 0.80 -36.98 -15.55
C SER B 168 1.12 -38.05 -14.51
N ILE B 169 0.70 -37.82 -13.27
CA ILE B 169 0.94 -38.77 -12.19
C ILE B 169 -0.04 -38.47 -11.06
N TRP B 170 -0.65 -39.51 -10.50
CA TRP B 170 -1.54 -39.32 -9.36
C TRP B 170 -0.80 -38.64 -8.23
N VAL B 171 -1.40 -37.59 -7.68
CA VAL B 171 -0.82 -36.87 -6.55
C VAL B 171 -1.87 -36.80 -5.45
N PRO B 172 -1.48 -36.88 -4.18
CA PRO B 172 -2.47 -36.78 -3.10
C PRO B 172 -3.11 -35.41 -3.07
N ASP B 173 -4.35 -35.38 -2.59
CA ASP B 173 -5.14 -34.15 -2.51
C ASP B 173 -4.91 -33.38 -1.23
N ILE B 174 -3.74 -33.55 -0.61
CA ILE B 174 -3.44 -32.86 0.64
C ILE B 174 -3.50 -31.36 0.41
N LEU B 175 -4.24 -30.66 1.25
CA LEU B 175 -4.45 -29.22 1.13
C LEU B 175 -4.32 -28.57 2.49
N ILE B 176 -3.99 -27.29 2.48
CA ILE B 176 -3.91 -26.50 3.71
C ILE B 176 -5.27 -25.93 4.01
N ASN B 177 -5.76 -26.16 5.22
CA ASN B 177 -7.06 -25.60 5.61
C ASN B 177 -7.00 -24.08 5.66
N GLU B 178 -5.94 -23.52 6.25
CA GLU B 178 -5.84 -22.09 6.44
C GLU B 178 -5.61 -21.33 5.14
N PHE B 179 -5.32 -22.02 4.04
CA PHE B 179 -5.03 -21.37 2.78
C PHE B 179 -6.17 -20.45 2.38
N VAL B 180 -5.84 -19.19 2.06
CA VAL B 180 -6.79 -18.25 1.49
C VAL B 180 -6.22 -17.50 0.29
N ASP B 181 -5.00 -17.79 -0.12
CA ASP B 181 -4.41 -17.19 -1.31
C ASP B 181 -3.09 -17.89 -1.60
N VAL B 182 -2.76 -18.00 -2.89
CA VAL B 182 -1.54 -18.69 -3.29
C VAL B 182 -0.39 -17.71 -3.56
N GLY B 183 -0.68 -16.45 -3.83
CA GLY B 183 0.38 -15.50 -4.09
C GLY B 183 1.21 -15.91 -5.29
N LYS B 184 2.52 -15.68 -5.20
CA LYS B 184 3.43 -16.05 -6.27
C LYS B 184 3.45 -17.56 -6.46
N SER B 185 3.62 -17.99 -7.71
CA SER B 185 3.54 -19.39 -8.09
C SER B 185 4.80 -19.79 -8.85
N PRO B 186 5.89 -20.11 -8.14
CA PRO B 186 7.08 -20.63 -8.83
C PRO B 186 6.84 -22.05 -9.34
N ASN B 187 5.93 -22.18 -10.30
CA ASN B 187 5.51 -23.50 -10.75
C ASN B 187 6.68 -24.30 -11.31
N ILE B 188 6.79 -25.55 -10.88
CA ILE B 188 7.77 -26.50 -11.40
C ILE B 188 7.05 -27.82 -11.66
N PRO B 189 6.48 -28.04 -12.85
CA PRO B 189 5.67 -29.25 -13.06
C PRO B 189 6.50 -30.47 -13.45
N TYR B 190 7.18 -31.03 -12.46
CA TYR B 190 7.91 -32.27 -12.65
C TYR B 190 8.23 -32.88 -11.29
N VAL B 191 8.24 -34.20 -11.22
CA VAL B 191 8.48 -34.92 -9.97
C VAL B 191 9.36 -36.13 -10.28
N TYR B 192 10.29 -36.42 -9.37
CA TYR B 192 11.19 -37.56 -9.51
C TYR B 192 10.59 -38.80 -8.86
N VAL B 193 10.77 -39.94 -9.50
CA VAL B 193 10.27 -41.22 -9.00
C VAL B 193 11.40 -42.23 -9.03
N HIS B 194 11.53 -43.01 -7.95
CA HIS B 194 12.53 -44.06 -7.84
C HIS B 194 12.02 -45.34 -8.47
N HIS B 195 12.95 -46.26 -8.76
CA HIS B 195 12.57 -47.51 -9.39
C HIS B 195 11.83 -48.46 -8.45
N ARG B 196 11.80 -48.16 -7.15
CA ARG B 196 11.07 -48.97 -6.19
C ARG B 196 9.63 -48.53 -6.01
N GLY B 197 9.29 -47.30 -6.44
CA GLY B 197 7.93 -46.79 -6.37
C GLY B 197 7.81 -45.46 -5.65
N GLU B 198 8.70 -45.20 -4.69
CA GLU B 198 8.60 -43.97 -3.90
C GLU B 198 8.75 -42.74 -4.79
N VAL B 199 7.96 -41.71 -4.49
CA VAL B 199 7.96 -40.48 -5.25
C VAL B 199 8.62 -39.39 -4.40
N GLN B 200 9.17 -38.39 -5.09
CA GLN B 200 10.06 -37.40 -4.48
C GLN B 200 9.57 -35.99 -4.76
N ASN B 201 8.29 -35.74 -4.52
CA ASN B 201 7.70 -34.45 -4.88
C ASN B 201 8.11 -33.36 -3.89
N TYR B 202 8.29 -32.14 -4.39
CA TYR B 202 8.47 -30.99 -3.52
C TYR B 202 8.43 -29.73 -4.36
N LYS B 203 7.96 -28.64 -3.74
CA LYS B 203 7.78 -27.38 -4.44
C LYS B 203 7.78 -26.25 -3.42
N PRO B 204 8.10 -25.03 -3.84
CA PRO B 204 7.99 -23.89 -2.93
C PRO B 204 6.63 -23.21 -3.02
N LEU B 205 6.11 -22.82 -1.86
CA LEU B 205 4.80 -22.18 -1.77
C LEU B 205 4.94 -20.83 -1.07
N GLN B 206 4.34 -19.80 -1.65
CA GLN B 206 4.22 -18.50 -1.01
C GLN B 206 2.79 -18.37 -0.51
N LEU B 207 2.57 -18.89 0.70
CA LEU B 207 1.21 -18.99 1.23
C LEU B 207 0.76 -17.67 1.84
N VAL B 208 -0.56 -17.48 1.84
CA VAL B 208 -1.22 -16.46 2.63
C VAL B 208 -2.13 -17.23 3.59
N THR B 209 -1.61 -17.55 4.76
CA THR B 209 -2.28 -18.44 5.70
C THR B 209 -3.14 -17.62 6.65
N ALA B 210 -4.43 -17.94 6.73
CA ALA B 210 -5.28 -17.29 7.72
C ALA B 210 -4.83 -17.67 9.12
N CYS B 211 -4.65 -16.66 9.97
CA CYS B 211 -4.09 -16.90 11.29
C CYS B 211 -4.73 -15.94 12.29
N SER B 212 -4.69 -16.32 13.56
CA SER B 212 -5.21 -15.50 14.65
C SER B 212 -4.03 -14.77 15.27
N LEU B 213 -3.88 -13.49 14.93
CA LEU B 213 -2.75 -12.68 15.37
C LEU B 213 -3.18 -11.84 16.56
N ASP B 214 -2.47 -11.97 17.68
CA ASP B 214 -2.76 -11.25 18.91
C ASP B 214 -1.66 -10.21 19.13
N ILE B 215 -2.01 -8.94 18.99
CA ILE B 215 -1.05 -7.85 19.06
C ILE B 215 -1.06 -7.19 20.43
N TYR B 216 -1.55 -7.87 21.45
CA TYR B 216 -1.69 -7.24 22.76
C TYR B 216 -0.36 -6.72 23.29
N ASN B 217 0.74 -7.36 22.91
CA ASN B 217 2.05 -7.05 23.47
C ASN B 217 2.90 -6.17 22.56
N PHE B 218 2.35 -5.66 21.46
CA PHE B 218 3.11 -4.86 20.51
C PHE B 218 4.00 -3.87 21.24
N PRO B 219 5.27 -3.71 20.84
CA PRO B 219 5.97 -4.33 19.72
C PRO B 219 6.62 -5.66 20.07
N PHE B 220 6.42 -6.16 21.28
CA PHE B 220 7.04 -7.42 21.70
C PHE B 220 6.12 -8.61 21.45
N ASP B 221 5.63 -8.75 20.22
CA ASP B 221 4.68 -9.81 19.92
C ASP B 221 5.36 -11.17 19.88
N VAL B 222 4.57 -12.21 20.11
CA VAL B 222 4.97 -13.59 19.84
C VAL B 222 3.79 -14.30 19.22
N GLN B 223 3.80 -14.46 17.90
CA GLN B 223 2.69 -15.06 17.19
C GLN B 223 2.88 -16.57 17.09
N ASN B 224 1.76 -17.30 17.16
CA ASN B 224 1.74 -18.75 17.08
C ASN B 224 0.71 -19.11 16.01
N CYS B 225 1.16 -19.16 14.76
CA CYS B 225 0.27 -19.49 13.66
C CYS B 225 0.31 -20.99 13.41
N SER B 226 -0.63 -21.49 12.60
CA SER B 226 -0.73 -22.90 12.32
C SER B 226 -0.92 -23.15 10.83
N LEU B 227 -0.38 -24.27 10.36
CA LEU B 227 -0.56 -24.73 9.00
C LEU B 227 -1.00 -26.19 9.06
N THR B 228 -2.25 -26.46 8.74
CA THR B 228 -2.81 -27.80 8.85
C THR B 228 -2.95 -28.40 7.47
N PHE B 229 -2.18 -29.45 7.21
CA PHE B 229 -2.28 -30.21 5.97
C PHE B 229 -3.23 -31.37 6.20
N THR B 230 -4.28 -31.48 5.37
CA THR B 230 -5.30 -32.49 5.55
C THR B 230 -5.84 -32.90 4.19
N SER B 231 -6.44 -34.09 4.14
CA SER B 231 -7.03 -34.62 2.92
C SER B 231 -8.51 -34.27 2.90
N TRP B 232 -8.93 -33.54 1.86
CA TRP B 232 -10.31 -33.08 1.81
C TRP B 232 -11.28 -34.22 1.57
N LEU B 233 -10.98 -35.07 0.58
CA LEU B 233 -11.89 -36.15 0.20
C LEU B 233 -11.47 -37.49 0.78
N HIS B 234 -10.25 -37.94 0.48
CA HIS B 234 -9.80 -39.24 0.94
C HIS B 234 -9.76 -39.29 2.47
N THR B 235 -10.25 -40.38 3.03
CA THR B 235 -10.29 -40.55 4.48
C THR B 235 -8.95 -41.07 4.99
N ILE B 236 -8.86 -41.26 6.31
CA ILE B 236 -7.62 -41.76 6.89
C ILE B 236 -7.28 -43.14 6.33
N GLN B 237 -8.29 -43.99 6.19
CA GLN B 237 -8.04 -45.32 5.62
C GLN B 237 -7.52 -45.23 4.19
N ASP B 238 -7.73 -44.10 3.51
CA ASP B 238 -7.27 -43.91 2.15
C ASP B 238 -5.93 -43.18 2.08
N ILE B 239 -5.76 -42.11 2.86
CA ILE B 239 -4.49 -41.38 2.92
C ILE B 239 -4.16 -41.10 4.37
N ASN B 240 -2.97 -41.50 4.79
CA ASN B 240 -2.47 -41.23 6.13
C ASN B 240 -1.21 -40.37 6.02
N ILE B 241 -1.16 -39.28 6.79
CA ILE B 241 -0.10 -38.30 6.69
C ILE B 241 0.82 -38.44 7.89
N THR B 242 2.12 -38.48 7.62
CA THR B 242 3.15 -38.56 8.66
C THR B 242 4.29 -37.63 8.28
N LEU B 243 5.28 -37.55 9.16
CA LEU B 243 6.45 -36.72 8.93
C LEU B 243 7.55 -37.53 8.25
N TRP B 244 8.23 -36.89 7.30
CA TRP B 244 9.41 -37.51 6.69
C TRP B 244 10.57 -37.54 7.66
N ARG B 245 10.61 -36.63 8.63
CA ARG B 245 11.67 -36.54 9.62
C ARG B 245 11.07 -36.65 11.01
N SER B 246 11.94 -36.71 12.01
CA SER B 246 11.48 -36.75 13.38
C SER B 246 10.90 -35.40 13.77
N PRO B 247 9.91 -35.37 14.67
CA PRO B 247 9.36 -34.08 15.09
C PRO B 247 10.41 -33.16 15.67
N GLU B 248 11.36 -33.69 16.45
CA GLU B 248 12.42 -32.86 17.00
C GLU B 248 13.28 -32.27 15.90
N GLU B 249 13.58 -33.05 14.86
CA GLU B 249 14.39 -32.55 13.77
C GLU B 249 13.71 -31.39 13.05
N VAL B 250 12.40 -31.50 12.81
CA VAL B 250 11.68 -30.42 12.14
C VAL B 250 11.57 -29.21 13.05
N ARG B 251 11.40 -29.43 14.36
CA ARG B 251 11.18 -28.32 15.27
C ARG B 251 12.37 -27.37 15.28
N SER B 252 13.58 -27.89 15.28
CA SER B 252 14.79 -27.09 15.40
C SER B 252 15.37 -26.69 14.06
N ASP B 253 14.70 -26.99 12.95
CA ASP B 253 15.22 -26.68 11.62
C ASP B 253 15.00 -25.20 11.32
N LYS B 254 16.08 -24.42 11.34
CA LYS B 254 16.01 -23.00 11.03
C LYS B 254 17.09 -22.58 10.04
N SER B 255 17.83 -23.53 9.47
CA SER B 255 18.94 -23.18 8.58
C SER B 255 18.44 -22.39 7.38
N ILE B 256 17.41 -22.89 6.70
CA ILE B 256 16.96 -22.26 5.47
C ILE B 256 16.34 -20.90 5.74
N PHE B 257 15.73 -20.72 6.91
CA PHE B 257 15.06 -19.46 7.21
C PHE B 257 16.05 -18.30 7.14
N ILE B 258 15.61 -17.21 6.53
CA ILE B 258 16.44 -16.02 6.34
C ILE B 258 16.07 -15.00 7.42
N ASN B 259 17.05 -14.64 8.25
CA ASN B 259 16.84 -13.69 9.33
C ASN B 259 17.07 -12.26 8.87
N GLN B 260 16.37 -11.87 7.80
CA GLN B 260 16.50 -10.55 7.20
C GLN B 260 15.15 -9.87 7.10
N GLY B 261 14.34 -9.98 8.16
CA GLY B 261 13.03 -9.37 8.18
C GLY B 261 12.66 -8.82 9.54
N GLU B 262 11.37 -8.55 9.73
CA GLU B 262 10.88 -8.02 11.00
C GLU B 262 10.50 -9.10 12.00
N TRP B 263 10.34 -10.35 11.55
CA TRP B 263 9.91 -11.45 12.40
C TRP B 263 10.97 -12.52 12.46
N GLU B 264 11.25 -13.01 13.67
CA GLU B 264 12.31 -13.99 13.90
C GLU B 264 11.66 -15.33 14.21
N LEU B 265 12.01 -16.34 13.41
CA LEU B 265 11.40 -17.66 13.57
C LEU B 265 11.94 -18.34 14.82
N LEU B 266 11.03 -18.92 15.61
CA LEU B 266 11.41 -19.66 16.82
C LEU B 266 11.38 -21.16 16.61
N GLU B 267 10.34 -21.68 15.96
CA GLU B 267 10.24 -23.11 15.75
C GLU B 267 9.05 -23.42 14.85
N VAL B 268 9.14 -24.57 14.20
CA VAL B 268 8.03 -25.14 13.43
C VAL B 268 7.70 -26.47 14.09
N PHE B 269 6.79 -26.44 15.06
CA PHE B 269 6.47 -27.59 15.89
C PHE B 269 5.38 -28.43 15.24
N PRO B 270 5.66 -29.65 14.81
CA PRO B 270 4.62 -30.47 14.17
C PRO B 270 3.82 -31.29 15.15
N GLN B 271 2.57 -31.57 14.77
CA GLN B 271 1.67 -32.39 15.55
C GLN B 271 0.77 -33.17 14.61
N PHE B 272 0.29 -34.32 15.06
CA PHE B 272 -0.57 -35.19 14.28
C PHE B 272 -1.92 -35.33 14.97
N LYS B 273 -2.98 -35.49 14.18
CA LYS B 273 -4.31 -35.64 14.74
C LYS B 273 -5.18 -36.45 13.78
N GLU B 274 -6.22 -37.05 14.35
CA GLU B 274 -7.22 -37.80 13.61
C GLU B 274 -8.54 -37.04 13.73
N PHE B 275 -8.86 -36.25 12.71
CA PHE B 275 -10.07 -35.46 12.71
C PHE B 275 -11.27 -36.37 12.47
N SER B 276 -12.17 -36.44 13.46
CA SER B 276 -13.36 -37.28 13.38
C SER B 276 -14.56 -36.40 13.06
N ILE B 277 -15.11 -36.54 11.87
CA ILE B 277 -16.28 -35.78 11.47
C ILE B 277 -17.57 -36.52 11.82
N ASP B 278 -17.52 -37.85 11.88
CA ASP B 278 -18.67 -38.66 12.26
C ASP B 278 -18.17 -39.93 12.93
N ILE B 279 -19.07 -40.91 13.08
CA ILE B 279 -18.70 -42.16 13.72
C ILE B 279 -17.70 -42.93 12.88
N SER B 280 -17.86 -42.89 11.55
CA SER B 280 -17.06 -43.71 10.64
C SER B 280 -15.97 -42.92 9.94
N ASN B 281 -16.34 -41.84 9.24
CA ASN B 281 -15.36 -41.11 8.44
C ASN B 281 -14.36 -40.39 9.34
N SER B 282 -13.08 -40.54 9.03
CA SER B 282 -12.02 -39.88 9.76
C SER B 282 -10.95 -39.43 8.77
N TYR B 283 -10.25 -38.35 9.13
CA TYR B 283 -9.22 -37.75 8.29
C TYR B 283 -7.93 -37.65 9.09
N ALA B 284 -6.82 -37.67 8.36
CA ALA B 284 -5.49 -37.52 8.97
C ALA B 284 -5.04 -36.07 8.77
N GLU B 285 -4.72 -35.39 9.87
CA GLU B 285 -4.38 -33.98 9.84
C GLU B 285 -3.00 -33.80 10.47
N MET B 286 -2.19 -32.94 9.85
CA MET B 286 -0.85 -32.63 10.35
C MET B 286 -0.74 -31.13 10.51
N LYS B 287 -0.59 -30.67 11.75
CA LYS B 287 -0.56 -29.25 12.06
C LYS B 287 0.87 -28.84 12.40
N PHE B 288 1.44 -27.95 11.60
CA PHE B 288 2.73 -27.35 11.88
C PHE B 288 2.45 -25.99 12.51
N TYR B 289 2.70 -25.88 13.81
CA TYR B 289 2.60 -24.58 14.47
C TYR B 289 3.91 -23.82 14.28
N VAL B 290 3.83 -22.70 13.58
CA VAL B 290 4.98 -21.82 13.36
C VAL B 290 4.93 -20.75 14.43
N ILE B 291 5.97 -20.66 15.25
CA ILE B 291 6.04 -19.68 16.33
C ILE B 291 7.10 -18.65 15.95
N ILE B 292 6.71 -17.38 15.93
CA ILE B 292 7.59 -16.31 15.50
C ILE B 292 7.51 -15.17 16.51
N ARG B 293 8.55 -14.33 16.51
CA ARG B 293 8.64 -13.18 17.38
C ARG B 293 8.75 -11.90 16.55
N ARG B 294 8.72 -10.77 17.25
CA ARG B 294 8.98 -9.48 16.64
C ARG B 294 10.41 -9.03 16.95
N ARG B 295 10.91 -8.14 16.13
CA ARG B 295 12.16 -7.45 16.39
C ARG B 295 11.82 -6.04 16.84
N PRO B 296 11.71 -5.79 18.15
CA PRO B 296 11.17 -4.53 18.63
C PRO B 296 12.16 -3.37 18.67
N LEU B 297 13.35 -3.54 18.09
CA LEU B 297 14.33 -2.45 18.15
C LEU B 297 13.83 -1.21 17.44
N PHE B 298 13.28 -1.38 16.23
CA PHE B 298 12.79 -0.22 15.50
C PHE B 298 11.69 0.49 16.28
N TYR B 299 10.75 -0.26 16.84
CA TYR B 299 9.70 0.34 17.65
C TYR B 299 10.19 0.71 19.04
N ALA B 300 11.29 0.13 19.49
CA ALA B 300 11.88 0.53 20.76
C ALA B 300 12.62 1.85 20.66
N VAL B 301 12.98 2.28 19.46
CA VAL B 301 13.60 3.58 19.27
C VAL B 301 12.69 4.57 18.56
N SER B 302 11.58 4.12 17.99
CA SER B 302 10.67 4.98 17.24
C SER B 302 9.34 5.23 17.94
N LEU B 303 8.96 4.36 18.87
CA LEU B 303 7.63 4.43 19.47
C LEU B 303 7.71 4.50 20.99
N LEU B 304 8.70 3.82 21.57
CA LEU B 304 8.81 3.71 23.02
C LEU B 304 9.83 4.66 23.62
N LEU B 305 10.82 5.10 22.84
CA LEU B 305 11.76 6.09 23.37
C LEU B 305 11.15 7.48 23.39
N PRO B 306 10.53 7.97 22.32
CA PRO B 306 9.90 9.30 22.40
C PRO B 306 8.83 9.39 23.45
N SER B 307 8.02 8.34 23.63
CA SER B 307 6.98 8.38 24.64
C SER B 307 7.54 8.39 26.06
N ILE B 308 8.56 7.59 26.33
CA ILE B 308 9.17 7.60 27.65
C ILE B 308 9.82 8.94 27.93
N PHE B 309 10.52 9.50 26.93
CA PHE B 309 11.15 10.81 27.15
C PHE B 309 10.11 11.90 27.32
N LEU B 310 8.98 11.82 26.61
CA LEU B 310 7.91 12.77 26.85
C LEU B 310 7.35 12.63 28.25
N MET B 311 7.16 11.41 28.74
CA MET B 311 6.74 11.23 30.12
C MET B 311 7.72 11.88 31.09
N VAL B 312 9.01 11.66 30.89
CA VAL B 312 10.03 12.15 31.82
C VAL B 312 10.12 13.68 31.78
N VAL B 313 10.13 14.28 30.58
CA VAL B 313 10.17 15.73 30.50
C VAL B 313 8.88 16.35 31.02
N ASP B 314 7.73 15.72 30.81
CA ASP B 314 6.51 16.25 31.38
C ASP B 314 6.55 16.21 32.91
N ILE B 315 7.13 15.15 33.47
CA ILE B 315 7.31 15.10 34.92
C ILE B 315 8.21 16.24 35.37
N VAL B 316 9.38 16.37 34.74
CA VAL B 316 10.32 17.40 35.15
C VAL B 316 9.80 18.80 34.90
N GLY B 317 8.74 18.94 34.10
CA GLY B 317 8.08 20.22 33.98
C GLY B 317 7.51 20.74 35.28
N PHE B 318 7.37 19.87 36.28
CA PHE B 318 6.94 20.29 37.61
C PHE B 318 8.08 20.86 38.44
N CYS B 319 9.33 20.67 38.03
CA CYS B 319 10.45 20.99 38.91
C CYS B 319 10.81 22.48 38.83
N LEU B 320 11.38 22.92 37.71
CA LEU B 320 11.82 24.31 37.62
C LEU B 320 10.64 25.23 37.34
N PRO B 321 9.78 24.92 36.36
CA PRO B 321 8.60 25.75 36.14
C PRO B 321 7.66 25.65 37.33
N PRO B 322 7.43 26.76 38.04
CA PRO B 322 6.50 26.69 39.18
C PRO B 322 5.06 26.56 38.73
N ASP B 323 4.12 26.61 39.69
CA ASP B 323 2.72 26.39 39.36
C ASP B 323 2.18 27.44 38.40
N SER B 324 2.88 28.57 38.25
CA SER B 324 2.44 29.63 37.36
C SER B 324 3.63 30.13 36.54
N GLY B 325 3.33 30.74 35.39
CA GLY B 325 4.33 31.38 34.58
C GLY B 325 4.72 30.60 33.34
N GLU B 326 6.02 30.34 33.19
CA GLU B 326 6.55 29.66 32.01
C GLU B 326 6.11 28.21 31.91
N ARG B 327 5.32 27.71 32.86
CA ARG B 327 4.80 26.36 32.75
C ARG B 327 3.68 26.27 31.71
N VAL B 328 2.91 27.34 31.54
CA VAL B 328 1.82 27.31 30.59
C VAL B 328 2.36 27.09 29.17
N SER B 329 3.39 27.84 28.78
CA SER B 329 3.97 27.67 27.46
C SER B 329 4.67 26.32 27.32
N PHE B 330 5.34 25.86 28.38
CA PHE B 330 5.96 24.54 28.35
C PHE B 330 4.93 23.46 28.05
N LYS B 331 3.82 23.47 28.80
CA LYS B 331 2.79 22.47 28.57
C LYS B 331 2.13 22.65 27.21
N ILE B 332 1.97 23.88 26.74
CA ILE B 332 1.37 24.10 25.43
C ILE B 332 2.24 23.48 24.33
N THR B 333 3.54 23.73 24.40
CA THR B 333 4.44 23.14 23.41
C THR B 333 4.43 21.62 23.48
N LEU B 334 4.48 21.07 24.69
CA LEU B 334 4.43 19.62 24.84
C LEU B 334 3.15 19.06 24.22
N LEU B 335 2.02 19.69 24.52
CA LEU B 335 0.74 19.19 24.04
C LEU B 335 0.64 19.27 22.52
N LEU B 336 1.10 20.37 21.94
CA LEU B 336 0.98 20.52 20.50
C LEU B 336 1.92 19.57 19.76
N GLY B 337 3.10 19.29 20.30
CA GLY B 337 3.94 18.26 19.71
C GLY B 337 3.37 16.87 19.88
N TYR B 338 2.82 16.57 21.05
CA TYR B 338 2.31 15.23 21.31
C TYR B 338 1.04 14.95 20.51
N SER B 339 0.26 15.97 20.18
CA SER B 339 -0.92 15.71 19.36
C SER B 339 -0.53 15.15 18.00
N VAL B 340 0.43 15.78 17.33
CA VAL B 340 0.88 15.26 16.04
C VAL B 340 1.57 13.92 16.21
N PHE B 341 2.42 13.78 17.24
CA PHE B 341 3.06 12.49 17.47
C PHE B 341 2.02 11.39 17.62
N LEU B 342 0.94 11.69 18.34
CA LEU B 342 -0.09 10.68 18.57
C LEU B 342 -0.88 10.39 17.31
N ILE B 343 -1.14 11.40 16.48
CA ILE B 343 -1.77 11.12 15.19
C ILE B 343 -0.93 10.11 14.44
N ILE B 344 0.38 10.34 14.37
CA ILE B 344 1.26 9.44 13.62
C ILE B 344 1.31 8.05 14.23
N VAL B 345 1.47 7.95 15.56
CA VAL B 345 1.57 6.62 16.16
C VAL B 345 0.26 5.86 16.00
N SER B 346 -0.87 6.51 16.24
CA SER B 346 -2.16 5.86 16.02
C SER B 346 -2.27 5.37 14.59
N ASP B 347 -1.79 6.16 13.63
CA ASP B 347 -1.71 5.67 12.27
C ASP B 347 -0.72 4.51 12.12
N THR B 348 0.23 4.36 13.04
CA THR B 348 1.25 3.33 12.96
C THR B 348 0.93 2.07 13.78
N LEU B 349 0.42 2.22 14.99
CA LEU B 349 0.15 1.06 15.83
C LEU B 349 -0.79 0.10 15.10
N PRO B 350 -0.46 -1.17 14.99
CA PRO B 350 -1.41 -2.12 14.40
C PRO B 350 -2.64 -2.24 15.26
N ALA B 351 -3.80 -2.37 14.62
CA ALA B 351 -5.07 -2.46 15.30
C ALA B 351 -5.79 -3.72 14.85
N THR B 352 -6.23 -4.53 15.82
CA THR B 352 -6.98 -5.74 15.55
C THR B 352 -8.35 -5.63 16.23
N ALA B 353 -9.28 -6.45 15.74
CA ALA B 353 -10.66 -6.35 16.21
C ALA B 353 -10.76 -6.62 17.71
N ILE B 354 -10.06 -7.64 18.20
CA ILE B 354 -10.21 -8.05 19.59
C ILE B 354 -9.77 -6.93 20.53
N GLY B 355 -8.65 -6.27 20.21
CA GLY B 355 -8.15 -5.23 21.08
C GLY B 355 -6.83 -4.61 20.65
N THR B 356 -6.68 -3.32 20.90
CA THR B 356 -5.46 -2.60 20.56
C THR B 356 -4.32 -3.03 21.48
N PRO B 357 -3.08 -2.81 21.07
CA PRO B 357 -1.95 -3.26 21.90
C PRO B 357 -1.96 -2.59 23.26
N LEU B 358 -1.45 -3.31 24.25
CA LEU B 358 -1.47 -2.80 25.62
C LEU B 358 -0.69 -1.50 25.73
N ILE B 359 0.42 -1.38 25.00
CA ILE B 359 1.19 -0.14 25.04
C ILE B 359 0.32 1.05 24.69
N GLY B 360 -0.54 0.89 23.70
CA GLY B 360 -1.43 1.96 23.28
C GLY B 360 -2.36 2.48 24.35
N VAL B 361 -2.37 1.87 25.54
CA VAL B 361 -3.18 2.40 26.65
C VAL B 361 -2.43 3.44 27.46
N TYR B 362 -1.10 3.41 27.46
CA TYR B 362 -0.31 4.40 28.17
C TYR B 362 0.06 5.59 27.30
N PHE B 363 -0.36 5.61 26.04
CA PHE B 363 -0.31 6.83 25.26
C PHE B 363 -1.51 7.71 25.57
N VAL B 364 -2.71 7.13 25.54
CA VAL B 364 -3.90 7.88 25.93
C VAL B 364 -3.74 8.42 27.35
N VAL B 365 -3.37 7.55 28.29
CA VAL B 365 -3.20 7.99 29.67
C VAL B 365 -2.14 9.07 29.76
N CYS B 366 -1.23 9.14 28.78
CA CYS B 366 -0.30 10.26 28.74
C CYS B 366 -1.00 11.52 28.24
N MET B 367 -1.63 11.43 27.07
CA MET B 367 -2.32 12.61 26.54
C MET B 367 -3.41 13.07 27.51
N ALA B 368 -4.20 12.14 28.04
CA ALA B 368 -5.26 12.52 28.96
C ALA B 368 -4.71 13.26 30.16
N LEU B 369 -3.44 13.03 30.51
CA LEU B 369 -2.85 13.80 31.60
C LEU B 369 -2.42 15.18 31.14
N LEU B 370 -1.76 15.28 29.98
CA LEU B 370 -1.31 16.59 29.50
C LEU B 370 -2.48 17.56 29.46
N VAL B 371 -3.57 17.17 28.79
CA VAL B 371 -4.73 18.05 28.69
C VAL B 371 -5.19 18.47 30.08
N ILE B 372 -5.21 17.54 31.03
CA ILE B 372 -5.56 17.90 32.39
C ILE B 372 -4.52 18.84 32.98
N SER B 373 -3.25 18.44 32.90
CA SER B 373 -2.20 19.23 33.55
C SER B 373 -2.17 20.64 32.97
N LEU B 374 -2.16 20.75 31.64
CA LEU B 374 -2.28 22.07 31.04
C LEU B 374 -3.51 22.79 31.57
N ALA B 375 -4.67 22.14 31.49
CA ALA B 375 -5.90 22.77 31.96
C ALA B 375 -5.80 23.14 33.43
N GLU B 376 -4.95 22.44 34.18
CA GLU B 376 -4.72 22.81 35.56
C GLU B 376 -3.93 24.12 35.65
N THR B 377 -2.75 24.16 35.02
CA THR B 377 -1.88 25.31 35.21
C THR B 377 -2.57 26.59 34.73
N ILE B 378 -3.17 26.56 33.54
CA ILE B 378 -3.93 27.71 33.06
C ILE B 378 -4.86 28.21 34.15
N PHE B 379 -5.62 27.31 34.77
CA PHE B 379 -6.56 27.71 35.80
C PHE B 379 -5.86 28.56 36.86
N ILE B 380 -4.75 28.07 37.39
CA ILE B 380 -4.06 28.80 38.46
C ILE B 380 -3.75 30.21 38.01
N VAL B 381 -3.27 30.37 36.78
CA VAL B 381 -2.93 31.69 36.29
C VAL B 381 -4.15 32.61 36.38
N ARG B 382 -5.28 32.15 35.84
CA ARG B 382 -6.47 33.00 35.83
C ARG B 382 -7.08 33.16 37.21
N LEU B 383 -6.47 32.57 38.24
CA LEU B 383 -6.92 32.78 39.62
C LEU B 383 -5.80 33.33 40.49
N VAL B 384 -4.72 33.83 39.90
CA VAL B 384 -3.66 34.52 40.63
C VAL B 384 -3.49 35.95 40.14
N HIS B 385 -3.28 36.13 38.85
CA HIS B 385 -3.14 37.46 38.26
C HIS B 385 -4.44 38.00 37.70
N LYS B 386 -5.54 37.25 37.83
CA LYS B 386 -6.86 37.70 37.41
C LYS B 386 -7.90 37.30 38.46
N GLN B 387 -7.56 37.48 39.73
CA GLN B 387 -8.39 37.01 40.85
C GLN B 387 -9.70 37.78 41.00
N ASP B 388 -10.06 38.70 40.10
CA ASP B 388 -11.33 39.41 40.26
C ASP B 388 -12.51 38.45 40.18
N LEU B 389 -12.42 37.45 39.30
CA LEU B 389 -13.48 36.45 39.18
C LEU B 389 -13.41 35.49 40.37
N GLN B 390 -14.11 35.83 41.44
CA GLN B 390 -14.07 35.01 42.65
C GLN B 390 -14.87 33.73 42.45
N ARG B 391 -14.20 32.59 42.60
CA ARG B 391 -14.87 31.31 42.51
C ARG B 391 -15.59 31.00 43.82
N PRO B 392 -16.53 30.05 43.80
CA PRO B 392 -17.27 29.75 45.04
C PRO B 392 -16.37 29.34 46.19
N VAL B 393 -15.28 28.63 45.90
CA VAL B 393 -14.36 28.09 46.92
C VAL B 393 -15.17 27.61 48.12
N PRO B 394 -16.00 26.57 47.96
CA PRO B 394 -16.83 26.13 49.09
C PRO B 394 -15.99 25.64 50.26
N ASP B 395 -16.55 25.78 51.46
CA ASP B 395 -15.85 25.32 52.66
C ASP B 395 -15.54 23.84 52.58
N TRP B 396 -16.49 23.03 52.09
CA TRP B 396 -16.23 21.60 51.94
C TRP B 396 -15.11 21.36 50.94
N LEU B 397 -14.98 22.20 49.93
CA LEU B 397 -13.83 22.08 49.01
C LEU B 397 -12.52 22.31 49.75
N ARG B 398 -12.47 23.32 50.62
CA ARG B 398 -11.27 23.58 51.40
C ARG B 398 -10.95 22.40 52.31
N HIS B 399 -11.98 21.84 52.96
CA HIS B 399 -11.77 20.67 53.81
C HIS B 399 -11.25 19.48 53.00
N LEU B 400 -11.80 19.29 51.80
CA LEU B 400 -11.38 18.17 50.96
C LEU B 400 -9.92 18.32 50.55
N VAL B 401 -9.52 19.53 50.14
CA VAL B 401 -8.13 19.73 49.75
C VAL B 401 -7.20 19.58 50.96
N LEU B 402 -7.65 20.04 52.13
CA LEU B 402 -6.86 19.85 53.34
C LEU B 402 -6.66 18.37 53.64
N ASP B 403 -7.73 17.58 53.54
CA ASP B 403 -7.61 16.14 53.77
C ASP B 403 -6.69 15.49 52.75
N ARG B 404 -6.82 15.89 51.48
CA ARG B 404 -5.99 15.30 50.44
C ARG B 404 -4.52 15.59 50.68
N ILE B 405 -4.18 16.85 50.99
CA ILE B 405 -2.78 17.20 51.21
C ILE B 405 -2.25 16.53 52.47
N ALA B 406 -3.09 16.40 53.50
CA ALA B 406 -2.67 15.68 54.69
C ALA B 406 -2.38 14.22 54.37
N TRP B 407 -3.23 13.59 53.57
CA TRP B 407 -2.99 12.20 53.20
C TRP B 407 -1.73 12.04 52.38
N ILE B 408 -1.48 12.97 51.45
CA ILE B 408 -0.27 12.91 50.64
C ILE B 408 0.96 13.00 51.52
N LEU B 409 0.95 13.94 52.46
CA LEU B 409 2.06 14.09 53.39
C LEU B 409 1.58 14.69 54.71
N GLU B 497 -6.45 38.84 51.03
CA GLU B 497 -6.43 38.49 49.61
C GLU B 497 -6.42 36.98 49.44
N VAL B 498 -7.41 36.47 48.67
CA VAL B 498 -7.50 35.04 48.40
C VAL B 498 -6.44 34.56 47.44
N ALA B 499 -5.57 35.44 46.95
CA ALA B 499 -4.52 35.01 46.03
C ALA B 499 -3.60 33.99 46.69
N ARG B 500 -3.24 34.23 47.95
CA ARG B 500 -2.40 33.26 48.66
C ARG B 500 -3.11 31.91 48.81
N ASP B 501 -4.40 31.94 49.15
CA ASP B 501 -5.14 30.70 49.29
C ASP B 501 -5.25 29.97 47.95
N TRP B 502 -5.48 30.72 46.87
CA TRP B 502 -5.54 30.09 45.55
C TRP B 502 -4.20 29.48 45.18
N LEU B 503 -3.11 30.16 45.51
CA LEU B 503 -1.78 29.60 45.26
C LEU B 503 -1.58 28.32 46.06
N ARG B 504 -2.02 28.30 47.31
CA ARG B 504 -1.85 27.10 48.14
C ARG B 504 -2.65 25.93 47.59
N VAL B 505 -3.90 26.17 47.19
CA VAL B 505 -4.70 25.08 46.63
C VAL B 505 -4.14 24.63 45.29
N GLY B 506 -3.60 25.56 44.50
CA GLY B 506 -2.93 25.18 43.28
C GLY B 506 -1.71 24.32 43.53
N TYR B 507 -0.96 24.64 44.58
CA TYR B 507 0.18 23.80 44.96
C TYR B 507 -0.29 22.40 45.36
N VAL B 508 -1.38 22.32 46.10
CA VAL B 508 -1.91 21.02 46.50
C VAL B 508 -2.29 20.21 45.26
N LEU B 509 -3.01 20.83 44.34
CA LEU B 509 -3.41 20.14 43.12
C LEU B 509 -2.20 19.73 42.30
N ASP B 510 -1.18 20.59 42.25
CA ASP B 510 0.03 20.26 41.51
C ASP B 510 0.73 19.05 42.10
N ARG B 511 0.80 18.98 43.43
CA ARG B 511 1.40 17.81 44.06
C ARG B 511 0.60 16.55 43.75
N LEU B 512 -0.73 16.65 43.78
CA LEU B 512 -1.56 15.49 43.43
C LEU B 512 -1.28 15.05 42.00
N LEU B 513 -1.21 15.99 41.07
CA LEU B 513 -0.96 15.65 39.68
C LEU B 513 0.43 15.05 39.51
N PHE B 514 1.41 15.57 40.25
CA PHE B 514 2.76 15.00 40.18
C PHE B 514 2.76 13.55 40.65
N ARG B 515 2.05 13.26 41.74
CA ARG B 515 1.97 11.88 42.20
C ARG B 515 1.29 10.98 41.18
N ILE B 516 0.21 11.46 40.56
CA ILE B 516 -0.45 10.67 39.52
C ILE B 516 0.50 10.43 38.35
N TYR B 517 1.26 11.46 37.97
CA TYR B 517 2.23 11.31 36.88
C TYR B 517 3.27 10.25 37.22
N LEU B 518 3.79 10.29 38.44
CA LEU B 518 4.78 9.33 38.86
C LEU B 518 4.23 7.91 38.81
N LEU B 519 2.99 7.72 39.30
CA LEU B 519 2.37 6.40 39.23
C LEU B 519 2.19 5.95 37.79
N ALA B 520 1.77 6.86 36.91
CA ALA B 520 1.58 6.49 35.51
C ALA B 520 2.89 6.06 34.87
N VAL B 521 3.96 6.79 35.13
CA VAL B 521 5.25 6.44 34.54
C VAL B 521 5.78 5.13 35.12
N LEU B 522 5.58 4.91 36.42
CA LEU B 522 5.99 3.65 37.01
C LEU B 522 5.24 2.49 36.39
N ALA B 523 3.92 2.65 36.18
CA ALA B 523 3.14 1.59 35.55
C ALA B 523 3.58 1.35 34.12
N TYR B 524 3.88 2.41 33.38
CA TYR B 524 4.35 2.24 32.00
C TYR B 524 5.68 1.49 31.97
N SER B 525 6.61 1.85 32.86
CA SER B 525 7.90 1.18 32.88
C SER B 525 7.75 -0.29 33.27
N ILE B 526 6.91 -0.58 34.27
CA ILE B 526 6.70 -1.97 34.66
C ILE B 526 6.04 -2.75 33.53
N THR B 527 5.08 -2.15 32.83
CA THR B 527 4.48 -2.81 31.69
C THR B 527 5.52 -3.12 30.62
N LEU B 528 6.38 -2.15 30.31
CA LEU B 528 7.38 -2.39 29.29
C LEU B 528 8.34 -3.50 29.70
N VAL B 529 8.81 -3.49 30.95
CA VAL B 529 9.76 -4.51 31.37
C VAL B 529 9.12 -5.89 31.42
N THR B 530 7.86 -6.01 31.85
CA THR B 530 7.22 -7.32 31.86
C THR B 530 6.88 -7.82 30.45
N LEU B 531 6.48 -6.92 29.54
CA LEU B 531 6.30 -7.32 28.15
C LEU B 531 7.60 -7.83 27.56
N TRP B 532 8.69 -7.10 27.81
CA TRP B 532 9.99 -7.53 27.31
C TRP B 532 10.39 -8.86 27.92
N SER B 533 10.12 -9.07 29.22
CA SER B 533 10.44 -10.34 29.84
C SER B 533 9.68 -11.49 29.20
N ILE B 534 8.38 -11.30 28.94
CA ILE B 534 7.58 -12.33 28.29
C ILE B 534 8.15 -12.63 26.91
N TRP B 535 8.47 -11.59 26.15
CA TRP B 535 9.01 -11.80 24.81
C TRP B 535 10.37 -12.51 24.86
N HIS B 536 11.22 -12.12 25.79
CA HIS B 536 12.56 -12.70 25.87
C HIS B 536 12.50 -14.17 26.28
N SER B 537 11.67 -14.50 27.27
CA SER B 537 11.63 -15.87 27.74
C SER B 537 11.06 -16.83 26.70
N SER B 538 10.17 -16.34 25.85
CA SER B 538 9.58 -17.19 24.81
C SER B 538 10.64 -17.67 23.83
N THR C 84 -29.60 -28.75 -29.25
CA THR C 84 -28.16 -29.10 -29.15
C THR C 84 -27.38 -28.49 -30.31
N GLN C 85 -27.82 -28.79 -31.54
CA GLN C 85 -27.18 -28.29 -32.76
C GLN C 85 -28.26 -27.75 -33.69
N PRO C 86 -28.83 -26.57 -33.38
CA PRO C 86 -29.85 -25.99 -34.26
C PRO C 86 -29.25 -25.42 -35.54
N ALA C 87 -30.08 -24.74 -36.33
CA ALA C 87 -29.63 -24.25 -37.64
C ALA C 87 -28.45 -23.31 -37.50
N LEU C 88 -28.48 -22.40 -36.52
CA LEU C 88 -27.37 -21.47 -36.35
C LEU C 88 -26.08 -22.21 -35.99
N LEU C 89 -26.19 -23.27 -35.18
CA LEU C 89 -25.01 -24.07 -34.88
C LEU C 89 -24.46 -24.74 -36.13
N ARG C 90 -25.35 -25.22 -37.01
CA ARG C 90 -24.90 -25.81 -38.27
C ARG C 90 -24.19 -24.76 -39.13
N LEU C 91 -24.72 -23.55 -39.17
CA LEU C 91 -24.06 -22.48 -39.92
C LEU C 91 -22.69 -22.17 -39.35
N SER C 92 -22.58 -22.12 -38.02
CA SER C 92 -21.28 -21.90 -37.39
C SER C 92 -20.31 -23.03 -37.73
N ASP C 93 -20.79 -24.27 -37.72
CA ASP C 93 -19.94 -25.40 -38.09
C ASP C 93 -19.48 -25.28 -39.53
N HIS C 94 -20.37 -24.88 -40.43
CA HIS C 94 -19.99 -24.71 -41.83
C HIS C 94 -18.93 -23.64 -42.00
N LEU C 95 -19.10 -22.51 -41.29
CA LEU C 95 -18.16 -21.41 -41.43
C LEU C 95 -16.85 -21.63 -40.68
N LEU C 96 -16.81 -22.55 -39.72
CA LEU C 96 -15.62 -22.77 -38.91
C LEU C 96 -14.81 -23.99 -39.33
N ALA C 97 -15.46 -25.03 -39.89
CA ALA C 97 -14.73 -26.25 -40.22
C ALA C 97 -13.64 -25.99 -41.25
N ASN C 98 -13.94 -25.20 -42.27
CA ASN C 98 -12.98 -24.91 -43.33
C ASN C 98 -12.28 -23.58 -43.07
N GLY C 102 -5.84 -18.49 -38.31
CA GLY C 102 -5.15 -17.26 -38.63
C GLY C 102 -5.18 -16.93 -40.12
N VAL C 103 -4.10 -16.35 -40.61
CA VAL C 103 -3.97 -16.00 -42.03
C VAL C 103 -4.94 -14.87 -42.34
N ARG C 104 -4.50 -13.89 -43.12
CA ARG C 104 -5.34 -12.76 -43.46
C ARG C 104 -6.59 -13.24 -44.18
N PRO C 105 -7.79 -12.83 -43.77
CA PRO C 105 -9.02 -13.25 -44.47
C PRO C 105 -9.28 -12.42 -45.72
N VAL C 106 -8.36 -12.50 -46.67
CA VAL C 106 -8.39 -11.72 -47.91
C VAL C 106 -8.22 -12.65 -49.09
N ARG C 107 -9.06 -12.49 -50.11
CA ARG C 107 -8.88 -13.24 -51.35
C ARG C 107 -7.57 -12.88 -52.01
N ASP C 108 -7.23 -11.59 -52.05
CA ASP C 108 -6.04 -11.09 -52.70
C ASP C 108 -5.16 -10.39 -51.66
N TRP C 109 -3.86 -10.68 -51.70
CA TRP C 109 -2.93 -10.04 -50.78
C TRP C 109 -2.63 -8.60 -51.17
N ARG C 110 -2.92 -8.22 -52.42
CA ARG C 110 -2.63 -6.86 -52.86
C ARG C 110 -3.45 -5.84 -52.09
N LYS C 111 -4.73 -6.12 -51.90
CA LYS C 111 -5.58 -5.18 -51.16
C LYS C 111 -5.20 -5.20 -49.67
N PRO C 112 -5.28 -4.07 -48.99
CA PRO C 112 -4.97 -4.06 -47.56
C PRO C 112 -6.18 -4.39 -46.70
N THR C 113 -5.91 -4.78 -45.46
CA THR C 113 -6.94 -5.16 -44.50
C THR C 113 -7.12 -3.99 -43.53
N THR C 114 -7.98 -3.05 -43.90
CA THR C 114 -8.24 -1.89 -43.05
C THR C 114 -8.92 -2.33 -41.76
N VAL C 115 -8.48 -1.73 -40.65
CA VAL C 115 -8.99 -2.04 -39.32
C VAL C 115 -9.60 -0.78 -38.73
N SER C 116 -10.86 -0.86 -38.32
CA SER C 116 -11.55 0.26 -37.70
C SER C 116 -11.43 0.13 -36.18
N ILE C 117 -10.97 1.19 -35.54
CA ILE C 117 -10.63 1.16 -34.12
C ILE C 117 -11.33 2.30 -33.42
N ASP C 118 -11.58 2.13 -32.12
CA ASP C 118 -12.23 3.16 -31.32
C ASP C 118 -11.98 2.83 -29.85
N VAL C 119 -12.02 3.87 -29.03
CA VAL C 119 -11.71 3.74 -27.61
C VAL C 119 -12.72 4.57 -26.82
N ILE C 120 -13.17 4.02 -25.70
CA ILE C 120 -14.01 4.72 -24.75
C ILE C 120 -13.33 4.69 -23.39
N MET C 121 -13.20 5.85 -22.76
CA MET C 121 -12.50 5.97 -21.49
C MET C 121 -13.51 5.80 -20.35
N TYR C 122 -13.35 4.74 -19.55
CA TYR C 122 -14.29 4.50 -18.46
C TYR C 122 -13.84 5.21 -17.17
N ALA C 123 -12.57 5.02 -16.78
CA ALA C 123 -12.07 5.66 -15.57
C ALA C 123 -10.56 5.71 -15.60
N ILE C 124 -10.00 6.75 -14.99
CA ILE C 124 -8.57 6.86 -14.76
C ILE C 124 -8.32 6.37 -13.35
N LEU C 125 -7.93 5.10 -13.23
CA LEU C 125 -7.83 4.48 -11.91
C LEU C 125 -6.75 5.13 -11.06
N ASN C 126 -5.54 5.27 -11.61
CA ASN C 126 -4.44 5.80 -10.82
C ASN C 126 -3.37 6.36 -11.73
N VAL C 127 -2.56 7.26 -11.17
CA VAL C 127 -1.39 7.81 -11.85
C VAL C 127 -0.23 7.74 -10.86
N ASP C 128 0.81 6.99 -11.23
CA ASP C 128 2.00 6.85 -10.39
C ASP C 128 3.09 7.71 -11.01
N GLU C 129 3.41 8.82 -10.33
CA GLU C 129 4.48 9.70 -10.79
C GLU C 129 5.85 9.09 -10.49
N LYS C 130 5.97 8.36 -9.39
CA LYS C 130 7.22 7.68 -9.07
C LYS C 130 7.61 6.72 -10.19
N ASN C 131 6.67 5.86 -10.61
CA ASN C 131 6.92 4.91 -11.67
C ASN C 131 6.65 5.48 -13.06
N GLN C 132 6.04 6.66 -13.15
CA GLN C 132 5.71 7.27 -14.43
C GLN C 132 4.77 6.38 -15.24
N VAL C 133 3.72 5.88 -14.60
CA VAL C 133 2.75 5.01 -15.26
C VAL C 133 1.34 5.51 -14.96
N LEU C 134 0.39 5.07 -15.79
CA LEU C 134 -1.01 5.46 -15.68
C LEU C 134 -1.86 4.22 -15.83
N THR C 135 -2.69 3.94 -14.82
CA THR C 135 -3.59 2.80 -14.83
C THR C 135 -5.01 3.29 -15.08
N THR C 136 -5.65 2.77 -16.13
CA THR C 136 -6.95 3.25 -16.55
C THR C 136 -7.79 2.10 -17.06
N TYR C 137 -9.07 2.39 -17.31
CA TYR C 137 -10.02 1.40 -17.82
C TYR C 137 -10.48 1.79 -19.22
N ILE C 138 -10.31 0.86 -20.16
CA ILE C 138 -10.46 1.13 -21.58
C ILE C 138 -11.54 0.20 -22.13
N TRP C 139 -12.57 0.79 -22.74
CA TRP C 139 -13.53 0.06 -23.56
C TRP C 139 -12.98 0.06 -24.97
N TYR C 140 -12.51 -1.10 -25.43
CA TYR C 140 -11.74 -1.21 -26.67
C TYR C 140 -12.67 -1.69 -27.77
N ARG C 141 -13.09 -0.76 -28.64
CA ARG C 141 -13.97 -1.07 -29.75
C ARG C 141 -13.13 -1.35 -30.99
N GLN C 142 -13.36 -2.49 -31.62
CA GLN C 142 -12.56 -2.91 -32.76
C GLN C 142 -13.46 -3.63 -33.76
N TYR C 143 -13.22 -3.40 -35.05
CA TYR C 143 -13.97 -4.17 -36.05
C TYR C 143 -13.27 -4.10 -37.40
N TRP C 144 -13.45 -5.17 -38.17
CA TRP C 144 -12.90 -5.22 -39.52
C TRP C 144 -13.63 -6.29 -40.32
N THR C 145 -13.48 -6.22 -41.63
CA THR C 145 -14.19 -7.10 -42.56
C THR C 145 -13.32 -8.28 -42.94
N ASP C 146 -13.94 -9.46 -43.03
CA ASP C 146 -13.28 -10.69 -43.41
C ASP C 146 -13.91 -11.22 -44.71
N GLU C 147 -13.47 -12.41 -45.11
CA GLU C 147 -13.95 -13.04 -46.34
C GLU C 147 -14.45 -14.46 -46.11
N PHE C 148 -13.83 -15.22 -45.20
CA PHE C 148 -14.18 -16.60 -44.97
C PHE C 148 -15.29 -16.79 -43.95
N LEU C 149 -15.84 -15.69 -43.42
CA LEU C 149 -16.92 -15.75 -42.43
C LEU C 149 -18.22 -15.16 -42.96
N GLN C 150 -18.31 -14.91 -44.26
CA GLN C 150 -19.50 -14.28 -44.84
C GLN C 150 -20.57 -15.33 -45.12
N TRP C 151 -21.81 -15.01 -44.74
CA TRP C 151 -22.95 -15.88 -45.01
C TRP C 151 -24.18 -15.00 -45.23
N THR C 152 -25.30 -15.63 -45.55
CA THR C 152 -26.53 -14.92 -45.81
C THR C 152 -27.65 -15.46 -44.92
N PRO C 153 -28.64 -14.62 -44.57
CA PRO C 153 -29.71 -15.10 -43.70
C PRO C 153 -30.46 -16.29 -44.25
N GLU C 154 -30.66 -16.35 -45.57
CA GLU C 154 -31.39 -17.45 -46.17
C GLU C 154 -30.69 -18.79 -45.95
N ASP C 155 -29.39 -18.76 -45.62
CA ASP C 155 -28.65 -20.01 -45.44
C ASP C 155 -29.22 -20.83 -44.30
N PHE C 156 -29.49 -20.20 -43.15
CA PHE C 156 -29.91 -20.94 -41.96
C PHE C 156 -30.84 -20.06 -41.13
N ASP C 157 -32.14 -20.25 -41.30
CA ASP C 157 -33.16 -19.68 -40.41
C ASP C 157 -33.02 -18.17 -40.28
N ASN C 158 -32.72 -17.49 -41.39
CA ASN C 158 -32.68 -16.03 -41.43
C ASN C 158 -31.79 -15.47 -40.33
N VAL C 159 -30.62 -16.08 -40.16
CA VAL C 159 -29.66 -15.69 -39.13
C VAL C 159 -28.64 -14.75 -39.76
N THR C 160 -28.50 -13.55 -39.18
CA THR C 160 -27.54 -12.56 -39.65
C THR C 160 -26.46 -12.23 -38.64
N LYS C 161 -26.67 -12.53 -37.35
CA LYS C 161 -25.69 -12.26 -36.30
C LYS C 161 -25.32 -13.59 -35.64
N LEU C 162 -24.02 -13.79 -35.43
CA LEU C 162 -23.52 -15.02 -34.85
C LEU C 162 -22.50 -14.69 -33.77
N SER C 163 -22.34 -15.60 -32.81
CA SER C 163 -21.39 -15.46 -31.70
C SER C 163 -20.34 -16.56 -31.87
N ILE C 164 -19.24 -16.22 -32.53
CA ILE C 164 -18.19 -17.18 -32.85
C ILE C 164 -17.10 -17.06 -31.78
N PRO C 165 -16.68 -18.17 -31.15
CA PRO C 165 -15.51 -18.11 -30.28
C PRO C 165 -14.25 -17.81 -31.08
N THR C 166 -13.29 -17.15 -30.42
CA THR C 166 -12.02 -16.79 -31.06
C THR C 166 -11.14 -18.03 -31.16
N ASP C 167 -11.54 -18.93 -32.06
CA ASP C 167 -10.85 -20.20 -32.26
C ASP C 167 -9.63 -19.98 -33.17
N SER C 168 -8.62 -19.32 -32.61
CA SER C 168 -7.39 -19.03 -33.34
C SER C 168 -7.69 -18.28 -34.64
N ILE C 169 -8.67 -17.39 -34.59
CA ILE C 169 -9.01 -16.59 -35.76
C ILE C 169 -7.98 -15.48 -35.94
N TRP C 170 -7.96 -14.92 -37.15
CA TRP C 170 -7.04 -13.82 -37.45
C TRP C 170 -7.54 -12.52 -36.83
N ILE C 174 -3.79 -5.76 -33.56
CA ILE C 174 -3.46 -4.42 -33.09
C ILE C 174 -2.91 -4.50 -31.67
N LEU C 175 -1.85 -3.74 -31.41
CA LEU C 175 -1.18 -3.74 -30.11
C LEU C 175 -0.91 -2.30 -29.69
N ILE C 176 -0.57 -2.13 -28.41
CA ILE C 176 -0.27 -0.83 -27.85
C ILE C 176 1.23 -0.75 -27.59
N ASN C 177 1.87 0.27 -28.17
CA ASN C 177 3.31 0.43 -27.99
C ASN C 177 3.67 0.68 -26.54
N GLU C 178 2.84 1.44 -25.82
CA GLU C 178 3.12 1.84 -24.45
C GLU C 178 2.51 0.91 -23.41
N PHE C 179 2.27 -0.35 -23.77
CA PHE C 179 1.70 -1.30 -22.83
C PHE C 179 2.79 -1.76 -21.85
N VAL C 180 2.46 -1.77 -20.56
CA VAL C 180 3.43 -2.19 -19.54
C VAL C 180 2.97 -3.32 -18.64
N ASP C 181 1.67 -3.56 -18.47
CA ASP C 181 1.13 -4.63 -17.69
C ASP C 181 -0.37 -4.55 -17.71
N VAL C 182 -1.06 -5.68 -17.67
CA VAL C 182 -2.51 -5.71 -17.74
C VAL C 182 -3.15 -6.05 -16.39
N SER C 185 -9.47 -8.11 -15.96
CA SER C 185 -10.24 -7.81 -17.16
C SER C 185 -11.26 -8.91 -17.45
N PRO C 186 -12.56 -8.56 -17.49
CA PRO C 186 -13.57 -9.55 -17.87
C PRO C 186 -13.49 -9.92 -19.34
N ASN C 187 -12.57 -10.82 -19.67
CA ASN C 187 -12.34 -11.19 -21.06
C ASN C 187 -13.61 -11.76 -21.69
N ILE C 188 -13.85 -11.39 -22.95
CA ILE C 188 -15.00 -11.85 -23.71
C ILE C 188 -14.52 -12.95 -24.66
N PRO C 189 -14.94 -14.21 -24.48
CA PRO C 189 -14.43 -15.28 -25.35
C PRO C 189 -15.14 -15.33 -26.70
N TYR C 190 -16.41 -14.95 -26.74
CA TYR C 190 -17.23 -15.03 -27.95
C TYR C 190 -17.33 -13.65 -28.59
N VAL C 191 -17.00 -13.57 -29.87
CA VAL C 191 -17.03 -12.32 -30.63
C VAL C 191 -18.23 -12.35 -31.57
N TYR C 192 -18.91 -11.22 -31.70
CA TYR C 192 -20.08 -11.12 -32.55
C TYR C 192 -19.68 -10.80 -33.98
N VAL C 193 -20.28 -11.51 -34.93
CA VAL C 193 -20.00 -11.35 -36.35
C VAL C 193 -21.32 -11.21 -37.09
N HIS C 194 -21.26 -10.52 -38.23
CA HIS C 194 -22.42 -10.23 -39.06
C HIS C 194 -22.39 -11.08 -40.32
N HIS C 195 -23.53 -11.16 -40.99
CA HIS C 195 -23.64 -11.99 -42.19
C HIS C 195 -22.75 -11.49 -43.31
N ARG C 196 -22.48 -10.19 -43.36
CA ARG C 196 -21.71 -9.60 -44.45
C ARG C 196 -20.20 -9.75 -44.27
N GLY C 197 -19.75 -10.45 -43.24
CA GLY C 197 -18.34 -10.70 -43.03
C GLY C 197 -17.65 -9.76 -42.08
N GLU C 198 -18.38 -8.93 -41.35
CA GLU C 198 -17.80 -8.00 -40.40
C GLU C 198 -17.66 -8.65 -39.03
N VAL C 199 -16.50 -8.44 -38.40
CA VAL C 199 -16.24 -8.89 -37.04
C VAL C 199 -16.06 -7.66 -36.17
N GLN C 200 -16.76 -7.63 -35.04
CA GLN C 200 -16.75 -6.48 -34.14
C GLN C 200 -16.71 -6.95 -32.70
N ASN C 201 -16.07 -6.16 -31.84
CA ASN C 201 -15.99 -6.45 -30.43
C ASN C 201 -15.75 -5.17 -29.65
N TYR C 202 -16.08 -5.21 -28.36
CA TYR C 202 -15.93 -4.07 -27.44
C TYR C 202 -15.29 -4.53 -26.14
N LYS C 203 -14.20 -5.26 -26.24
CA LYS C 203 -13.55 -5.83 -25.07
C LYS C 203 -13.14 -4.72 -24.09
N PRO C 204 -13.61 -4.76 -22.84
CA PRO C 204 -13.09 -3.83 -21.84
C PRO C 204 -11.94 -4.43 -21.05
N LEU C 205 -11.00 -3.57 -20.66
CA LEU C 205 -9.81 -4.06 -19.98
C LEU C 205 -9.15 -2.96 -19.16
N GLN C 206 -8.52 -3.35 -18.07
CA GLN C 206 -7.56 -2.48 -17.39
C GLN C 206 -6.30 -2.36 -18.23
N LEU C 207 -5.68 -1.18 -18.20
CA LEU C 207 -4.48 -0.92 -18.98
C LEU C 207 -3.53 -0.06 -18.17
N VAL C 208 -2.30 -0.54 -18.01
CA VAL C 208 -1.25 0.20 -17.31
C VAL C 208 -0.23 0.62 -18.36
N THR C 209 -0.28 1.89 -18.74
CA THR C 209 0.59 2.43 -19.78
C THR C 209 1.69 3.29 -19.16
N ALA C 210 2.68 3.60 -19.99
CA ALA C 210 3.80 4.43 -19.58
C ALA C 210 3.57 5.86 -20.07
N CYS C 211 3.57 6.81 -19.14
CA CYS C 211 3.31 8.20 -19.44
C CYS C 211 4.48 9.07 -19.01
N SER C 212 4.61 10.23 -19.66
CA SER C 212 5.58 11.25 -19.27
C SER C 212 4.84 12.28 -18.44
N LEU C 213 4.62 11.94 -17.17
CA LEU C 213 3.87 12.80 -16.27
C LEU C 213 4.74 13.96 -15.80
N ASP C 214 4.24 15.18 -16.00
CA ASP C 214 4.92 16.40 -15.57
C ASP C 214 4.20 16.95 -14.35
N ILE C 215 4.87 16.91 -13.20
CA ILE C 215 4.26 17.29 -11.94
C ILE C 215 4.67 18.69 -11.52
N TYR C 216 5.23 19.48 -12.44
CA TYR C 216 5.65 20.84 -12.08
C TYR C 216 4.50 21.60 -11.44
N ASN C 217 3.33 21.56 -12.08
CA ASN C 217 2.13 22.13 -11.49
C ASN C 217 1.54 21.14 -10.49
N PHE C 218 1.15 21.63 -9.33
CA PHE C 218 0.54 20.76 -8.33
C PHE C 218 -0.10 21.61 -7.24
N PRO C 219 -1.32 21.30 -6.79
CA PRO C 219 -2.21 20.21 -7.24
C PRO C 219 -2.99 20.58 -8.49
N PHE C 220 -2.80 21.79 -9.03
CA PHE C 220 -3.51 22.22 -10.24
C PHE C 220 -2.85 21.63 -11.49
N ASP C 221 -2.77 20.31 -11.50
CA ASP C 221 -2.03 19.58 -12.51
C ASP C 221 -2.90 19.26 -13.71
N VAL C 222 -2.26 19.09 -14.86
CA VAL C 222 -2.93 18.68 -16.09
C VAL C 222 -1.96 17.84 -16.91
N GLN C 223 -2.32 16.59 -17.20
CA GLN C 223 -1.44 15.64 -17.85
C GLN C 223 -1.75 15.53 -19.34
N ASN C 224 -0.97 14.69 -20.02
CA ASN C 224 -1.23 14.38 -21.44
C ASN C 224 -0.59 13.03 -21.72
N CYS C 225 -1.41 11.98 -21.76
CA CYS C 225 -0.94 10.63 -22.02
C CYS C 225 -1.31 10.21 -23.45
N SER C 226 -0.46 9.39 -24.05
CA SER C 226 -0.49 9.15 -25.48
C SER C 226 -0.40 7.66 -25.80
N LEU C 227 -1.23 6.84 -25.15
CA LEU C 227 -1.29 5.43 -25.53
C LEU C 227 -1.65 5.30 -27.01
N THR C 228 -0.94 4.42 -27.71
CA THR C 228 -1.01 4.33 -29.16
C THR C 228 -1.47 2.94 -29.59
N PHE C 229 -1.87 2.84 -30.86
CA PHE C 229 -2.20 1.58 -31.49
C PHE C 229 -1.43 1.46 -32.80
N THR C 230 -0.78 0.31 -32.99
CA THR C 230 0.02 0.10 -34.20
C THR C 230 0.51 -1.35 -34.22
N SER C 231 0.86 -1.79 -35.42
CA SER C 231 1.43 -3.13 -35.63
C SER C 231 2.76 -2.98 -36.36
N TRP C 232 3.58 -4.02 -36.24
CA TRP C 232 4.96 -3.97 -36.72
C TRP C 232 5.13 -4.70 -38.04
N LEU C 233 4.84 -5.99 -38.10
CA LEU C 233 4.96 -6.74 -39.35
C LEU C 233 3.75 -6.51 -40.25
N HIS C 234 2.59 -6.20 -39.67
CA HIS C 234 1.40 -5.90 -40.45
C HIS C 234 1.41 -4.42 -40.85
N THR C 235 2.21 -4.13 -41.87
CA THR C 235 2.38 -2.76 -42.34
C THR C 235 1.10 -2.27 -43.03
N ILE C 236 1.14 -1.04 -43.55
CA ILE C 236 -0.03 -0.42 -44.16
C ILE C 236 -0.57 -1.33 -45.25
N GLN C 237 0.33 -1.88 -46.08
CA GLN C 237 -0.08 -2.77 -47.16
C GLN C 237 -0.90 -3.94 -46.60
N ASP C 238 -0.61 -4.33 -45.36
CA ASP C 238 -1.32 -5.44 -44.73
C ASP C 238 -2.46 -4.95 -43.85
N ILE C 239 -2.18 -4.04 -42.93
CA ILE C 239 -3.20 -3.47 -42.04
C ILE C 239 -3.12 -1.95 -42.15
N ASN C 240 -4.24 -1.32 -42.49
CA ASN C 240 -4.37 0.13 -42.55
C ASN C 240 -5.33 0.55 -41.45
N ILE C 241 -4.78 1.08 -40.35
CA ILE C 241 -5.61 1.43 -39.20
C ILE C 241 -6.35 2.72 -39.47
N THR C 242 -7.67 2.69 -39.29
CA THR C 242 -8.52 3.84 -39.49
C THR C 242 -9.51 3.95 -38.33
N LEU C 243 -9.99 5.16 -38.10
CA LEU C 243 -10.94 5.39 -37.02
C LEU C 243 -12.30 4.78 -37.35
N TRP C 244 -12.94 4.20 -36.33
CA TRP C 244 -14.33 3.78 -36.47
C TRP C 244 -15.24 4.98 -36.70
N ARG C 245 -15.06 6.03 -35.91
CA ARG C 245 -15.89 7.22 -35.95
C ARG C 245 -15.00 8.43 -36.22
N SER C 246 -15.62 9.48 -36.76
CA SER C 246 -14.86 10.67 -37.09
C SER C 246 -14.30 11.31 -35.83
N PRO C 247 -13.20 12.05 -35.93
CA PRO C 247 -12.52 12.53 -34.72
C PRO C 247 -13.39 13.37 -33.80
N GLU C 248 -14.36 14.10 -34.35
CA GLU C 248 -15.11 15.04 -33.53
C GLU C 248 -15.88 14.32 -32.41
N GLU C 249 -16.55 13.22 -32.74
CA GLU C 249 -17.38 12.53 -31.76
C GLU C 249 -16.58 11.63 -30.82
N VAL C 250 -15.34 11.29 -31.17
CA VAL C 250 -14.51 10.51 -30.25
C VAL C 250 -13.70 11.40 -29.33
N ARG C 251 -13.35 12.61 -29.76
CA ARG C 251 -12.64 13.54 -28.89
C ARG C 251 -13.54 14.13 -27.81
N SER C 252 -14.86 13.95 -27.92
CA SER C 252 -15.82 14.37 -26.91
C SER C 252 -16.58 13.18 -26.35
N ASP C 253 -15.87 12.07 -26.14
CA ASP C 253 -16.49 10.82 -25.71
C ASP C 253 -16.57 10.77 -24.18
N LYS C 254 -17.44 11.62 -23.65
CA LYS C 254 -17.76 11.64 -22.23
C LYS C 254 -19.06 10.92 -21.91
N SER C 255 -19.54 10.08 -22.83
CA SER C 255 -20.87 9.51 -22.70
C SER C 255 -20.98 8.65 -21.44
N ILE C 256 -19.99 7.79 -21.19
CA ILE C 256 -20.04 6.84 -20.10
C ILE C 256 -18.89 7.01 -19.12
N PHE C 257 -18.15 8.12 -19.20
CA PHE C 257 -17.08 8.36 -18.24
C PHE C 257 -17.68 8.48 -16.84
N ILE C 258 -17.06 7.78 -15.88
CA ILE C 258 -17.63 7.72 -14.54
C ILE C 258 -17.60 9.09 -13.87
N ASN C 259 -16.56 9.87 -14.12
CA ASN C 259 -16.42 11.20 -13.52
C ASN C 259 -16.43 11.12 -11.99
N GLN C 260 -15.78 10.08 -11.46
CA GLN C 260 -15.62 9.92 -10.02
C GLN C 260 -14.16 9.62 -9.72
N GLY C 261 -13.71 10.05 -8.55
CA GLY C 261 -12.35 9.83 -8.13
C GLY C 261 -11.54 11.10 -8.02
N GLU C 262 -10.29 11.06 -8.52
CA GLU C 262 -9.37 12.17 -8.41
C GLU C 262 -9.13 12.92 -9.71
N TRP C 263 -9.32 12.27 -10.86
CA TRP C 263 -8.96 12.84 -12.15
C TRP C 263 -10.20 13.03 -13.02
N GLU C 264 -10.15 14.07 -13.84
CA GLU C 264 -11.20 14.38 -14.80
C GLU C 264 -10.65 14.26 -16.21
N LEU C 265 -11.27 13.43 -17.03
CA LEU C 265 -10.91 13.40 -18.44
C LEU C 265 -11.40 14.68 -19.13
N LEU C 266 -10.69 15.08 -20.18
CA LEU C 266 -11.08 16.28 -20.91
C LEU C 266 -11.21 16.02 -22.40
N GLU C 267 -10.39 15.09 -22.93
CA GLU C 267 -10.27 14.96 -24.37
C GLU C 267 -9.48 13.70 -24.69
N VAL C 268 -9.90 13.01 -25.74
CA VAL C 268 -9.24 11.77 -26.18
C VAL C 268 -8.77 11.95 -27.61
N PHE C 269 -8.30 13.16 -27.92
CA PHE C 269 -7.96 13.60 -29.26
C PHE C 269 -7.23 12.50 -30.02
N PRO C 270 -7.76 12.01 -31.13
CA PRO C 270 -7.02 11.05 -31.96
C PRO C 270 -6.17 11.74 -33.01
N GLN C 271 -5.14 11.02 -33.46
CA GLN C 271 -4.29 11.51 -34.53
C GLN C 271 -3.81 10.33 -35.35
N PHE C 272 -3.46 10.61 -36.61
CA PHE C 272 -3.05 9.60 -37.57
C PHE C 272 -1.68 9.99 -38.12
N LYS C 273 -0.71 9.08 -37.99
CA LYS C 273 0.63 9.32 -38.52
C LYS C 273 1.26 7.99 -38.89
N GLU C 274 2.24 8.06 -39.78
CA GLU C 274 2.91 6.88 -40.30
C GLU C 274 4.37 6.87 -39.83
N PHE C 275 4.77 5.78 -39.20
CA PHE C 275 6.13 5.60 -38.73
C PHE C 275 6.90 4.76 -39.74
N SER C 276 8.14 5.17 -40.03
CA SER C 276 8.95 4.49 -41.05
C SER C 276 10.36 4.34 -40.53
N ILE C 277 10.85 3.09 -40.52
CA ILE C 277 12.26 2.80 -40.27
C ILE C 277 12.82 2.20 -41.55
N ASP C 278 14.11 1.88 -41.58
CA ASP C 278 14.71 1.38 -42.81
C ASP C 278 14.46 -0.12 -42.97
N ILE C 279 13.23 -0.56 -42.74
CA ILE C 279 12.78 -1.89 -43.10
C ILE C 279 11.26 -1.87 -43.08
N SER C 280 10.62 -2.39 -44.13
CA SER C 280 9.16 -2.37 -44.25
C SER C 280 8.62 -0.98 -43.87
N ASN C 281 9.00 -0.02 -44.71
CA ASN C 281 8.90 1.40 -44.38
C ASN C 281 7.48 1.89 -44.15
N SER C 282 6.47 1.03 -44.22
CA SER C 282 5.09 1.50 -44.31
C SER C 282 4.26 1.11 -43.09
N TYR C 283 4.80 1.30 -41.88
CA TYR C 283 4.02 1.07 -40.68
C TYR C 283 2.95 2.16 -40.52
N ALA C 284 1.91 1.82 -39.77
CA ALA C 284 0.80 2.74 -39.49
C ALA C 284 0.65 2.92 -37.99
N GLU C 285 0.43 4.16 -37.56
CA GLU C 285 0.30 4.48 -36.15
C GLU C 285 -0.97 5.30 -35.92
N MET C 286 -1.68 4.98 -34.84
CA MET C 286 -2.86 5.73 -34.43
C MET C 286 -2.59 6.22 -33.00
N LYS C 287 -2.52 7.54 -32.84
CA LYS C 287 -2.18 8.14 -31.56
C LYS C 287 -3.45 8.56 -30.82
N PHE C 288 -3.47 8.33 -29.51
CA PHE C 288 -4.61 8.68 -28.66
C PHE C 288 -4.08 9.50 -27.50
N TYR C 289 -4.19 10.82 -27.61
CA TYR C 289 -3.69 11.74 -26.58
C TYR C 289 -4.81 11.97 -25.57
N VAL C 290 -4.92 11.07 -24.59
CA VAL C 290 -5.96 11.18 -23.57
C VAL C 290 -5.52 12.27 -22.59
N ILE C 291 -6.10 13.47 -22.75
CA ILE C 291 -5.79 14.60 -21.89
C ILE C 291 -6.64 14.49 -20.63
N ILE C 292 -5.99 14.45 -19.47
CA ILE C 292 -6.70 14.38 -18.20
C ILE C 292 -6.30 15.57 -17.35
N ARG C 293 -6.89 15.67 -16.17
CA ARG C 293 -6.68 16.81 -15.29
C ARG C 293 -6.90 16.36 -13.85
N ARG C 294 -6.31 17.09 -12.92
CA ARG C 294 -6.40 16.75 -11.51
C ARG C 294 -7.46 17.61 -10.81
N ARG C 295 -8.03 17.05 -9.75
CA ARG C 295 -9.02 17.75 -8.95
C ARG C 295 -8.31 18.31 -7.72
N PRO C 296 -8.08 19.63 -7.65
CA PRO C 296 -7.24 20.18 -6.58
C PRO C 296 -7.97 20.55 -5.30
N LEU C 297 -9.22 20.11 -5.10
CA LEU C 297 -9.94 20.53 -3.90
C LEU C 297 -9.38 19.88 -2.65
N PHE C 298 -9.05 18.59 -2.72
CA PHE C 298 -8.53 17.91 -1.54
C PHE C 298 -7.18 18.49 -1.14
N TYR C 299 -6.29 18.71 -2.10
CA TYR C 299 -4.97 19.23 -1.79
C TYR C 299 -5.00 20.71 -1.46
N ALA C 300 -5.99 21.45 -1.98
CA ALA C 300 -6.11 22.85 -1.62
C ALA C 300 -6.38 23.02 -0.14
N VAL C 301 -7.21 22.15 0.44
CA VAL C 301 -7.60 22.27 1.84
C VAL C 301 -6.70 21.46 2.77
N SER C 302 -5.67 20.81 2.25
CA SER C 302 -4.73 20.06 3.07
C SER C 302 -3.27 20.41 2.83
N LEU C 303 -2.94 21.03 1.69
CA LEU C 303 -1.58 21.50 1.42
C LEU C 303 -1.51 23.00 1.28
N LEU C 304 -2.37 23.60 0.45
CA LEU C 304 -2.28 25.03 0.20
C LEU C 304 -2.85 25.86 1.34
N LEU C 305 -3.98 25.44 1.93
CA LEU C 305 -4.58 26.24 2.99
C LEU C 305 -3.67 26.29 4.22
N PRO C 306 -3.16 25.17 4.71
CA PRO C 306 -2.29 25.24 5.90
C PRO C 306 -1.06 26.10 5.68
N SER C 307 -0.43 26.01 4.50
CA SER C 307 0.77 26.80 4.26
C SER C 307 0.46 28.28 4.06
N ILE C 308 -0.64 28.59 3.37
CA ILE C 308 -1.03 29.99 3.21
C ILE C 308 -1.34 30.61 4.57
N PHE C 309 -2.08 29.88 5.41
CA PHE C 309 -2.38 30.40 6.73
C PHE C 309 -1.13 30.50 7.60
N LEU C 310 -0.19 29.57 7.43
CA LEU C 310 1.06 29.67 8.18
C LEU C 310 1.85 30.90 7.76
N MET C 311 1.89 31.19 6.46
CA MET C 311 2.56 32.41 6.01
C MET C 311 1.87 33.65 6.55
N VAL C 312 0.54 33.67 6.54
CA VAL C 312 -0.18 34.83 7.06
C VAL C 312 0.08 34.99 8.55
N VAL C 313 0.11 33.89 9.30
CA VAL C 313 0.39 33.95 10.73
C VAL C 313 1.82 34.46 10.96
N ASP C 314 2.77 33.97 10.17
CA ASP C 314 4.14 34.48 10.27
C ASP C 314 4.17 35.99 10.06
N ILE C 315 3.49 36.46 9.02
CA ILE C 315 3.51 37.89 8.71
C ILE C 315 2.88 38.68 9.84
N VAL C 316 1.75 38.22 10.38
CA VAL C 316 1.05 38.94 11.42
C VAL C 316 1.81 38.82 12.74
N GLY C 317 2.80 37.93 12.77
CA GLY C 317 3.66 37.83 13.93
C GLY C 317 4.80 38.82 13.97
N PHE C 318 4.91 39.70 12.97
CA PHE C 318 6.01 40.64 12.88
C PHE C 318 5.67 41.98 13.51
N CYS C 319 4.65 42.66 12.97
CA CYS C 319 4.34 44.01 13.43
C CYS C 319 3.82 44.01 14.85
N LEU C 320 3.07 43.00 15.24
CA LEU C 320 2.35 43.03 16.51
C LEU C 320 3.28 42.83 17.70
N PRO C 321 4.02 41.70 17.78
CA PRO C 321 4.86 41.49 18.95
C PRO C 321 6.12 42.36 18.86
N PRO C 322 6.65 42.79 20.00
CA PRO C 322 7.89 43.58 19.96
C PRO C 322 9.04 42.75 19.39
N ASP C 323 10.10 43.45 19.00
CA ASP C 323 11.25 42.77 18.43
C ASP C 323 11.88 41.80 19.43
N SER C 324 11.76 42.09 20.72
CA SER C 324 12.23 41.20 21.77
C SER C 324 11.11 41.00 22.79
N GLY C 325 10.87 39.74 23.15
CA GLY C 325 9.83 39.43 24.12
C GLY C 325 9.20 38.08 23.88
N GLU C 326 7.87 38.04 23.79
CA GLU C 326 7.15 36.81 23.52
C GLU C 326 7.26 36.38 22.06
N ARG C 327 7.85 37.20 21.20
CA ARG C 327 8.00 36.83 19.80
C ARG C 327 8.85 35.58 19.64
N VAL C 328 9.85 35.40 20.50
CA VAL C 328 10.71 34.23 20.38
C VAL C 328 9.91 32.94 20.56
N SER C 329 9.01 32.91 21.55
CA SER C 329 8.19 31.72 21.76
C SER C 329 7.19 31.54 20.63
N PHE C 330 6.62 32.63 20.13
CA PHE C 330 5.75 32.55 18.95
C PHE C 330 6.46 31.87 17.80
N LYS C 331 7.66 32.34 17.45
CA LYS C 331 8.41 31.74 16.36
C LYS C 331 8.82 30.31 16.66
N ILE C 332 9.15 30.01 17.92
CA ILE C 332 9.54 28.64 18.27
C ILE C 332 8.38 27.69 18.03
N THR C 333 7.18 28.06 18.50
CA THR C 333 6.02 27.21 18.30
C THR C 333 5.71 27.03 16.82
N LEU C 334 5.75 28.13 16.06
CA LEU C 334 5.48 28.02 14.63
C LEU C 334 6.49 27.12 13.94
N LEU C 335 7.77 27.28 14.26
CA LEU C 335 8.81 26.46 13.64
C LEU C 335 8.64 25.00 13.99
N LEU C 336 8.35 24.69 15.26
CA LEU C 336 8.18 23.30 15.65
C LEU C 336 6.98 22.66 14.97
N GLY C 337 5.88 23.39 14.84
CA GLY C 337 4.73 22.85 14.13
C GLY C 337 5.01 22.65 12.65
N TYR C 338 5.65 23.63 12.03
CA TYR C 338 5.91 23.56 10.60
C TYR C 338 6.94 22.49 10.25
N SER C 339 7.87 22.18 11.16
CA SER C 339 8.83 21.12 10.87
C SER C 339 8.12 19.79 10.64
N VAL C 340 7.20 19.43 11.52
CA VAL C 340 6.49 18.16 11.36
C VAL C 340 5.51 18.25 10.19
N PHE C 341 4.82 19.38 10.03
CA PHE C 341 3.96 19.52 8.87
C PHE C 341 4.74 19.34 7.59
N LEU C 342 5.98 19.84 7.54
CA LEU C 342 6.79 19.73 6.34
C LEU C 342 7.29 18.30 6.14
N ILE C 343 7.61 17.58 7.21
CA ILE C 343 7.92 16.17 7.05
C ILE C 343 6.76 15.44 6.39
N ILE C 344 5.55 15.66 6.90
CA ILE C 344 4.39 14.98 6.32
C ILE C 344 4.18 15.41 4.87
N VAL C 345 4.30 16.70 4.59
CA VAL C 345 4.10 17.19 3.23
C VAL C 345 5.13 16.57 2.29
N SER C 346 6.40 16.56 2.70
CA SER C 346 7.43 15.88 1.93
C SER C 346 7.01 14.45 1.61
N ASP C 347 6.45 13.75 2.60
CA ASP C 347 5.93 12.42 2.33
C ASP C 347 4.71 12.44 1.42
N THR C 348 4.07 13.59 1.26
CA THR C 348 2.85 13.68 0.45
C THR C 348 3.12 14.15 -0.97
N LEU C 349 3.94 15.19 -1.14
CA LEU C 349 4.16 15.75 -2.46
C LEU C 349 4.73 14.69 -3.40
N PRO C 350 4.17 14.52 -4.60
CA PRO C 350 4.80 13.63 -5.58
C PRO C 350 6.08 14.23 -6.13
N ALA C 351 7.02 13.36 -6.45
CA ALA C 351 8.32 13.78 -6.98
C ALA C 351 8.72 12.88 -8.14
N THR C 352 9.36 13.47 -9.14
CA THR C 352 9.80 12.76 -10.32
C THR C 352 11.21 13.22 -10.69
N ALA C 353 11.75 12.64 -11.76
CA ALA C 353 13.10 13.00 -12.20
C ALA C 353 13.15 14.44 -12.69
N ILE C 354 12.11 14.88 -13.39
CA ILE C 354 12.11 16.24 -13.93
C ILE C 354 12.28 17.26 -12.81
N GLY C 355 11.55 17.07 -11.72
CA GLY C 355 11.67 17.96 -10.58
C GLY C 355 10.42 17.94 -9.73
N THR C 356 10.58 18.43 -8.51
CA THR C 356 9.48 18.49 -7.57
C THR C 356 8.52 19.61 -7.98
N PRO C 357 7.30 19.61 -7.45
CA PRO C 357 6.32 20.62 -7.84
C PRO C 357 6.84 22.04 -7.68
N LEU C 358 6.17 23.00 -8.32
CA LEU C 358 6.60 24.40 -8.18
C LEU C 358 6.28 24.93 -6.79
N ILE C 359 5.16 24.53 -6.21
CA ILE C 359 4.84 24.95 -4.85
C ILE C 359 5.86 24.41 -3.87
N GLY C 360 6.53 23.32 -4.21
CA GLY C 360 7.54 22.75 -3.33
C GLY C 360 8.70 23.69 -3.07
N VAL C 361 8.85 24.74 -3.88
CA VAL C 361 9.89 25.72 -3.63
C VAL C 361 9.42 26.77 -2.64
N TYR C 362 8.11 27.00 -2.54
CA TYR C 362 7.57 27.95 -1.59
C TYR C 362 7.32 27.33 -0.22
N PHE C 363 7.35 26.00 -0.12
CA PHE C 363 7.36 25.37 1.20
C PHE C 363 8.74 25.48 1.83
N VAL C 364 9.80 25.33 1.03
CA VAL C 364 11.15 25.47 1.54
C VAL C 364 11.42 26.92 1.94
N VAL C 365 11.11 27.86 1.04
CA VAL C 365 11.35 29.27 1.35
C VAL C 365 10.58 29.68 2.60
N CYS C 366 9.31 29.29 2.69
CA CYS C 366 8.50 29.66 3.84
C CYS C 366 9.05 29.07 5.13
N MET C 367 9.93 28.07 5.05
CA MET C 367 10.63 27.61 6.25
C MET C 367 11.98 28.29 6.41
N ALA C 368 12.68 28.56 5.29
CA ALA C 368 13.96 29.22 5.40
C ALA C 368 13.81 30.60 6.03
N LEU C 369 12.64 31.20 5.92
CA LEU C 369 12.36 32.49 6.55
C LEU C 369 11.80 32.36 7.96
N LEU C 370 11.44 31.14 8.38
CA LEU C 370 11.16 30.92 9.79
C LEU C 370 12.46 30.80 10.58
N VAL C 371 13.29 29.80 10.24
CA VAL C 371 14.54 29.61 10.94
C VAL C 371 15.28 30.94 11.07
N ILE C 372 15.63 31.55 9.94
CA ILE C 372 16.28 32.85 9.96
C ILE C 372 15.58 33.76 10.95
N SER C 373 14.28 34.00 10.74
CA SER C 373 13.53 34.85 11.65
C SER C 373 13.81 34.45 13.10
N LEU C 374 13.47 33.21 13.46
CA LEU C 374 13.75 32.77 14.81
C LEU C 374 15.16 33.17 15.23
N ALA C 375 16.17 32.68 14.49
CA ALA C 375 17.54 33.01 14.84
C ALA C 375 17.68 34.48 15.15
N GLU C 376 17.31 35.34 14.21
CA GLU C 376 17.59 36.76 14.41
C GLU C 376 16.93 37.27 15.68
N THR C 377 15.66 36.94 15.91
CA THR C 377 15.02 37.46 17.10
C THR C 377 15.72 36.96 18.35
N ILE C 378 16.12 35.69 18.37
CA ILE C 378 16.86 35.18 19.52
C ILE C 378 18.07 36.05 19.77
N PHE C 379 18.83 36.34 18.71
CA PHE C 379 20.01 37.18 18.87
C PHE C 379 19.64 38.48 19.56
N ILE C 380 18.58 39.14 19.07
CA ILE C 380 18.19 40.42 19.66
C ILE C 380 17.86 40.21 21.13
N VAL C 381 17.09 39.17 21.44
CA VAL C 381 16.70 38.93 22.82
C VAL C 381 17.93 38.70 23.68
N ARG C 382 18.98 38.14 23.10
CA ARG C 382 20.21 37.89 23.84
C ARG C 382 21.23 39.01 23.68
N LEU C 383 20.96 40.01 22.84
CA LEU C 383 21.88 41.12 22.63
C LEU C 383 21.26 42.47 22.98
N VAL C 384 20.14 42.47 23.71
CA VAL C 384 19.52 43.71 24.20
C VAL C 384 19.43 43.71 25.72
N HIS C 385 18.71 42.73 26.29
CA HIS C 385 18.71 42.59 27.74
C HIS C 385 20.05 42.08 28.25
N LYS C 386 20.71 41.24 27.46
CA LYS C 386 22.07 40.79 27.73
C LYS C 386 23.02 41.47 26.75
N GLN C 387 24.13 41.99 27.27
CA GLN C 387 25.08 42.76 26.48
C GLN C 387 26.43 42.06 26.45
N ASP C 388 27.13 42.23 25.33
CA ASP C 388 28.48 41.70 25.16
C ASP C 388 29.13 42.33 23.94
N LEU C 389 30.37 42.81 24.09
CA LEU C 389 31.08 43.49 23.02
C LEU C 389 30.26 44.68 22.53
N GLN C 390 30.54 45.17 21.33
CA GLN C 390 29.80 46.28 20.76
C GLN C 390 29.66 46.05 19.26
N ARG C 391 29.05 47.02 18.57
CA ARG C 391 28.83 46.89 17.15
C ARG C 391 30.18 46.80 16.43
N PRO C 392 30.33 45.92 15.44
CA PRO C 392 31.62 45.76 14.76
C PRO C 392 31.89 46.81 13.69
N VAL C 393 32.38 47.96 14.14
CA VAL C 393 32.83 49.09 13.31
C VAL C 393 31.67 49.60 12.45
N PRO C 394 31.57 50.92 12.23
CA PRO C 394 30.51 51.41 11.33
C PRO C 394 30.58 50.85 9.93
N ASP C 395 31.79 50.61 9.41
CA ASP C 395 31.94 50.16 8.04
C ASP C 395 31.22 48.85 7.78
N TRP C 396 31.05 48.02 8.81
CA TRP C 396 30.49 46.68 8.64
C TRP C 396 29.04 46.57 9.07
N LEU C 397 28.61 47.29 10.11
CA LEU C 397 27.25 47.19 10.60
C LEU C 397 26.46 48.48 10.40
N ARG C 398 26.94 49.62 10.93
CA ARG C 398 26.16 50.84 10.86
C ARG C 398 25.93 51.27 9.43
N HIS C 399 26.98 51.19 8.59
CA HIS C 399 26.83 51.58 7.19
C HIS C 399 25.79 50.71 6.48
N LEU C 400 25.82 49.40 6.75
CA LEU C 400 24.87 48.51 6.08
C LEU C 400 23.43 48.87 6.43
N VAL C 401 23.14 49.07 7.72
CA VAL C 401 21.78 49.40 8.11
C VAL C 401 21.39 50.78 7.59
N LEU C 402 22.33 51.72 7.59
CA LEU C 402 22.03 53.05 7.07
C LEU C 402 21.64 52.99 5.60
N ASP C 403 22.44 52.29 4.78
CA ASP C 403 22.10 52.16 3.37
C ASP C 403 20.81 51.38 3.18
N ARG C 404 20.60 50.34 3.99
CA ARG C 404 19.38 49.54 3.89
C ARG C 404 18.15 50.40 4.08
N ILE C 405 18.13 51.21 5.15
CA ILE C 405 16.99 52.09 5.37
C ILE C 405 16.93 53.16 4.30
N ALA C 406 18.09 53.61 3.79
CA ALA C 406 18.09 54.63 2.76
C ALA C 406 17.37 54.17 1.50
N TRP C 407 17.64 52.94 1.05
CA TRP C 407 17.03 52.43 -0.17
C TRP C 407 15.74 51.65 0.09
N ILE C 408 15.37 51.43 1.35
CA ILE C 408 14.10 50.79 1.67
C ILE C 408 12.98 51.81 1.82
N LEU C 409 13.26 52.92 2.51
CA LEU C 409 12.27 53.96 2.71
C LEU C 409 12.92 55.35 2.65
N ARG C 496 24.27 50.22 29.69
CA ARG C 496 23.15 50.50 28.82
C ARG C 496 23.65 50.94 27.44
N GLU C 497 24.58 50.16 26.89
CA GLU C 497 25.19 50.46 25.61
C GLU C 497 24.48 49.81 24.43
N VAL C 498 23.35 49.14 24.67
CA VAL C 498 22.62 48.46 23.60
C VAL C 498 21.24 49.08 23.45
N ALA C 499 20.70 49.63 24.52
CA ALA C 499 19.38 50.26 24.46
C ALA C 499 19.44 51.50 23.59
N ARG C 500 18.71 51.48 22.48
CA ARG C 500 18.68 52.56 21.51
C ARG C 500 19.98 52.59 20.68
N ASP C 501 20.93 51.73 21.03
CA ASP C 501 22.16 51.57 20.26
C ASP C 501 22.21 50.25 19.51
N TRP C 502 21.57 49.21 20.04
CA TRP C 502 21.44 47.92 19.37
C TRP C 502 20.03 47.63 18.92
N LEU C 503 19.01 48.11 19.64
CA LEU C 503 17.64 47.88 19.24
C LEU C 503 17.35 48.45 17.87
N ARG C 504 18.07 49.51 17.47
CA ARG C 504 17.89 50.06 16.13
C ARG C 504 18.30 49.06 15.07
N VAL C 505 19.43 48.37 15.28
CA VAL C 505 19.88 47.37 14.31
C VAL C 505 18.85 46.25 14.20
N GLY C 506 18.36 45.77 15.35
CA GLY C 506 17.34 44.74 15.33
C GLY C 506 16.07 45.18 14.63
N TYR C 507 15.67 46.44 14.85
CA TYR C 507 14.47 46.95 14.20
C TYR C 507 14.64 47.01 12.69
N VAL C 508 15.81 47.46 12.23
CA VAL C 508 16.04 47.53 10.79
C VAL C 508 16.06 46.12 10.18
N LEU C 509 16.72 45.18 10.85
CA LEU C 509 16.72 43.79 10.38
C LEU C 509 15.30 43.24 10.34
N ASP C 510 14.50 43.56 11.36
CA ASP C 510 13.11 43.10 11.40
C ASP C 510 12.32 43.64 10.22
N ARG C 511 12.48 44.92 9.91
CA ARG C 511 11.77 45.50 8.78
C ARG C 511 12.20 44.85 7.47
N LEU C 512 13.51 44.61 7.31
CA LEU C 512 13.98 43.95 6.09
C LEU C 512 13.39 42.56 5.96
N LEU C 513 13.37 41.79 7.06
CA LEU C 513 12.82 40.45 6.99
C LEU C 513 11.32 40.48 6.74
N PHE C 514 10.62 41.48 7.27
CA PHE C 514 9.20 41.64 6.97
C PHE C 514 8.99 41.89 5.48
N ARG C 515 9.83 42.74 4.88
CA ARG C 515 9.73 42.98 3.44
C ARG C 515 9.96 41.68 2.67
N ILE C 516 10.94 40.89 3.08
CA ILE C 516 11.19 39.62 2.42
C ILE C 516 9.99 38.70 2.56
N TYR C 517 9.38 38.67 3.74
CA TYR C 517 8.19 37.85 3.95
C TYR C 517 7.06 38.26 3.01
N LEU C 518 6.83 39.57 2.89
CA LEU C 518 5.78 40.04 2.01
C LEU C 518 6.07 39.67 0.56
N LEU C 519 7.31 39.82 0.13
CA LEU C 519 7.66 39.41 -1.24
C LEU C 519 7.41 37.92 -1.45
N ALA C 520 7.82 37.10 -0.48
CA ALA C 520 7.65 35.66 -0.62
C ALA C 520 6.17 35.28 -0.71
N VAL C 521 5.33 35.85 0.15
CA VAL C 521 3.92 35.49 0.11
C VAL C 521 3.26 36.02 -1.16
N LEU C 522 3.66 37.20 -1.63
CA LEU C 522 3.13 37.70 -2.89
C LEU C 522 3.48 36.76 -4.03
N ALA C 523 4.74 36.31 -4.08
CA ALA C 523 5.13 35.39 -5.15
C ALA C 523 4.37 34.08 -5.04
N TYR C 524 4.17 33.58 -3.83
CA TYR C 524 3.42 32.34 -3.67
C TYR C 524 1.99 32.49 -4.17
N SER C 525 1.34 33.60 -3.86
CA SER C 525 -0.01 33.82 -4.36
C SER C 525 -0.04 33.96 -5.88
N ILE C 526 0.93 34.65 -6.45
CA ILE C 526 0.95 34.80 -7.91
C ILE C 526 1.12 33.43 -8.58
N THR C 527 2.02 32.59 -8.06
CA THR C 527 2.18 31.27 -8.65
C THR C 527 0.94 30.41 -8.44
N LEU C 528 0.28 30.53 -7.29
CA LEU C 528 -0.95 29.79 -7.07
C LEU C 528 -1.99 30.16 -8.12
N VAL C 529 -2.21 31.46 -8.33
CA VAL C 529 -3.22 31.89 -9.29
C VAL C 529 -2.82 31.49 -10.71
N THR C 530 -1.52 31.55 -11.02
CA THR C 530 -1.08 31.17 -12.36
C THR C 530 -1.31 29.69 -12.61
N LEU C 531 -0.96 28.84 -11.65
CA LEU C 531 -1.19 27.41 -11.79
C LEU C 531 -2.68 27.12 -11.91
N TRP C 532 -3.50 27.78 -11.09
CA TRP C 532 -4.94 27.57 -11.18
C TRP C 532 -5.48 27.98 -12.54
N SER C 533 -5.01 29.11 -13.07
CA SER C 533 -5.46 29.56 -14.38
C SER C 533 -5.08 28.56 -15.46
N ILE C 534 -3.85 28.05 -15.41
CA ILE C 534 -3.43 27.07 -16.41
C ILE C 534 -4.28 25.81 -16.31
N TRP C 535 -4.55 25.35 -15.08
CA TRP C 535 -5.36 24.15 -14.89
C TRP C 535 -6.78 24.37 -15.40
N HIS C 536 -7.36 25.53 -15.11
CA HIS C 536 -8.75 25.80 -15.47
C HIS C 536 -8.91 26.01 -16.97
N SER C 537 -7.98 26.72 -17.60
CA SER C 537 -8.16 27.08 -19.00
C SER C 537 -8.27 25.85 -19.88
N SER C 538 -7.33 24.92 -19.74
CA SER C 538 -7.34 23.71 -20.57
C SER C 538 -8.24 22.66 -19.94
N LEU D 88 -3.59 -17.10 -51.54
CA LEU D 88 -3.00 -17.06 -50.17
C LEU D 88 -3.15 -18.42 -49.49
N LEU D 89 -4.37 -18.95 -49.47
CA LEU D 89 -4.61 -20.25 -48.86
C LEU D 89 -3.83 -21.34 -49.59
N ARG D 90 -3.74 -21.24 -50.92
CA ARG D 90 -2.92 -22.19 -51.67
C ARG D 90 -1.47 -22.13 -51.24
N LEU D 91 -0.94 -20.92 -51.04
CA LEU D 91 0.43 -20.78 -50.52
C LEU D 91 0.55 -21.40 -49.14
N SER D 92 -0.45 -21.19 -48.28
CA SER D 92 -0.39 -21.75 -46.93
C SER D 92 -0.34 -23.27 -46.98
N ASP D 93 -1.20 -23.88 -47.81
CA ASP D 93 -1.20 -25.33 -47.93
C ASP D 93 0.11 -25.84 -48.52
N HIS D 94 0.64 -25.12 -49.52
CA HIS D 94 1.90 -25.52 -50.13
C HIS D 94 3.02 -25.53 -49.10
N LEU D 95 3.10 -24.49 -48.28
CA LEU D 95 4.16 -24.41 -47.28
C LEU D 95 3.93 -25.43 -46.16
N LEU D 96 2.67 -25.65 -45.76
CA LEU D 96 2.39 -26.65 -44.74
C LEU D 96 2.81 -28.04 -45.20
N ALA D 97 2.51 -28.38 -46.45
CA ALA D 97 2.97 -29.65 -47.00
C ALA D 97 4.49 -29.69 -47.07
N ASN D 98 5.11 -28.60 -47.52
CA ASN D 98 6.56 -28.57 -47.62
C ASN D 98 7.22 -28.60 -46.25
N TYR D 99 6.77 -27.75 -45.34
CA TYR D 99 7.42 -27.61 -44.05
C TYR D 99 6.96 -28.70 -43.08
N LYS D 100 7.69 -28.83 -41.97
CA LYS D 100 7.38 -29.82 -40.95
C LYS D 100 7.29 -29.15 -39.57
N VAL D 103 10.21 -30.06 -35.40
CA VAL D 103 11.37 -30.68 -36.02
C VAL D 103 12.26 -29.60 -36.63
N ARG D 104 13.57 -29.76 -36.49
CA ARG D 104 14.50 -28.81 -37.05
C ARG D 104 14.39 -28.82 -38.57
N PRO D 105 14.38 -27.66 -39.23
CA PRO D 105 14.24 -27.65 -40.70
C PRO D 105 15.52 -28.05 -41.42
N TRP D 109 21.92 -32.63 -41.42
CA TRP D 109 21.88 -32.50 -39.96
C TRP D 109 23.09 -31.73 -39.46
N VAL D 115 21.82 -17.69 -35.42
CA VAL D 115 20.75 -16.89 -34.84
C VAL D 115 21.28 -15.55 -34.36
N SER D 116 20.50 -14.50 -34.55
CA SER D 116 20.84 -13.16 -34.09
C SER D 116 19.80 -12.68 -33.08
N ILE D 117 20.28 -12.02 -32.02
CA ILE D 117 19.43 -11.60 -30.91
C ILE D 117 19.61 -10.11 -30.70
N ASP D 118 18.48 -9.41 -30.49
CA ASP D 118 18.49 -8.00 -30.15
C ASP D 118 17.52 -7.77 -28.99
N VAL D 119 17.98 -7.03 -27.98
CA VAL D 119 17.19 -6.76 -26.78
C VAL D 119 17.14 -5.25 -26.56
N ILE D 120 15.95 -4.75 -26.26
CA ILE D 120 15.75 -3.33 -25.97
C ILE D 120 14.97 -3.21 -24.66
N MET D 121 15.48 -2.37 -23.76
CA MET D 121 14.85 -2.13 -22.47
C MET D 121 13.85 -0.98 -22.63
N TYR D 122 12.56 -1.28 -22.55
CA TYR D 122 11.56 -0.22 -22.65
C TYR D 122 11.48 0.59 -21.38
N ALA D 123 11.50 -0.06 -20.22
CA ALA D 123 11.35 0.64 -18.95
C ALA D 123 11.74 -0.28 -17.81
N ILE D 124 12.61 0.22 -16.94
CA ILE D 124 13.03 -0.49 -15.74
C ILE D 124 11.99 -0.23 -14.66
N LEU D 125 11.33 -1.29 -14.22
CA LEU D 125 10.29 -1.19 -13.21
C LEU D 125 10.93 -1.26 -11.81
N ASN D 126 10.10 -1.38 -10.78
CA ASN D 126 10.61 -1.34 -9.41
C ASN D 126 11.62 -2.45 -9.18
N VAL D 127 12.68 -2.12 -8.44
CA VAL D 127 13.73 -3.06 -8.08
C VAL D 127 13.52 -3.48 -6.63
N ASP D 128 13.42 -4.78 -6.39
CA ASP D 128 13.13 -5.32 -5.06
C ASP D 128 14.44 -5.70 -4.39
N GLU D 129 14.67 -5.14 -3.20
CA GLU D 129 15.88 -5.45 -2.45
C GLU D 129 15.74 -6.74 -1.64
N LYS D 130 14.56 -6.95 -1.04
CA LYS D 130 14.34 -8.17 -0.27
C LYS D 130 14.28 -9.40 -1.16
N ASN D 131 13.95 -9.23 -2.44
CA ASN D 131 13.89 -10.33 -3.39
C ASN D 131 15.15 -10.43 -4.25
N GLN D 132 15.99 -9.41 -4.26
CA GLN D 132 17.19 -9.38 -5.09
C GLN D 132 16.84 -9.64 -6.55
N VAL D 133 15.74 -9.02 -7.00
CA VAL D 133 15.22 -9.21 -8.35
C VAL D 133 14.95 -7.86 -8.97
N LEU D 134 15.31 -7.72 -10.24
CA LEU D 134 15.05 -6.52 -11.03
C LEU D 134 13.92 -6.83 -12.00
N THR D 135 12.90 -5.98 -12.01
CA THR D 135 11.76 -6.14 -12.90
C THR D 135 11.83 -5.07 -13.99
N THR D 136 11.68 -5.50 -15.24
CA THR D 136 11.85 -4.60 -16.37
C THR D 136 10.94 -5.03 -17.51
N TYR D 137 10.79 -4.14 -18.48
CA TYR D 137 10.05 -4.42 -19.71
C TYR D 137 11.03 -4.53 -20.86
N ILE D 138 10.91 -5.60 -21.64
CA ILE D 138 11.88 -5.95 -22.67
C ILE D 138 11.18 -6.14 -24.00
N TRP D 139 11.84 -5.71 -25.07
CA TRP D 139 11.44 -6.02 -26.44
C TRP D 139 12.50 -6.92 -27.04
N TYR D 140 12.10 -8.13 -27.47
CA TYR D 140 13.03 -9.16 -27.88
C TYR D 140 12.80 -9.50 -29.35
N ARG D 141 13.90 -9.59 -30.10
CA ARG D 141 13.87 -9.87 -31.52
C ARG D 141 14.78 -11.05 -31.81
N GLN D 142 14.25 -12.07 -32.47
CA GLN D 142 14.99 -13.28 -32.81
C GLN D 142 15.04 -13.42 -34.32
N TYR D 143 16.22 -13.69 -34.85
CA TYR D 143 16.42 -13.83 -36.29
C TYR D 143 17.21 -15.09 -36.57
N TRP D 144 16.83 -15.79 -37.63
CA TRP D 144 17.51 -17.01 -38.04
C TRP D 144 17.16 -17.31 -39.49
N THR D 145 18.18 -17.50 -40.32
CA THR D 145 17.98 -17.75 -41.74
C THR D 145 17.25 -19.08 -41.95
N PHE D 148 14.66 -24.02 -45.58
CA PHE D 148 13.78 -25.16 -45.81
C PHE D 148 12.39 -24.68 -46.22
N LEU D 149 12.01 -23.48 -45.76
CA LEU D 149 10.71 -22.89 -46.06
C LEU D 149 10.84 -22.11 -47.37
N GLN D 150 10.45 -22.73 -48.47
CA GLN D 150 10.54 -22.12 -49.79
C GLN D 150 9.24 -22.31 -50.55
N TRP D 151 8.90 -21.33 -51.38
CA TRP D 151 7.71 -21.38 -52.21
C TRP D 151 8.04 -20.81 -53.58
N THR D 152 7.27 -21.22 -54.58
CA THR D 152 7.44 -20.70 -55.92
C THR D 152 7.04 -19.23 -55.96
N PRO D 153 7.91 -18.33 -56.41
CA PRO D 153 7.51 -16.90 -56.40
C PRO D 153 6.50 -16.56 -57.48
N GLU D 154 6.66 -17.10 -58.70
CA GLU D 154 5.83 -16.65 -59.81
C GLU D 154 4.36 -16.97 -59.58
N ASP D 155 4.05 -18.14 -59.04
CA ASP D 155 2.66 -18.52 -58.84
C ASP D 155 1.95 -17.55 -57.90
N PHE D 156 2.62 -17.16 -56.83
CA PHE D 156 2.06 -16.27 -55.82
C PHE D 156 2.38 -14.80 -56.08
N ASP D 157 2.87 -14.48 -57.29
CA ASP D 157 3.15 -13.06 -57.59
C ASP D 157 4.29 -12.59 -56.70
N ASN D 158 5.20 -13.50 -56.31
CA ASN D 158 6.40 -13.09 -55.54
C ASN D 158 6.05 -12.31 -54.27
N VAL D 159 5.03 -12.76 -53.51
CA VAL D 159 4.66 -12.11 -52.22
C VAL D 159 5.88 -11.51 -51.52
N THR D 160 6.99 -12.24 -51.39
CA THR D 160 8.23 -11.80 -50.76
C THR D 160 8.08 -11.63 -49.25
N LYS D 161 6.86 -11.81 -48.74
CA LYS D 161 6.60 -11.69 -47.31
C LYS D 161 5.38 -12.52 -46.97
N LEU D 162 5.26 -12.91 -45.70
CA LEU D 162 4.18 -13.78 -45.29
C LEU D 162 4.00 -13.70 -43.79
N SER D 163 2.80 -14.09 -43.33
CA SER D 163 2.47 -14.17 -41.92
C SER D 163 1.94 -15.58 -41.63
N ILE D 164 2.47 -16.20 -40.58
CA ILE D 164 2.16 -17.61 -40.30
C ILE D 164 1.77 -17.72 -38.83
N PRO D 165 0.91 -18.69 -38.46
CA PRO D 165 0.64 -18.91 -37.03
C PRO D 165 1.90 -19.27 -36.26
N THR D 166 1.90 -18.92 -34.97
CA THR D 166 3.10 -19.12 -34.16
C THR D 166 3.49 -20.58 -34.08
N ASP D 167 2.53 -21.48 -33.90
CA ASP D 167 2.82 -22.90 -33.74
C ASP D 167 2.85 -23.63 -35.08
N SER D 168 3.68 -23.13 -35.99
CA SER D 168 3.84 -23.72 -37.31
C SER D 168 5.29 -23.98 -37.69
N ILE D 169 6.21 -23.09 -37.29
CA ILE D 169 7.62 -23.22 -37.61
C ILE D 169 8.40 -23.46 -36.33
N TRP D 170 9.50 -24.20 -36.45
CA TRP D 170 10.38 -24.43 -35.31
C TRP D 170 10.98 -23.10 -34.84
N VAL D 171 10.99 -22.89 -33.53
CA VAL D 171 11.48 -21.65 -32.95
C VAL D 171 12.79 -21.93 -32.20
N PRO D 172 13.69 -20.95 -32.08
CA PRO D 172 14.95 -21.17 -31.35
C PRO D 172 14.73 -21.67 -29.93
N LEU D 175 14.73 -20.06 -23.96
CA LEU D 175 13.97 -19.52 -22.84
C LEU D 175 14.87 -18.83 -21.83
N ILE D 176 14.27 -18.11 -20.89
CA ILE D 176 15.02 -17.36 -19.89
C ILE D 176 15.50 -18.32 -18.80
N ASN D 177 16.71 -18.09 -18.30
CA ASN D 177 17.32 -18.94 -17.29
C ASN D 177 17.29 -18.32 -15.90
N GLU D 178 17.80 -17.10 -15.75
CA GLU D 178 17.87 -16.43 -14.45
C GLU D 178 16.62 -15.56 -14.30
N PHE D 179 15.52 -16.20 -13.92
CA PHE D 179 14.25 -15.52 -13.73
C PHE D 179 13.38 -16.33 -12.80
N VAL D 180 12.53 -15.62 -12.05
CA VAL D 180 11.55 -16.26 -11.19
C VAL D 180 10.13 -16.14 -11.73
N ASP D 181 9.87 -15.20 -12.64
CA ASP D 181 8.55 -15.04 -13.23
C ASP D 181 8.70 -14.27 -14.53
N VAL D 182 7.66 -14.34 -15.36
CA VAL D 182 7.65 -13.67 -16.65
C VAL D 182 6.90 -12.34 -16.59
N GLY D 183 5.71 -12.34 -16.01
CA GLY D 183 4.92 -11.14 -15.90
C GLY D 183 3.78 -11.02 -16.90
N LYS D 184 3.18 -12.14 -17.31
CA LYS D 184 2.07 -12.15 -18.26
C LYS D 184 2.29 -11.15 -19.39
N SER D 185 3.41 -11.32 -20.09
CA SER D 185 3.73 -10.47 -21.22
C SER D 185 2.86 -10.86 -22.41
N PRO D 186 2.66 -9.94 -23.37
CA PRO D 186 1.87 -10.26 -24.57
C PRO D 186 2.45 -11.45 -25.33
N PRO D 189 1.07 -15.45 -32.08
CA PRO D 189 2.07 -14.58 -32.70
C PRO D 189 2.25 -14.87 -34.19
N TYR D 190 2.03 -13.85 -35.01
CA TYR D 190 2.13 -13.98 -36.46
C TYR D 190 3.60 -13.91 -36.85
N VAL D 191 4.28 -15.06 -36.82
CA VAL D 191 5.70 -15.09 -37.12
C VAL D 191 5.92 -14.56 -38.54
N TYR D 192 6.93 -13.71 -38.67
CA TYR D 192 7.18 -13.01 -39.92
C TYR D 192 8.33 -13.66 -40.69
N HIS D 194 10.51 -14.09 -44.99
CA HIS D 194 10.96 -13.35 -46.16
C HIS D 194 10.76 -14.17 -47.42
N HIS D 195 11.31 -13.70 -48.54
CA HIS D 195 11.08 -14.33 -49.84
C HIS D 195 11.60 -15.77 -49.89
N ARG D 196 12.52 -16.15 -49.01
CA ARG D 196 12.97 -17.54 -48.93
C ARG D 196 13.08 -17.96 -47.47
N GLY D 197 12.08 -17.60 -46.68
CA GLY D 197 12.01 -18.05 -45.28
C GLY D 197 12.63 -17.02 -44.33
N GLU D 198 13.77 -17.38 -43.74
CA GLU D 198 14.46 -16.56 -42.73
C GLU D 198 13.45 -15.86 -41.82
N VAL D 199 12.60 -16.67 -41.19
CA VAL D 199 11.56 -16.13 -40.32
C VAL D 199 12.19 -15.44 -39.12
N GLN D 200 11.52 -14.42 -38.61
CA GLN D 200 11.95 -13.68 -37.43
C GLN D 200 10.79 -13.57 -36.46
N ASN D 201 11.12 -13.50 -35.17
CA ASN D 201 10.14 -13.47 -34.09
C ASN D 201 10.34 -12.22 -33.25
N TYR D 202 9.33 -11.35 -33.23
CA TYR D 202 9.34 -10.14 -32.43
C TYR D 202 8.35 -10.33 -31.28
N LYS D 203 8.74 -9.93 -30.07
CA LYS D 203 7.79 -10.05 -28.96
C LYS D 203 8.20 -9.16 -27.80
N PRO D 204 7.24 -8.52 -27.11
CA PRO D 204 7.59 -7.81 -25.88
C PRO D 204 7.81 -8.79 -24.74
N LEU D 205 9.07 -8.97 -24.36
CA LEU D 205 9.43 -10.07 -23.46
C LEU D 205 9.11 -9.73 -22.00
N GLN D 206 9.57 -8.57 -21.53
CA GLN D 206 9.54 -8.26 -20.11
C GLN D 206 10.50 -9.19 -19.38
N LEU D 207 10.75 -8.94 -18.10
CA LEU D 207 11.67 -9.79 -17.35
C LEU D 207 11.53 -9.53 -15.86
N VAL D 208 11.63 -10.60 -15.08
CA VAL D 208 11.81 -10.53 -13.63
C VAL D 208 13.07 -11.34 -13.35
N THR D 209 14.21 -10.65 -13.38
CA THR D 209 15.52 -11.31 -13.43
C THR D 209 16.26 -11.15 -12.11
N ALA D 210 16.76 -12.25 -11.58
CA ALA D 210 17.60 -12.18 -10.39
C ALA D 210 18.83 -11.33 -10.66
N CYS D 211 19.17 -10.46 -9.71
CA CYS D 211 20.30 -9.56 -9.88
C CYS D 211 20.90 -9.26 -8.51
N SER D 212 22.15 -8.80 -8.52
CA SER D 212 22.88 -8.47 -7.31
C SER D 212 22.79 -6.97 -7.05
N LEU D 213 22.46 -6.60 -5.81
CA LEU D 213 22.24 -5.22 -5.42
C LEU D 213 23.21 -4.84 -4.31
N ASP D 214 23.72 -3.62 -4.37
CA ASP D 214 24.61 -3.09 -3.35
C ASP D 214 23.89 -2.24 -2.32
N ILE D 215 23.15 -1.22 -2.77
CA ILE D 215 22.33 -0.36 -1.91
C ILE D 215 23.10 0.09 -0.69
N TYR D 216 24.43 0.19 -0.81
CA TYR D 216 25.24 0.60 0.34
C TYR D 216 25.25 2.12 0.50
N ASN D 217 25.22 2.85 -0.60
CA ASN D 217 25.28 4.31 -0.58
C ASN D 217 24.00 4.92 -1.16
N PHE D 218 22.86 4.36 -0.75
CA PHE D 218 21.58 4.94 -1.10
C PHE D 218 21.53 6.39 -0.61
N PRO D 219 20.89 7.31 -1.37
CA PRO D 219 20.14 7.15 -2.62
C PRO D 219 21.01 7.15 -3.87
N PHE D 220 22.32 7.32 -3.74
CA PHE D 220 23.22 7.41 -4.89
C PHE D 220 23.66 6.05 -5.40
N ASP D 221 22.88 5.01 -5.11
CA ASP D 221 23.21 3.66 -5.56
C ASP D 221 23.35 3.61 -7.07
N VAL D 222 24.36 2.89 -7.54
CA VAL D 222 24.53 2.56 -8.95
C VAL D 222 24.74 1.07 -9.04
N GLN D 223 23.87 0.38 -9.79
CA GLN D 223 23.82 -1.07 -9.77
C GLN D 223 24.13 -1.62 -11.16
N ASN D 224 24.56 -2.88 -11.19
CA ASN D 224 24.80 -3.60 -12.42
C ASN D 224 24.12 -4.96 -12.34
N CYS D 225 23.56 -5.39 -13.48
CA CYS D 225 22.94 -6.70 -13.57
C CYS D 225 23.46 -7.41 -14.82
N SER D 226 23.48 -8.73 -14.76
CA SER D 226 23.92 -9.56 -15.86
C SER D 226 22.73 -10.34 -16.41
N LEU D 227 22.52 -10.24 -17.72
CA LEU D 227 21.49 -10.99 -18.42
C LEU D 227 22.18 -11.95 -19.39
N THR D 228 22.15 -13.23 -19.08
CA THR D 228 22.86 -14.25 -19.85
C THR D 228 21.84 -15.07 -20.64
N PHE D 229 21.91 -14.98 -21.96
CA PHE D 229 21.03 -15.73 -22.85
C PHE D 229 21.80 -16.92 -23.41
N THR D 230 21.18 -18.10 -23.35
CA THR D 230 21.84 -19.31 -23.83
C THR D 230 20.78 -20.29 -24.33
N SER D 231 21.21 -21.18 -25.21
CA SER D 231 20.32 -22.22 -25.71
C SER D 231 19.97 -23.19 -24.60
N TRP D 232 18.77 -23.77 -24.68
CA TRP D 232 18.26 -24.67 -23.66
C TRP D 232 18.41 -26.14 -24.04
N LEU D 233 17.91 -26.52 -25.22
CA LEU D 233 17.92 -27.91 -25.66
C LEU D 233 19.06 -28.23 -26.63
N HIS D 234 19.41 -27.29 -27.50
CA HIS D 234 20.43 -27.51 -28.52
C HIS D 234 21.77 -27.01 -28.02
N THR D 235 22.79 -27.86 -28.11
CA THR D 235 24.14 -27.46 -27.74
C THR D 235 24.71 -26.53 -28.82
N ILE D 236 25.96 -26.13 -28.63
CA ILE D 236 26.63 -25.26 -29.58
C ILE D 236 27.31 -26.09 -30.66
N ILE D 241 24.29 -17.79 -31.58
CA ILE D 241 23.74 -16.51 -31.15
C ILE D 241 24.75 -15.41 -31.46
N THR D 242 24.29 -14.34 -32.11
CA THR D 242 25.15 -13.25 -32.51
C THR D 242 24.37 -11.94 -32.42
N LEU D 243 25.09 -10.83 -32.53
CA LEU D 243 24.49 -9.51 -32.50
C LEU D 243 23.72 -9.25 -33.79
N TRP D 244 22.69 -8.41 -33.67
CA TRP D 244 21.98 -7.90 -34.84
C TRP D 244 22.45 -6.51 -35.23
N ARG D 245 22.97 -5.73 -34.29
CA ARG D 245 23.49 -4.40 -34.54
C ARG D 245 24.84 -4.27 -33.86
N SER D 246 25.60 -3.25 -34.24
CA SER D 246 26.95 -3.11 -33.73
C SER D 246 26.94 -2.93 -32.22
N PRO D 247 27.98 -3.41 -31.51
CA PRO D 247 27.97 -3.31 -30.04
C PRO D 247 27.81 -1.89 -29.54
N GLU D 248 28.43 -0.92 -30.22
CA GLU D 248 28.31 0.47 -29.78
C GLU D 248 26.87 0.94 -29.82
N GLU D 249 26.10 0.49 -30.82
CA GLU D 249 24.71 0.89 -30.91
C GLU D 249 23.90 0.36 -29.75
N VAL D 250 24.15 -0.89 -29.35
CA VAL D 250 23.42 -1.47 -28.23
C VAL D 250 23.82 -0.79 -26.92
N ARG D 251 25.11 -0.51 -26.75
CA ARG D 251 25.57 0.07 -25.49
C ARG D 251 25.20 1.55 -25.38
N SER D 252 25.03 2.23 -26.51
CA SER D 252 24.80 3.68 -26.49
C SER D 252 23.54 4.02 -25.72
N ASP D 253 22.39 3.56 -26.21
CA ASP D 253 21.11 3.85 -25.57
C ASP D 253 20.03 3.08 -26.31
N LYS D 254 18.84 3.08 -25.73
CA LYS D 254 17.65 2.50 -26.34
C LYS D 254 16.81 3.62 -26.94
N SER D 255 16.46 3.49 -28.21
CA SER D 255 15.65 4.50 -28.87
C SER D 255 14.36 4.74 -28.11
N ILE D 256 13.84 3.72 -27.43
CA ILE D 256 12.63 3.82 -26.62
C ILE D 256 13.01 3.58 -25.17
N PHE D 257 12.63 4.52 -24.30
CA PHE D 257 12.82 4.36 -22.86
C PHE D 257 12.11 5.51 -22.17
N ILE D 258 11.48 5.21 -21.03
CA ILE D 258 10.81 6.26 -20.26
C ILE D 258 11.84 7.24 -19.72
N ASN D 259 12.89 6.73 -19.08
CA ASN D 259 14.00 7.55 -18.59
C ASN D 259 13.51 8.64 -17.64
N GLN D 260 12.45 8.37 -16.88
CA GLN D 260 11.94 9.33 -15.92
C GLN D 260 11.54 8.71 -14.59
N GLY D 261 11.66 7.39 -14.42
CA GLY D 261 11.49 6.78 -13.13
C GLY D 261 12.71 7.01 -12.26
N GLU D 262 12.64 6.49 -11.03
CA GLU D 262 13.77 6.65 -10.12
C GLU D 262 15.00 5.90 -10.57
N TRP D 263 14.88 5.01 -11.55
CA TRP D 263 16.00 4.23 -12.06
C TRP D 263 16.32 4.68 -13.47
N GLU D 264 17.60 5.00 -13.71
CA GLU D 264 18.07 5.48 -15.00
C GLU D 264 18.86 4.37 -15.68
N LEU D 265 18.53 4.10 -16.94
CA LEU D 265 19.28 3.13 -17.74
C LEU D 265 20.54 3.80 -18.26
N LEU D 266 21.69 3.37 -17.77
CA LEU D 266 22.97 4.00 -18.09
C LEU D 266 23.70 3.29 -19.23
N GLU D 267 23.91 1.98 -19.11
CA GLU D 267 24.70 1.27 -20.11
C GLU D 267 24.16 -0.13 -20.30
N VAL D 268 24.29 -0.65 -21.52
CA VAL D 268 24.04 -2.06 -21.80
C VAL D 268 25.18 -2.60 -22.65
N PHE D 269 26.18 -3.19 -21.99
CA PHE D 269 27.37 -3.67 -22.68
C PHE D 269 27.16 -5.12 -23.12
N PRO D 270 27.22 -5.43 -24.41
CA PRO D 270 27.11 -6.83 -24.84
C PRO D 270 28.46 -7.53 -24.86
N GLN D 271 28.39 -8.86 -24.78
CA GLN D 271 29.58 -9.70 -24.78
C GLN D 271 29.24 -11.10 -25.29
N LYS D 273 30.76 -15.49 -24.77
CA LYS D 273 31.32 -16.53 -23.93
C LYS D 273 30.70 -17.89 -24.25
N GLU D 274 31.41 -18.96 -23.88
CA GLU D 274 30.93 -20.32 -24.14
C GLU D 274 31.01 -21.16 -22.87
N ASN D 281 27.43 -31.39 -23.41
CA ASN D 281 26.54 -30.24 -23.49
C ASN D 281 27.33 -28.94 -23.40
N SER D 282 27.52 -28.29 -24.54
CA SER D 282 28.21 -27.00 -24.62
C SER D 282 27.31 -26.00 -25.33
N TYR D 283 27.29 -24.78 -24.80
CA TYR D 283 26.44 -23.72 -25.33
C TYR D 283 27.23 -22.43 -25.44
N ALA D 284 26.79 -21.56 -26.35
CA ALA D 284 27.33 -20.23 -26.51
C ALA D 284 26.34 -19.23 -25.91
N GLU D 285 26.82 -18.37 -25.02
CA GLU D 285 25.97 -17.47 -24.27
C GLU D 285 26.28 -16.02 -24.60
N MET D 286 25.22 -15.22 -24.73
CA MET D 286 25.32 -13.78 -24.93
C MET D 286 25.07 -13.10 -23.59
N LYS D 287 26.05 -12.34 -23.10
CA LYS D 287 25.97 -11.70 -21.80
C LYS D 287 25.76 -10.21 -21.98
N PHE D 288 24.77 -9.66 -21.29
CA PHE D 288 24.51 -8.22 -21.28
C PHE D 288 24.76 -7.70 -19.88
N TYR D 289 25.70 -6.76 -19.75
CA TYR D 289 25.95 -6.07 -18.50
C TYR D 289 25.16 -4.78 -18.56
N VAL D 290 24.02 -4.73 -17.85
CA VAL D 290 23.17 -3.56 -17.81
C VAL D 290 23.47 -2.81 -16.53
N ILE D 291 24.06 -1.63 -16.67
CA ILE D 291 24.39 -0.76 -15.55
C ILE D 291 23.30 0.29 -15.48
N ILE D 292 22.56 0.28 -14.38
CA ILE D 292 21.53 1.27 -14.10
C ILE D 292 21.99 2.13 -12.93
N ARG D 293 21.38 3.30 -12.79
CA ARG D 293 21.82 4.29 -11.82
C ARG D 293 20.61 4.95 -11.20
N ARG D 294 20.51 4.88 -9.88
CA ARG D 294 19.40 5.52 -9.18
C ARG D 294 19.51 7.04 -9.31
N ARG D 295 18.36 7.70 -9.24
CA ARG D 295 18.29 9.14 -9.38
C ARG D 295 18.19 9.78 -7.99
N PRO D 296 19.24 10.41 -7.48
CA PRO D 296 19.13 11.01 -6.14
C PRO D 296 18.05 12.07 -6.05
N LEU D 297 17.77 12.78 -7.14
CA LEU D 297 16.82 13.89 -7.09
C LEU D 297 15.42 13.44 -6.71
N PHE D 298 15.12 12.14 -6.78
CA PHE D 298 13.82 11.67 -6.33
C PHE D 298 13.67 11.85 -4.83
N TYR D 299 14.75 11.73 -4.07
CA TYR D 299 14.74 11.83 -2.63
C TYR D 299 15.22 13.19 -2.14
N ALA D 300 15.31 14.18 -3.02
CA ALA D 300 15.77 15.51 -2.62
C ALA D 300 14.67 16.32 -1.96
N VAL D 301 13.46 15.77 -1.85
CA VAL D 301 12.39 16.43 -1.12
C VAL D 301 11.74 15.54 -0.08
N SER D 302 11.88 14.22 -0.16
CA SER D 302 11.28 13.31 0.79
C SER D 302 12.26 12.72 1.79
N LEU D 303 13.56 12.78 1.51
CA LEU D 303 14.55 12.19 2.40
C LEU D 303 15.67 13.16 2.78
N LEU D 304 16.10 14.03 1.86
CA LEU D 304 17.26 14.86 2.12
C LEU D 304 16.89 16.23 2.70
N LEU D 305 15.84 16.86 2.18
CA LEU D 305 15.43 18.15 2.73
C LEU D 305 14.98 18.02 4.18
N PRO D 306 14.13 17.05 4.55
CA PRO D 306 13.83 16.87 5.97
C PRO D 306 15.05 16.63 6.83
N SER D 307 16.00 15.84 6.37
CA SER D 307 17.20 15.60 7.17
C SER D 307 18.01 16.88 7.34
N ILE D 308 18.08 17.72 6.30
CA ILE D 308 18.84 18.96 6.39
C ILE D 308 18.17 19.91 7.38
N PHE D 309 16.86 20.12 7.25
CA PHE D 309 16.24 21.14 8.06
C PHE D 309 15.95 20.67 9.48
N LEU D 310 15.85 19.37 9.73
CA LEU D 310 15.74 18.90 11.11
C LEU D 310 17.05 19.04 11.87
N MET D 311 18.16 19.21 11.16
CA MET D 311 19.43 19.53 11.80
C MET D 311 19.63 21.03 11.92
N VAL D 312 19.18 21.80 10.94
CA VAL D 312 19.25 23.25 11.06
C VAL D 312 18.40 23.71 12.23
N VAL D 313 17.22 23.11 12.41
CA VAL D 313 16.36 23.49 13.53
C VAL D 313 17.04 23.20 14.86
N ASP D 314 17.72 22.05 14.97
CA ASP D 314 18.40 21.71 16.21
C ASP D 314 19.58 22.65 16.46
N ILE D 315 20.31 23.02 15.42
CA ILE D 315 21.37 24.00 15.57
C ILE D 315 20.80 25.29 16.12
N VAL D 316 19.69 25.76 15.55
CA VAL D 316 19.06 26.97 16.06
C VAL D 316 18.64 26.79 17.51
N GLY D 317 18.10 25.63 17.86
CA GLY D 317 17.68 25.40 19.23
C GLY D 317 18.83 25.46 20.22
N PHE D 318 20.02 25.04 19.79
CA PHE D 318 21.18 25.15 20.68
C PHE D 318 21.43 26.59 21.13
N CYS D 319 20.99 27.57 20.33
CA CYS D 319 21.17 28.97 20.74
C CYS D 319 20.32 29.33 21.94
N LEU D 320 19.27 28.57 22.24
CA LEU D 320 18.42 28.88 23.36
C LEU D 320 19.19 28.68 24.67
N PRO D 321 18.84 29.43 25.72
CA PRO D 321 19.56 29.29 26.99
C PRO D 321 19.40 27.90 27.56
N PRO D 322 20.44 27.34 28.16
CA PRO D 322 20.29 26.03 28.81
C PRO D 322 19.42 26.13 30.05
N ASP D 323 19.13 24.96 30.62
CA ASP D 323 18.47 24.86 31.92
C ASP D 323 17.20 25.73 31.97
N SER D 324 16.42 25.69 30.90
CA SER D 324 15.18 26.44 30.83
C SER D 324 14.11 25.58 30.18
N GLY D 325 12.86 25.88 30.51
CA GLY D 325 11.75 25.18 29.89
C GLY D 325 11.70 25.34 28.40
N GLU D 326 12.08 26.52 27.89
CA GLU D 326 12.11 26.74 26.45
C GLU D 326 12.89 25.65 25.74
N ARG D 327 14.13 25.41 26.18
CA ARG D 327 15.01 24.48 25.48
C ARG D 327 14.64 23.02 25.74
N VAL D 328 14.16 22.68 26.93
CA VAL D 328 13.74 21.30 27.17
C VAL D 328 12.55 20.97 26.28
N SER D 329 11.56 21.87 26.21
CA SER D 329 10.42 21.64 25.33
C SER D 329 10.86 21.59 23.87
N PHE D 330 11.76 22.49 23.47
CA PHE D 330 12.30 22.47 22.11
C PHE D 330 12.91 21.12 21.78
N LYS D 331 13.78 20.62 22.67
CA LYS D 331 14.49 19.37 22.40
C LYS D 331 13.54 18.19 22.36
N ILE D 332 12.56 18.13 23.28
CA ILE D 332 11.66 16.98 23.28
C ILE D 332 10.78 17.02 22.03
N THR D 333 10.31 18.19 21.64
CA THR D 333 9.54 18.27 20.40
C THR D 333 10.38 17.91 19.19
N LEU D 334 11.67 18.25 19.19
CA LEU D 334 12.54 17.81 18.11
C LEU D 334 12.72 16.29 18.12
N LEU D 335 12.78 15.68 19.29
CA LEU D 335 12.87 14.22 19.35
C LEU D 335 11.60 13.59 18.78
N LEU D 336 10.44 14.15 19.11
CA LEU D 336 9.20 13.65 18.54
C LEU D 336 9.19 13.84 17.02
N GLY D 337 9.69 14.97 16.53
CA GLY D 337 9.77 15.18 15.10
C GLY D 337 10.70 14.20 14.41
N TYR D 338 11.85 13.92 15.02
CA TYR D 338 12.74 12.89 14.49
C TYR D 338 12.04 11.55 14.44
N SER D 339 11.27 11.23 15.48
CA SER D 339 10.59 9.94 15.52
C SER D 339 9.54 9.82 14.42
N VAL D 340 8.73 10.88 14.23
CA VAL D 340 7.73 10.82 13.17
C VAL D 340 8.42 10.79 11.81
N PHE D 341 9.54 11.49 11.66
CA PHE D 341 10.30 11.43 10.42
C PHE D 341 10.79 10.03 10.14
N LEU D 342 11.32 9.35 11.16
CA LEU D 342 11.79 7.99 10.99
C LEU D 342 10.63 7.04 10.65
N ILE D 343 9.50 7.19 11.33
CA ILE D 343 8.33 6.38 10.99
C ILE D 343 7.91 6.62 9.56
N ILE D 344 7.97 7.88 9.11
CA ILE D 344 7.48 8.23 7.78
C ILE D 344 8.40 7.66 6.70
N VAL D 345 9.72 7.76 6.90
CA VAL D 345 10.66 7.30 5.88
C VAL D 345 11.00 5.82 6.02
N SER D 346 10.52 5.14 7.05
CA SER D 346 10.74 3.70 7.13
C SER D 346 10.12 2.98 5.94
N ASP D 347 8.88 3.33 5.60
CA ASP D 347 8.21 2.66 4.49
C ASP D 347 8.72 3.12 3.14
N THR D 348 8.99 4.42 2.99
CA THR D 348 9.43 4.95 1.69
C THR D 348 10.71 4.29 1.25
N LEU D 349 11.66 4.11 2.17
CA LEU D 349 12.92 3.48 1.82
C LEU D 349 12.69 2.02 1.42
N PRO D 350 13.56 1.47 0.55
CA PRO D 350 13.42 0.05 0.22
C PRO D 350 13.49 -0.85 1.44
N ALA D 351 14.32 -0.48 2.42
CA ALA D 351 14.40 -1.17 3.70
C ALA D 351 14.13 -0.17 4.82
N THR D 352 13.36 -0.60 5.82
CA THR D 352 12.96 0.30 6.91
C THR D 352 14.18 0.70 7.71
N ALA D 353 14.59 1.97 7.57
CA ALA D 353 15.86 2.40 8.18
C ALA D 353 16.88 1.38 7.69
N ILE D 354 17.44 1.62 6.51
CA ILE D 354 18.30 0.58 5.88
C ILE D 354 19.46 0.28 6.82
N GLY D 355 19.99 1.33 7.44
CA GLY D 355 21.17 1.13 8.29
C GLY D 355 22.39 1.40 7.46
N THR D 356 22.17 1.64 6.16
CA THR D 356 23.29 2.01 5.32
C THR D 356 23.86 3.35 5.79
N PRO D 357 25.13 3.62 5.51
CA PRO D 357 25.67 4.94 5.84
C PRO D 357 24.92 6.02 5.08
N LEU D 358 24.79 7.18 5.72
CA LEU D 358 24.03 8.33 5.25
C LEU D 358 22.54 8.13 5.49
N ILE D 359 22.10 6.98 5.97
CA ILE D 359 20.70 6.70 6.25
C ILE D 359 20.50 6.22 7.68
N GLY D 360 21.21 5.15 8.06
CA GLY D 360 21.15 4.65 9.42
C GLY D 360 22.13 5.36 10.32
N VAL D 361 23.33 5.63 9.78
CA VAL D 361 24.34 6.34 10.56
C VAL D 361 23.90 7.76 10.86
N TYR D 362 23.25 8.44 9.91
CA TYR D 362 22.74 9.77 10.20
C TYR D 362 21.71 9.73 11.32
N PHE D 363 20.74 8.81 11.23
CA PHE D 363 19.72 8.72 12.26
C PHE D 363 20.32 8.42 13.62
N VAL D 364 21.27 7.49 13.68
CA VAL D 364 21.91 7.19 14.96
C VAL D 364 22.64 8.42 15.48
N VAL D 365 23.59 8.94 14.71
CA VAL D 365 24.44 10.02 15.18
C VAL D 365 23.64 11.26 15.53
N CYS D 366 22.43 11.43 14.99
CA CYS D 366 21.63 12.61 15.28
C CYS D 366 20.63 12.38 16.41
N MET D 367 19.86 11.30 16.35
CA MET D 367 18.89 11.01 17.40
C MET D 367 19.58 10.72 18.73
N ALA D 368 20.67 9.95 18.72
CA ALA D 368 21.40 9.69 19.96
C ALA D 368 21.99 10.96 20.54
N LEU D 369 22.56 11.82 19.71
CA LEU D 369 23.08 13.10 20.19
C LEU D 369 21.99 13.99 20.75
N LEU D 370 20.81 14.03 20.11
CA LEU D 370 19.69 14.77 20.65
C LEU D 370 19.23 14.19 21.98
N VAL D 371 19.22 12.87 22.12
CA VAL D 371 18.86 12.24 23.38
C VAL D 371 19.85 12.61 24.47
N ILE D 372 21.14 12.59 24.15
CA ILE D 372 22.16 12.97 25.12
C ILE D 372 21.98 14.41 25.57
N SER D 373 21.74 15.31 24.60
CA SER D 373 21.54 16.71 24.95
C SER D 373 20.30 16.90 25.80
N LEU D 374 19.21 16.19 25.47
CA LEU D 374 17.99 16.29 26.25
C LEU D 374 18.20 15.79 27.67
N ALA D 375 18.94 14.68 27.83
CA ALA D 375 19.21 14.16 29.16
C ALA D 375 20.04 15.15 29.97
N GLU D 376 21.06 15.75 29.35
CA GLU D 376 21.87 16.75 30.03
C GLU D 376 21.00 17.93 30.47
N THR D 377 20.14 18.40 29.58
CA THR D 377 19.28 19.53 29.92
C THR D 377 18.36 19.18 31.08
N ILE D 378 17.78 17.98 31.06
CA ILE D 378 16.89 17.56 32.14
C ILE D 378 17.64 17.50 33.45
N PHE D 379 18.86 16.96 33.44
CA PHE D 379 19.65 16.87 34.66
C PHE D 379 19.97 18.25 35.22
N ILE D 380 20.38 19.19 34.36
CA ILE D 380 20.72 20.52 34.83
C ILE D 380 19.48 21.24 35.35
N VAL D 381 18.32 21.02 34.69
CA VAL D 381 17.09 21.64 35.16
C VAL D 381 16.77 21.17 36.57
N ARG D 382 16.87 19.86 36.81
CA ARG D 382 16.61 19.34 38.15
C ARG D 382 17.58 19.92 39.17
N LEU D 383 18.87 19.98 38.82
CA LEU D 383 19.85 20.48 39.77
C LEU D 383 19.67 21.97 40.05
N VAL D 384 19.14 22.74 39.10
CA VAL D 384 18.83 24.14 39.37
C VAL D 384 17.55 24.29 40.19
N HIS D 385 16.57 23.40 39.98
CA HIS D 385 15.32 23.49 40.73
C HIS D 385 15.56 23.35 42.23
N LYS D 386 16.38 22.38 42.62
CA LYS D 386 16.62 22.10 44.03
C LYS D 386 17.67 23.09 44.56
N GLN D 387 17.19 24.28 44.92
CA GLN D 387 18.06 25.35 45.42
C GLN D 387 18.22 25.19 46.93
N ASP D 388 19.07 24.25 47.31
CA ASP D 388 19.41 24.00 48.70
C ASP D 388 20.75 23.29 48.75
N LEU D 389 21.08 22.72 49.90
CA LEU D 389 22.28 21.91 50.01
C LEU D 389 22.21 20.76 49.00
N GLN D 390 23.31 20.57 48.27
CA GLN D 390 23.34 19.60 47.18
C GLN D 390 24.67 18.87 47.21
N ARG D 391 24.69 17.69 46.59
CA ARG D 391 25.91 16.90 46.53
C ARG D 391 27.04 17.75 45.96
N PRO D 392 28.20 17.84 46.62
CA PRO D 392 29.29 18.65 46.09
C PRO D 392 29.72 18.19 44.71
N VAL D 393 30.12 19.16 43.88
CA VAL D 393 30.58 18.82 42.53
C VAL D 393 31.81 17.92 42.63
N PRO D 394 31.83 16.76 41.97
CA PRO D 394 33.00 15.88 42.10
C PRO D 394 34.27 16.55 41.61
N ASP D 395 35.38 16.24 42.29
CA ASP D 395 36.66 16.85 41.95
C ASP D 395 37.12 16.44 40.55
N TRP D 396 36.97 15.15 40.21
CA TRP D 396 37.35 14.71 38.88
C TRP D 396 36.51 15.40 37.81
N LEU D 397 35.22 15.57 38.06
CA LEU D 397 34.40 16.37 37.16
C LEU D 397 34.90 17.80 37.08
N ARG D 398 35.31 18.37 38.22
CA ARG D 398 35.82 19.73 38.24
C ARG D 398 37.01 19.87 37.31
N HIS D 399 38.01 18.99 37.45
CA HIS D 399 39.19 19.06 36.59
C HIS D 399 38.82 18.79 35.14
N LEU D 400 37.92 17.83 34.90
CA LEU D 400 37.51 17.51 33.54
C LEU D 400 36.92 18.72 32.84
N VAL D 401 35.99 19.41 33.50
CA VAL D 401 35.42 20.60 32.88
C VAL D 401 36.45 21.70 32.78
N LEU D 402 37.32 21.85 33.79
CA LEU D 402 38.31 22.91 33.78
C LEU D 402 39.24 22.80 32.58
N ASP D 403 39.62 21.58 32.20
CA ASP D 403 40.47 21.43 31.04
C ASP D 403 39.68 21.30 29.74
N ARG D 404 38.45 20.82 29.78
CA ARG D 404 37.65 20.70 28.56
C ARG D 404 37.26 22.07 28.03
N ILE D 405 36.96 23.02 28.92
CA ILE D 405 36.65 24.36 28.46
C ILE D 405 37.81 24.93 27.64
N ALA D 406 39.05 24.68 28.10
CA ALA D 406 40.21 25.09 27.32
C ALA D 406 40.30 24.30 26.02
N TRP D 407 40.04 22.99 26.07
CA TRP D 407 40.10 22.17 24.86
C TRP D 407 39.06 22.56 23.83
N ILE D 408 38.01 23.30 24.22
CA ILE D 408 37.02 23.78 23.27
C ILE D 408 37.24 25.23 22.87
N LEU D 409 37.94 26.01 23.68
CA LEU D 409 38.22 27.40 23.35
C LEU D 409 39.10 27.50 22.11
N ARG D 496 22.60 27.99 46.31
CA ARG D 496 22.89 29.23 45.60
C ARG D 496 24.38 29.35 45.31
N GLU D 497 25.20 29.09 46.33
CA GLU D 497 26.65 29.18 46.14
C GLU D 497 27.12 28.16 45.10
N VAL D 498 26.62 26.93 45.19
CA VAL D 498 26.99 25.90 44.22
C VAL D 498 26.09 25.91 42.99
N ALA D 499 25.01 26.69 43.00
CA ALA D 499 24.14 26.77 41.84
C ALA D 499 24.89 27.34 40.64
N ARG D 500 25.69 28.39 40.86
CA ARG D 500 26.45 28.97 39.76
C ARG D 500 27.49 27.99 39.23
N ASP D 501 28.12 27.22 40.11
CA ASP D 501 29.07 26.21 39.66
C ASP D 501 28.38 25.15 38.81
N TRP D 502 27.21 24.69 39.25
CA TRP D 502 26.45 23.71 38.48
C TRP D 502 26.05 24.29 37.13
N LEU D 503 25.63 25.56 37.10
CA LEU D 503 25.28 26.19 35.84
C LEU D 503 26.49 26.28 34.91
N ARG D 504 27.66 26.58 35.48
CA ARG D 504 28.88 26.67 34.65
C ARG D 504 29.23 25.33 34.04
N VAL D 505 29.19 24.26 34.85
CA VAL D 505 29.48 22.93 34.29
C VAL D 505 28.46 22.56 33.23
N GLY D 506 27.18 22.88 33.48
CA GLY D 506 26.16 22.63 32.48
C GLY D 506 26.43 23.37 31.19
N TYR D 507 26.83 24.64 31.29
CA TYR D 507 27.09 25.43 30.10
C TYR D 507 28.27 24.88 29.31
N VAL D 508 29.34 24.50 30.00
CA VAL D 508 30.50 23.99 29.28
C VAL D 508 30.17 22.66 28.62
N LEU D 509 29.41 21.79 29.30
CA LEU D 509 29.00 20.55 28.67
C LEU D 509 28.08 20.82 27.48
N ASP D 510 27.23 21.84 27.58
CA ASP D 510 26.37 22.21 26.46
C ASP D 510 27.20 22.65 25.26
N ARG D 511 28.23 23.46 25.51
CA ARG D 511 29.08 23.91 24.41
C ARG D 511 29.84 22.74 23.79
N LEU D 512 30.27 21.79 24.62
CA LEU D 512 30.90 20.58 24.07
C LEU D 512 29.94 19.82 23.17
N LEU D 513 28.68 19.68 23.61
CA LEU D 513 27.70 19.00 22.77
C LEU D 513 27.46 19.77 21.48
N PHE D 514 27.43 21.10 21.56
CA PHE D 514 27.24 21.92 20.36
C PHE D 514 28.39 21.70 19.38
N ARG D 515 29.62 21.67 19.88
CA ARG D 515 30.76 21.44 19.00
C ARG D 515 30.68 20.05 18.38
N ILE D 516 30.29 19.04 19.17
CA ILE D 516 30.16 17.69 18.62
C ILE D 516 29.11 17.65 17.53
N TYR D 517 27.98 18.34 17.74
CA TYR D 517 26.92 18.29 16.75
C TYR D 517 27.31 19.05 15.48
N LEU D 518 28.03 20.17 15.62
CA LEU D 518 28.55 20.85 14.45
C LEU D 518 29.51 19.96 13.68
N LEU D 519 30.36 19.23 14.40
CA LEU D 519 31.25 18.27 13.75
C LEU D 519 30.46 17.21 13.00
N ALA D 520 29.37 16.72 13.60
CA ALA D 520 28.54 15.72 12.95
C ALA D 520 27.90 16.27 11.68
N VAL D 521 27.42 17.52 11.73
CA VAL D 521 26.83 18.14 10.55
C VAL D 521 27.87 18.29 9.46
N LEU D 522 29.09 18.70 9.84
CA LEU D 522 30.16 18.82 8.85
C LEU D 522 30.47 17.47 8.22
N ALA D 523 30.53 16.41 9.02
CA ALA D 523 30.78 15.08 8.48
C ALA D 523 29.68 14.66 7.53
N TYR D 524 28.42 14.93 7.89
CA TYR D 524 27.30 14.60 7.02
C TYR D 524 27.41 15.34 5.69
N SER D 525 27.72 16.63 5.74
CA SER D 525 27.84 17.41 4.52
C SER D 525 28.96 16.89 3.62
N ILE D 526 30.11 16.58 4.23
CA ILE D 526 31.22 16.05 3.45
C ILE D 526 30.85 14.71 2.83
N THR D 527 30.18 13.84 3.58
CA THR D 527 29.77 12.55 3.05
C THR D 527 28.82 12.74 1.87
N LEU D 528 27.84 13.64 2.01
CA LEU D 528 26.91 13.88 0.92
C LEU D 528 27.64 14.38 -0.32
N VAL D 529 28.56 15.33 -0.14
CA VAL D 529 29.27 15.89 -1.28
C VAL D 529 30.10 14.81 -1.98
N THR D 530 30.82 14.00 -1.19
CA THR D 530 31.65 12.97 -1.78
C THR D 530 30.80 11.95 -2.53
N LEU D 531 29.68 11.53 -1.93
CA LEU D 531 28.84 10.54 -2.59
C LEU D 531 28.23 11.10 -3.87
N TRP D 532 27.80 12.37 -3.85
CA TRP D 532 27.25 12.97 -5.05
C TRP D 532 28.31 13.07 -6.14
N SER D 533 29.54 13.43 -5.76
CA SER D 533 30.63 13.48 -6.74
C SER D 533 30.88 12.11 -7.35
N ILE D 534 30.91 11.07 -6.51
CA ILE D 534 31.12 9.71 -7.02
C ILE D 534 30.01 9.34 -7.99
N TRP D 535 28.76 9.63 -7.61
CA TRP D 535 27.63 9.29 -8.47
C TRP D 535 27.71 10.04 -9.80
N HIS D 536 28.08 11.32 -9.76
CA HIS D 536 28.18 12.10 -10.98
C HIS D 536 29.40 11.73 -11.82
N SER D 537 30.37 11.03 -11.22
CA SER D 537 31.57 10.60 -11.94
C SER D 537 31.46 9.17 -12.46
N SER D 538 30.31 8.53 -12.28
CA SER D 538 30.11 7.17 -12.76
C SER D 538 29.42 7.16 -14.11
#